data_5CBT
# 
_entry.id   5CBT 
# 
_audit_conform.dict_name       mmcif_pdbx.dic 
_audit_conform.dict_version    5.383 
_audit_conform.dict_location   http://mmcif.pdb.org/dictionaries/ascii/mmcif_pdbx.dic 
# 
loop_
_database_2.database_id 
_database_2.database_code 
_database_2.pdbx_database_accession 
_database_2.pdbx_DOI 
PDB   5CBT         pdb_00005cbt 10.2210/pdb5cbt/pdb 
WWPDB D_1000210113 ?            ?                   
# 
loop_
_pdbx_audit_revision_history.ordinal 
_pdbx_audit_revision_history.data_content_type 
_pdbx_audit_revision_history.major_revision 
_pdbx_audit_revision_history.minor_revision 
_pdbx_audit_revision_history.revision_date 
1 'Structure model' 1 0 2016-07-20 
2 'Structure model' 1 1 2024-01-10 
# 
_pdbx_audit_revision_details.ordinal             1 
_pdbx_audit_revision_details.revision_ordinal    1 
_pdbx_audit_revision_details.data_content_type   'Structure model' 
_pdbx_audit_revision_details.provider            repository 
_pdbx_audit_revision_details.type                'Initial release' 
_pdbx_audit_revision_details.description         ? 
_pdbx_audit_revision_details.details             ? 
# 
loop_
_pdbx_audit_revision_group.ordinal 
_pdbx_audit_revision_group.revision_ordinal 
_pdbx_audit_revision_group.data_content_type 
_pdbx_audit_revision_group.group 
1 2 'Structure model' 'Data collection'        
2 2 'Structure model' 'Database references'    
3 2 'Structure model' 'Derived calculations'   
4 2 'Structure model' 'Refinement description' 
# 
loop_
_pdbx_audit_revision_category.ordinal 
_pdbx_audit_revision_category.revision_ordinal 
_pdbx_audit_revision_category.data_content_type 
_pdbx_audit_revision_category.category 
1 2 'Structure model' chem_comp_atom                
2 2 'Structure model' chem_comp_bond                
3 2 'Structure model' database_2                    
4 2 'Structure model' pdbx_initial_refinement_model 
5 2 'Structure model' pdbx_struct_conn_angle        
6 2 'Structure model' struct_conn                   
# 
loop_
_pdbx_audit_revision_item.ordinal 
_pdbx_audit_revision_item.revision_ordinal 
_pdbx_audit_revision_item.data_content_type 
_pdbx_audit_revision_item.item 
1  2 'Structure model' '_database_2.pdbx_DOI'                        
2  2 'Structure model' '_database_2.pdbx_database_accession'         
3  2 'Structure model' '_pdbx_struct_conn_angle.ptnr1_auth_comp_id'  
4  2 'Structure model' '_pdbx_struct_conn_angle.ptnr1_auth_seq_id'   
5  2 'Structure model' '_pdbx_struct_conn_angle.ptnr1_label_asym_id' 
6  2 'Structure model' '_pdbx_struct_conn_angle.ptnr1_label_atom_id' 
7  2 'Structure model' '_pdbx_struct_conn_angle.ptnr1_label_comp_id' 
8  2 'Structure model' '_pdbx_struct_conn_angle.ptnr1_symmetry'      
9  2 'Structure model' '_pdbx_struct_conn_angle.ptnr3_auth_comp_id'  
10 2 'Structure model' '_pdbx_struct_conn_angle.ptnr3_auth_seq_id'   
11 2 'Structure model' '_pdbx_struct_conn_angle.ptnr3_label_asym_id' 
12 2 'Structure model' '_pdbx_struct_conn_angle.ptnr3_label_atom_id' 
13 2 'Structure model' '_pdbx_struct_conn_angle.ptnr3_label_comp_id' 
14 2 'Structure model' '_pdbx_struct_conn_angle.ptnr3_symmetry'      
15 2 'Structure model' '_pdbx_struct_conn_angle.value'               
16 2 'Structure model' '_struct_conn.pdbx_dist_value'                
17 2 'Structure model' '_struct_conn.ptnr1_auth_seq_id'              
18 2 'Structure model' '_struct_conn.ptnr1_label_asym_id'            
19 2 'Structure model' '_struct_conn.ptnr2_auth_comp_id'             
20 2 'Structure model' '_struct_conn.ptnr2_auth_seq_id'              
21 2 'Structure model' '_struct_conn.ptnr2_label_asym_id'            
22 2 'Structure model' '_struct_conn.ptnr2_label_atom_id'            
23 2 'Structure model' '_struct_conn.ptnr2_label_comp_id'            
24 2 'Structure model' '_struct_conn.ptnr2_symmetry'                 
# 
_pdbx_database_status.status_code                     REL 
_pdbx_database_status.status_code_sf                  REL 
_pdbx_database_status.status_code_mr                  ? 
_pdbx_database_status.entry_id                        5CBT 
_pdbx_database_status.recvd_initial_deposition_date   2015-07-01 
_pdbx_database_status.SG_entry                        N 
_pdbx_database_status.deposit_site                    RCSB 
_pdbx_database_status.process_site                    PDBE 
_pdbx_database_status.status_code_cs                  ? 
_pdbx_database_status.methods_development_category    ? 
_pdbx_database_status.pdb_format_compatible           Y 
_pdbx_database_status.status_code_nmr_data            ? 
# 
loop_
_audit_author.name 
_audit_author.pdbx_ordinal 
'Gibson, R.P.'    1  
'Shore, E.'       2  
'Kershaw, N.'     3  
'Awais, M.'       4  
'Javed, A.'       5  
'Latawiec, D.'    6  
'Pandalaneni, S.' 7  
'Wen, L.'         8  
'Berry, N.'       9  
;O'Neill, P.
;
10 
'Sutton, R.'      11 
'Lian, L.Y.'      12 
# 
_citation.abstract                  ? 
_citation.abstract_id_CAS           ? 
_citation.book_id_ISBN              ? 
_citation.book_publisher            ? 
_citation.book_publisher_city       ? 
_citation.book_title                ? 
_citation.coordinate_linkage        ? 
_citation.country                   ? 
_citation.database_id_Medline       ? 
_citation.details                   ? 
_citation.id                        primary 
_citation.journal_abbrev            'To Be Published' 
_citation.journal_id_ASTM           ? 
_citation.journal_id_CSD            0353 
_citation.journal_id_ISSN           ? 
_citation.journal_full              ? 
_citation.journal_issue             ? 
_citation.journal_volume            ? 
_citation.language                  ? 
_citation.page_first                ? 
_citation.page_last                 ? 
_citation.title                     'Human Cyclophilin D Complexed with Inhibitor' 
_citation.year                      ? 
_citation.database_id_CSD           ? 
_citation.pdbx_database_id_DOI      ? 
_citation.pdbx_database_id_PubMed   ? 
_citation.unpublished_flag          ? 
# 
loop_
_citation_author.citation_id 
_citation_author.name 
_citation_author.ordinal 
_citation_author.identifier_ORCID 
primary 'Gibson, R.P.'    1  ? 
primary 'Shore, E.'       2  ? 
primary 'Kershaw, N.'     3  ? 
primary 'Awais, M.'       4  ? 
primary 'Javed, A.'       5  ? 
primary 'Latawiec, D.'    6  ? 
primary 'Pandalaneni, S.' 7  ? 
primary 'Wen, L.'         8  ? 
primary 'Berry, N.'       9  ? 
primary 
;O'Neill, P.
;
10 ? 
primary 'Sutton, R.'      11 ? 
primary 'Lian, L.Y.'      12 ? 
# 
loop_
_entity.id 
_entity.type 
_entity.src_method 
_entity.pdbx_description 
_entity.formula_weight 
_entity.pdbx_number_of_molecules 
_entity.pdbx_ec 
_entity.pdbx_mutation 
_entity.pdbx_fragment 
_entity.details 
1 polymer     man 'Peptidyl-prolyl cis-trans isomerase F, mitochondrial' 17783.322 1   5.2.1.8 ? 'UNP residues 44-207' ? 
2 non-polymer syn 'ethyl N-(benzylcarbamoyl)glycinate'                   236.267   1   ?       ? ?                     ? 
3 non-polymer syn 'POTASSIUM ION'                                        39.098    2   ?       ? ?                     ? 
4 non-polymer syn 'FORMIC ACID'                                          46.025    1   ?       ? ?                     ? 
5 non-polymer syn 'TETRAETHYLENE GLYCOL'                                 194.226   1   ?       ? ?                     ? 
6 non-polymer syn 1,2-ETHANEDIOL                                         62.068    1   ?       ? ?                     ? 
7 non-polymer syn 'TRIETHYLENE GLYCOL'                                   150.173   1   ?       ? ?                     ? 
8 water       nat water                                                  18.015    123 ?       ? ?                     ? 
# 
_entity_name_com.entity_id   1 
_entity_name_com.name        'PPIase F,Cyclophilin D,CypD,Cyclophilin F,Mitochondrial cyclophilin,CyP-M,Rotamase F' 
# 
_entity_poly.entity_id                      1 
_entity_poly.type                           'polypeptide(L)' 
_entity_poly.nstd_linkage                   no 
_entity_poly.nstd_monomer                   no 
_entity_poly.pdbx_seq_one_letter_code       
;MGNPLVYLDVDANGKPLGRVVLELKADVVPKTAENFRALCTGEKGFGYKGSTFHRVIPSFMCQAGDFTNHNGTGGKSIYG
SRFPDENFTLKHVGPGVLSMANAGPNTNGSQFFICTIKTDWLDGKHVVFGHVIEGMDVVKKIESFGSKSGRTSKKIVITD
CGQLS
;
_entity_poly.pdbx_seq_one_letter_code_can   
;MGNPLVYLDVDANGKPLGRVVLELKADVVPKTAENFRALCTGEKGFGYKGSTFHRVIPSFMCQAGDFTNHNGTGGKSIYG
SRFPDENFTLKHVGPGVLSMANAGPNTNGSQFFICTIKTDWLDGKHVVFGHVIEGMDVVKKIESFGSKSGRTSKKIVITD
CGQLS
;
_entity_poly.pdbx_strand_id                 A 
_entity_poly.pdbx_target_identifier         ? 
# 
loop_
_pdbx_entity_nonpoly.entity_id 
_pdbx_entity_nonpoly.name 
_pdbx_entity_nonpoly.comp_id 
2 'ethyl N-(benzylcarbamoyl)glycinate' 4ZL 
3 'POTASSIUM ION'                      K   
4 'FORMIC ACID'                        FMT 
5 'TETRAETHYLENE GLYCOL'               PG4 
6 1,2-ETHANEDIOL                       EDO 
7 'TRIETHYLENE GLYCOL'                 PGE 
8 water                                HOH 
# 
loop_
_entity_poly_seq.entity_id 
_entity_poly_seq.num 
_entity_poly_seq.mon_id 
_entity_poly_seq.hetero 
1 1   MET n 
1 2   GLY n 
1 3   ASN n 
1 4   PRO n 
1 5   LEU n 
1 6   VAL n 
1 7   TYR n 
1 8   LEU n 
1 9   ASP n 
1 10  VAL n 
1 11  ASP n 
1 12  ALA n 
1 13  ASN n 
1 14  GLY n 
1 15  LYS n 
1 16  PRO n 
1 17  LEU n 
1 18  GLY n 
1 19  ARG n 
1 20  VAL n 
1 21  VAL n 
1 22  LEU n 
1 23  GLU n 
1 24  LEU n 
1 25  LYS n 
1 26  ALA n 
1 27  ASP n 
1 28  VAL n 
1 29  VAL n 
1 30  PRO n 
1 31  LYS n 
1 32  THR n 
1 33  ALA n 
1 34  GLU n 
1 35  ASN n 
1 36  PHE n 
1 37  ARG n 
1 38  ALA n 
1 39  LEU n 
1 40  CYS n 
1 41  THR n 
1 42  GLY n 
1 43  GLU n 
1 44  LYS n 
1 45  GLY n 
1 46  PHE n 
1 47  GLY n 
1 48  TYR n 
1 49  LYS n 
1 50  GLY n 
1 51  SER n 
1 52  THR n 
1 53  PHE n 
1 54  HIS n 
1 55  ARG n 
1 56  VAL n 
1 57  ILE n 
1 58  PRO n 
1 59  SER n 
1 60  PHE n 
1 61  MET n 
1 62  CYS n 
1 63  GLN n 
1 64  ALA n 
1 65  GLY n 
1 66  ASP n 
1 67  PHE n 
1 68  THR n 
1 69  ASN n 
1 70  HIS n 
1 71  ASN n 
1 72  GLY n 
1 73  THR n 
1 74  GLY n 
1 75  GLY n 
1 76  LYS n 
1 77  SER n 
1 78  ILE n 
1 79  TYR n 
1 80  GLY n 
1 81  SER n 
1 82  ARG n 
1 83  PHE n 
1 84  PRO n 
1 85  ASP n 
1 86  GLU n 
1 87  ASN n 
1 88  PHE n 
1 89  THR n 
1 90  LEU n 
1 91  LYS n 
1 92  HIS n 
1 93  VAL n 
1 94  GLY n 
1 95  PRO n 
1 96  GLY n 
1 97  VAL n 
1 98  LEU n 
1 99  SER n 
1 100 MET n 
1 101 ALA n 
1 102 ASN n 
1 103 ALA n 
1 104 GLY n 
1 105 PRO n 
1 106 ASN n 
1 107 THR n 
1 108 ASN n 
1 109 GLY n 
1 110 SER n 
1 111 GLN n 
1 112 PHE n 
1 113 PHE n 
1 114 ILE n 
1 115 CYS n 
1 116 THR n 
1 117 ILE n 
1 118 LYS n 
1 119 THR n 
1 120 ASP n 
1 121 TRP n 
1 122 LEU n 
1 123 ASP n 
1 124 GLY n 
1 125 LYS n 
1 126 HIS n 
1 127 VAL n 
1 128 VAL n 
1 129 PHE n 
1 130 GLY n 
1 131 HIS n 
1 132 VAL n 
1 133 ILE n 
1 134 GLU n 
1 135 GLY n 
1 136 MET n 
1 137 ASP n 
1 138 VAL n 
1 139 VAL n 
1 140 LYS n 
1 141 LYS n 
1 142 ILE n 
1 143 GLU n 
1 144 SER n 
1 145 PHE n 
1 146 GLY n 
1 147 SER n 
1 148 LYS n 
1 149 SER n 
1 150 GLY n 
1 151 ARG n 
1 152 THR n 
1 153 SER n 
1 154 LYS n 
1 155 LYS n 
1 156 ILE n 
1 157 VAL n 
1 158 ILE n 
1 159 THR n 
1 160 ASP n 
1 161 CYS n 
1 162 GLY n 
1 163 GLN n 
1 164 LEU n 
1 165 SER n 
# 
_entity_src_gen.entity_id                          1 
_entity_src_gen.pdbx_src_id                        1 
_entity_src_gen.pdbx_alt_source_flag               sample 
_entity_src_gen.pdbx_seq_type                      'Biological sequence' 
_entity_src_gen.pdbx_beg_seq_num                   1 
_entity_src_gen.pdbx_end_seq_num                   165 
_entity_src_gen.gene_src_common_name               Human 
_entity_src_gen.gene_src_genus                     ? 
_entity_src_gen.pdbx_gene_src_gene                 'PPIF, CYP3' 
_entity_src_gen.gene_src_species                   ? 
_entity_src_gen.gene_src_strain                    ? 
_entity_src_gen.gene_src_tissue                    ? 
_entity_src_gen.gene_src_tissue_fraction           ? 
_entity_src_gen.gene_src_details                   ? 
_entity_src_gen.pdbx_gene_src_fragment             ? 
_entity_src_gen.pdbx_gene_src_scientific_name      'Homo sapiens' 
_entity_src_gen.pdbx_gene_src_ncbi_taxonomy_id     9606 
_entity_src_gen.pdbx_gene_src_variant              ? 
_entity_src_gen.pdbx_gene_src_cell_line            ? 
_entity_src_gen.pdbx_gene_src_atcc                 ? 
_entity_src_gen.pdbx_gene_src_organ                ? 
_entity_src_gen.pdbx_gene_src_organelle            ? 
_entity_src_gen.pdbx_gene_src_cell                 ? 
_entity_src_gen.pdbx_gene_src_cellular_location    ? 
_entity_src_gen.host_org_common_name               ? 
_entity_src_gen.pdbx_host_org_scientific_name      'Escherichia coli BL21(DE3)' 
_entity_src_gen.pdbx_host_org_ncbi_taxonomy_id     469008 
_entity_src_gen.host_org_genus                     ? 
_entity_src_gen.pdbx_host_org_gene                 ? 
_entity_src_gen.pdbx_host_org_organ                ? 
_entity_src_gen.host_org_species                   ? 
_entity_src_gen.pdbx_host_org_tissue               ? 
_entity_src_gen.pdbx_host_org_tissue_fraction      ? 
_entity_src_gen.pdbx_host_org_strain               ? 
_entity_src_gen.pdbx_host_org_variant              ? 
_entity_src_gen.pdbx_host_org_cell_line            ? 
_entity_src_gen.pdbx_host_org_atcc                 ? 
_entity_src_gen.pdbx_host_org_culture_collection   ? 
_entity_src_gen.pdbx_host_org_cell                 ? 
_entity_src_gen.pdbx_host_org_organelle            ? 
_entity_src_gen.pdbx_host_org_cellular_location    ? 
_entity_src_gen.pdbx_host_org_vector_type          plasmid 
_entity_src_gen.pdbx_host_org_vector               ? 
_entity_src_gen.host_org_details                   ? 
_entity_src_gen.expression_system_id               ? 
_entity_src_gen.plasmid_name                       pET28b 
_entity_src_gen.plasmid_details                    ? 
_entity_src_gen.pdbx_description                   ? 
# 
loop_
_chem_comp.id 
_chem_comp.type 
_chem_comp.mon_nstd_flag 
_chem_comp.name 
_chem_comp.pdbx_synonyms 
_chem_comp.formula 
_chem_comp.formula_weight 
4ZL non-polymer         . 'ethyl N-(benzylcarbamoyl)glycinate' ?                 'C12 H16 N2 O3'  236.267 
ALA 'L-peptide linking' y ALANINE                              ?                 'C3 H7 N O2'     89.093  
ARG 'L-peptide linking' y ARGININE                             ?                 'C6 H15 N4 O2 1' 175.209 
ASN 'L-peptide linking' y ASPARAGINE                           ?                 'C4 H8 N2 O3'    132.118 
ASP 'L-peptide linking' y 'ASPARTIC ACID'                      ?                 'C4 H7 N O4'     133.103 
CYS 'L-peptide linking' y CYSTEINE                             ?                 'C3 H7 N O2 S'   121.158 
EDO non-polymer         . 1,2-ETHANEDIOL                       'ETHYLENE GLYCOL' 'C2 H6 O2'       62.068  
FMT non-polymer         . 'FORMIC ACID'                        ?                 'C H2 O2'        46.025  
GLN 'L-peptide linking' y GLUTAMINE                            ?                 'C5 H10 N2 O3'   146.144 
GLU 'L-peptide linking' y 'GLUTAMIC ACID'                      ?                 'C5 H9 N O4'     147.129 
GLY 'peptide linking'   y GLYCINE                              ?                 'C2 H5 N O2'     75.067  
HIS 'L-peptide linking' y HISTIDINE                            ?                 'C6 H10 N3 O2 1' 156.162 
HOH non-polymer         . WATER                                ?                 'H2 O'           18.015  
ILE 'L-peptide linking' y ISOLEUCINE                           ?                 'C6 H13 N O2'    131.173 
K   non-polymer         . 'POTASSIUM ION'                      ?                 'K 1'            39.098  
LEU 'L-peptide linking' y LEUCINE                              ?                 'C6 H13 N O2'    131.173 
LYS 'L-peptide linking' y LYSINE                               ?                 'C6 H15 N2 O2 1' 147.195 
MET 'L-peptide linking' y METHIONINE                           ?                 'C5 H11 N O2 S'  149.211 
PG4 non-polymer         . 'TETRAETHYLENE GLYCOL'               ?                 'C8 H18 O5'      194.226 
PGE non-polymer         . 'TRIETHYLENE GLYCOL'                 ?                 'C6 H14 O4'      150.173 
PHE 'L-peptide linking' y PHENYLALANINE                        ?                 'C9 H11 N O2'    165.189 
PRO 'L-peptide linking' y PROLINE                              ?                 'C5 H9 N O2'     115.130 
SER 'L-peptide linking' y SERINE                               ?                 'C3 H7 N O3'     105.093 
THR 'L-peptide linking' y THREONINE                            ?                 'C4 H9 N O3'     119.119 
TRP 'L-peptide linking' y TRYPTOPHAN                           ?                 'C11 H12 N2 O2'  204.225 
TYR 'L-peptide linking' y TYROSINE                             ?                 'C9 H11 N O3'    181.189 
VAL 'L-peptide linking' y VALINE                               ?                 'C5 H11 N O2'    117.146 
# 
loop_
_pdbx_poly_seq_scheme.asym_id 
_pdbx_poly_seq_scheme.entity_id 
_pdbx_poly_seq_scheme.seq_id 
_pdbx_poly_seq_scheme.mon_id 
_pdbx_poly_seq_scheme.ndb_seq_num 
_pdbx_poly_seq_scheme.pdb_seq_num 
_pdbx_poly_seq_scheme.auth_seq_num 
_pdbx_poly_seq_scheme.pdb_mon_id 
_pdbx_poly_seq_scheme.auth_mon_id 
_pdbx_poly_seq_scheme.pdb_strand_id 
_pdbx_poly_seq_scheme.pdb_ins_code 
_pdbx_poly_seq_scheme.hetero 
A 1 1   MET 1   1   ?   ?   ?   A . n 
A 1 2   GLY 2   2   2   GLY GLY A . n 
A 1 3   ASN 3   3   3   ASN ASN A . n 
A 1 4   PRO 4   4   4   PRO PRO A . n 
A 1 5   LEU 5   5   5   LEU LEU A . n 
A 1 6   VAL 6   6   6   VAL VAL A . n 
A 1 7   TYR 7   7   7   TYR TYR A . n 
A 1 8   LEU 8   8   8   LEU LEU A . n 
A 1 9   ASP 9   9   9   ASP ASP A . n 
A 1 10  VAL 10  10  10  VAL VAL A . n 
A 1 11  ASP 11  11  11  ASP ASP A . n 
A 1 12  ALA 12  12  12  ALA ALA A . n 
A 1 13  ASN 13  13  13  ASN ASN A . n 
A 1 14  GLY 14  14  14  GLY GLY A . n 
A 1 15  LYS 15  15  15  LYS LYS A . n 
A 1 16  PRO 16  16  16  PRO PRO A . n 
A 1 17  LEU 17  17  17  LEU LEU A . n 
A 1 18  GLY 18  18  18  GLY GLY A . n 
A 1 19  ARG 19  19  19  ARG ARG A . n 
A 1 20  VAL 20  20  20  VAL VAL A . n 
A 1 21  VAL 21  21  21  VAL VAL A . n 
A 1 22  LEU 22  22  22  LEU LEU A . n 
A 1 23  GLU 23  23  23  GLU GLU A . n 
A 1 24  LEU 24  24  24  LEU LEU A . n 
A 1 25  LYS 25  25  25  LYS LYS A . n 
A 1 26  ALA 26  26  26  ALA ALA A . n 
A 1 27  ASP 27  27  27  ASP ASP A . n 
A 1 28  VAL 28  28  28  VAL VAL A . n 
A 1 29  VAL 29  29  29  VAL VAL A . n 
A 1 30  PRO 30  30  30  PRO PRO A . n 
A 1 31  LYS 31  31  31  LYS LYS A . n 
A 1 32  THR 32  32  32  THR THR A . n 
A 1 33  ALA 33  33  33  ALA ALA A . n 
A 1 34  GLU 34  34  34  GLU GLU A . n 
A 1 35  ASN 35  35  35  ASN ASN A . n 
A 1 36  PHE 36  36  36  PHE PHE A . n 
A 1 37  ARG 37  37  37  ARG ARG A . n 
A 1 38  ALA 38  38  38  ALA ALA A . n 
A 1 39  LEU 39  39  39  LEU LEU A . n 
A 1 40  CYS 40  40  40  CYS CYS A . n 
A 1 41  THR 41  41  41  THR THR A . n 
A 1 42  GLY 42  42  42  GLY GLY A . n 
A 1 43  GLU 43  43  43  GLU GLU A . n 
A 1 44  LYS 44  44  44  LYS LYS A . n 
A 1 45  GLY 45  45  45  GLY GLY A . n 
A 1 46  PHE 46  46  46  PHE PHE A . n 
A 1 47  GLY 47  47  47  GLY GLY A . n 
A 1 48  TYR 48  48  48  TYR TYR A . n 
A 1 49  LYS 49  49  49  LYS LYS A . n 
A 1 50  GLY 50  50  50  GLY GLY A . n 
A 1 51  SER 51  51  51  SER SER A . n 
A 1 52  THR 52  52  52  THR THR A . n 
A 1 53  PHE 53  53  53  PHE PHE A . n 
A 1 54  HIS 54  54  54  HIS HIS A . n 
A 1 55  ARG 55  55  55  ARG ARG A . n 
A 1 56  VAL 56  56  56  VAL VAL A . n 
A 1 57  ILE 57  57  57  ILE ILE A . n 
A 1 58  PRO 58  58  58  PRO PRO A . n 
A 1 59  SER 59  59  59  SER SER A . n 
A 1 60  PHE 60  60  60  PHE PHE A . n 
A 1 61  MET 61  61  61  MET MET A . n 
A 1 62  CYS 62  62  62  CYS CYS A . n 
A 1 63  GLN 63  63  63  GLN GLN A . n 
A 1 64  ALA 64  64  64  ALA ALA A . n 
A 1 65  GLY 65  65  65  GLY GLY A . n 
A 1 66  ASP 66  66  66  ASP ASP A . n 
A 1 67  PHE 67  67  67  PHE PHE A . n 
A 1 68  THR 68  68  68  THR THR A . n 
A 1 69  ASN 69  69  69  ASN ASN A . n 
A 1 70  HIS 70  70  70  HIS HIS A . n 
A 1 71  ASN 71  71  71  ASN ASN A . n 
A 1 72  GLY 72  72  72  GLY GLY A . n 
A 1 73  THR 73  73  73  THR THR A . n 
A 1 74  GLY 74  74  74  GLY GLY A . n 
A 1 75  GLY 75  75  75  GLY GLY A . n 
A 1 76  LYS 76  76  76  LYS LYS A . n 
A 1 77  SER 77  77  77  SER SER A . n 
A 1 78  ILE 78  78  78  ILE ILE A . n 
A 1 79  TYR 79  79  79  TYR TYR A . n 
A 1 80  GLY 80  80  80  GLY GLY A . n 
A 1 81  SER 81  81  81  SER SER A . n 
A 1 82  ARG 82  82  82  ARG ARG A . n 
A 1 83  PHE 83  83  83  PHE PHE A . n 
A 1 84  PRO 84  84  84  PRO PRO A . n 
A 1 85  ASP 85  85  85  ASP ASP A . n 
A 1 86  GLU 86  86  86  GLU GLU A . n 
A 1 87  ASN 87  87  87  ASN ASN A . n 
A 1 88  PHE 88  88  88  PHE PHE A . n 
A 1 89  THR 89  89  89  THR THR A . n 
A 1 90  LEU 90  90  90  LEU LEU A . n 
A 1 91  LYS 91  91  91  LYS LYS A . n 
A 1 92  HIS 92  92  92  HIS HIS A . n 
A 1 93  VAL 93  93  93  VAL VAL A . n 
A 1 94  GLY 94  94  94  GLY GLY A . n 
A 1 95  PRO 95  95  95  PRO PRO A . n 
A 1 96  GLY 96  96  96  GLY GLY A . n 
A 1 97  VAL 97  97  97  VAL VAL A . n 
A 1 98  LEU 98  98  98  LEU LEU A . n 
A 1 99  SER 99  99  99  SER SER A . n 
A 1 100 MET 100 100 100 MET MET A . n 
A 1 101 ALA 101 101 101 ALA ALA A . n 
A 1 102 ASN 102 102 102 ASN ASN A . n 
A 1 103 ALA 103 103 103 ALA ALA A . n 
A 1 104 GLY 104 104 104 GLY GLY A . n 
A 1 105 PRO 105 105 105 PRO PRO A . n 
A 1 106 ASN 106 106 106 ASN ASN A . n 
A 1 107 THR 107 107 107 THR THR A . n 
A 1 108 ASN 108 108 108 ASN ASN A . n 
A 1 109 GLY 109 109 109 GLY GLY A . n 
A 1 110 SER 110 110 110 SER SER A . n 
A 1 111 GLN 111 111 111 GLN GLN A . n 
A 1 112 PHE 112 112 112 PHE PHE A . n 
A 1 113 PHE 113 113 113 PHE PHE A . n 
A 1 114 ILE 114 114 114 ILE ILE A . n 
A 1 115 CYS 115 115 115 CYS CYS A . n 
A 1 116 THR 116 116 116 THR THR A . n 
A 1 117 ILE 117 117 117 ILE ILE A . n 
A 1 118 LYS 118 118 118 LYS LYS A . n 
A 1 119 THR 119 119 119 THR THR A . n 
A 1 120 ASP 120 120 120 ASP ASP A . n 
A 1 121 TRP 121 121 121 TRP TRP A . n 
A 1 122 LEU 122 122 122 LEU LEU A . n 
A 1 123 ASP 123 123 123 ASP ASP A . n 
A 1 124 GLY 124 124 124 GLY GLY A . n 
A 1 125 LYS 125 125 125 LYS LYS A . n 
A 1 126 HIS 126 126 126 HIS HIS A . n 
A 1 127 VAL 127 127 127 VAL VAL A . n 
A 1 128 VAL 128 128 128 VAL VAL A . n 
A 1 129 PHE 129 129 129 PHE PHE A . n 
A 1 130 GLY 130 130 130 GLY GLY A . n 
A 1 131 HIS 131 131 131 HIS HIS A . n 
A 1 132 VAL 132 132 132 VAL VAL A . n 
A 1 133 ILE 133 133 133 ILE ILE A . n 
A 1 134 GLU 134 134 134 GLU GLU A . n 
A 1 135 GLY 135 135 135 GLY GLY A . n 
A 1 136 MET 136 136 136 MET MET A . n 
A 1 137 ASP 137 137 137 ASP ASP A . n 
A 1 138 VAL 138 138 138 VAL VAL A . n 
A 1 139 VAL 139 139 139 VAL VAL A . n 
A 1 140 LYS 140 140 140 LYS LYS A . n 
A 1 141 LYS 141 141 141 LYS LYS A . n 
A 1 142 ILE 142 142 142 ILE ILE A . n 
A 1 143 GLU 143 143 143 GLU GLU A . n 
A 1 144 SER 144 144 144 SER SER A . n 
A 1 145 PHE 145 145 145 PHE PHE A . n 
A 1 146 GLY 146 146 146 GLY GLY A . n 
A 1 147 SER 147 147 147 SER SER A . n 
A 1 148 LYS 148 148 148 LYS LYS A . n 
A 1 149 SER 149 149 149 SER SER A . n 
A 1 150 GLY 150 150 150 GLY GLY A . n 
A 1 151 ARG 151 151 151 ARG ARG A . n 
A 1 152 THR 152 152 152 THR THR A . n 
A 1 153 SER 153 153 153 SER SER A . n 
A 1 154 LYS 154 154 154 LYS LYS A . n 
A 1 155 LYS 155 155 155 LYS LYS A . n 
A 1 156 ILE 156 156 156 ILE ILE A . n 
A 1 157 VAL 157 157 157 VAL VAL A . n 
A 1 158 ILE 158 158 158 ILE ILE A . n 
A 1 159 THR 159 159 159 THR THR A . n 
A 1 160 ASP 160 160 160 ASP ASP A . n 
A 1 161 CYS 161 161 161 CYS CYS A . n 
A 1 162 GLY 162 162 162 GLY GLY A . n 
A 1 163 GLN 163 163 163 GLN GLN A . n 
A 1 164 LEU 164 164 164 LEU LEU A . n 
A 1 165 SER 165 165 165 SER SER A . n 
# 
loop_
_pdbx_nonpoly_scheme.asym_id 
_pdbx_nonpoly_scheme.entity_id 
_pdbx_nonpoly_scheme.mon_id 
_pdbx_nonpoly_scheme.ndb_seq_num 
_pdbx_nonpoly_scheme.pdb_seq_num 
_pdbx_nonpoly_scheme.auth_seq_num 
_pdbx_nonpoly_scheme.pdb_mon_id 
_pdbx_nonpoly_scheme.auth_mon_id 
_pdbx_nonpoly_scheme.pdb_strand_id 
_pdbx_nonpoly_scheme.pdb_ins_code 
B 2 4ZL 1   201 1   4ZL EE2 A . 
C 3 K   1   202 1   K   K   A . 
D 3 K   1   203 2   K   K   A . 
E 4 FMT 1   204 1   FMT FMT A . 
F 5 PG4 1   205 1   PG4 PG4 A . 
G 6 EDO 1   206 1   EDO EDO A . 
H 7 PGE 1   207 1   PGE PGE A . 
I 8 HOH 1   301 123 HOH HOH A . 
I 8 HOH 2   302 14  HOH HOH A . 
I 8 HOH 3   303 87  HOH HOH A . 
I 8 HOH 4   304 86  HOH HOH A . 
I 8 HOH 5   305 1   HOH HOH A . 
I 8 HOH 6   306 28  HOH HOH A . 
I 8 HOH 7   307 19  HOH HOH A . 
I 8 HOH 8   308 97  HOH HOH A . 
I 8 HOH 9   309 44  HOH HOH A . 
I 8 HOH 10  310 43  HOH HOH A . 
I 8 HOH 11  311 65  HOH HOH A . 
I 8 HOH 12  312 16  HOH HOH A . 
I 8 HOH 13  313 80  HOH HOH A . 
I 8 HOH 14  314 55  HOH HOH A . 
I 8 HOH 15  315 121 HOH HOH A . 
I 8 HOH 16  316 58  HOH HOH A . 
I 8 HOH 17  317 74  HOH HOH A . 
I 8 HOH 18  318 102 HOH HOH A . 
I 8 HOH 19  319 77  HOH HOH A . 
I 8 HOH 20  320 12  HOH HOH A . 
I 8 HOH 21  321 79  HOH HOH A . 
I 8 HOH 22  322 21  HOH HOH A . 
I 8 HOH 23  323 8   HOH HOH A . 
I 8 HOH 24  324 38  HOH HOH A . 
I 8 HOH 25  325 15  HOH HOH A . 
I 8 HOH 26  326 63  HOH HOH A . 
I 8 HOH 27  327 85  HOH HOH A . 
I 8 HOH 28  328 18  HOH HOH A . 
I 8 HOH 29  329 72  HOH HOH A . 
I 8 HOH 30  330 13  HOH HOH A . 
I 8 HOH 31  331 20  HOH HOH A . 
I 8 HOH 32  332 33  HOH HOH A . 
I 8 HOH 33  333 7   HOH HOH A . 
I 8 HOH 34  334 37  HOH HOH A . 
I 8 HOH 35  335 66  HOH HOH A . 
I 8 HOH 36  336 27  HOH HOH A . 
I 8 HOH 37  337 62  HOH HOH A . 
I 8 HOH 38  338 84  HOH HOH A . 
I 8 HOH 39  339 42  HOH HOH A . 
I 8 HOH 40  340 100 HOH HOH A . 
I 8 HOH 41  341 53  HOH HOH A . 
I 8 HOH 42  342 5   HOH HOH A . 
I 8 HOH 43  343 70  HOH HOH A . 
I 8 HOH 44  344 83  HOH HOH A . 
I 8 HOH 45  345 92  HOH HOH A . 
I 8 HOH 46  346 29  HOH HOH A . 
I 8 HOH 47  347 46  HOH HOH A . 
I 8 HOH 48  348 6   HOH HOH A . 
I 8 HOH 49  349 10  HOH HOH A . 
I 8 HOH 50  350 105 HOH HOH A . 
I 8 HOH 51  351 54  HOH HOH A . 
I 8 HOH 52  352 45  HOH HOH A . 
I 8 HOH 53  353 122 HOH HOH A . 
I 8 HOH 54  354 117 HOH HOH A . 
I 8 HOH 55  355 3   HOH HOH A . 
I 8 HOH 56  356 25  HOH HOH A . 
I 8 HOH 57  357 106 HOH HOH A . 
I 8 HOH 58  358 9   HOH HOH A . 
I 8 HOH 59  359 35  HOH HOH A . 
I 8 HOH 60  360 50  HOH HOH A . 
I 8 HOH 61  361 36  HOH HOH A . 
I 8 HOH 62  362 4   HOH HOH A . 
I 8 HOH 63  363 90  HOH HOH A . 
I 8 HOH 64  364 73  HOH HOH A . 
I 8 HOH 65  365 40  HOH HOH A . 
I 8 HOH 66  366 76  HOH HOH A . 
I 8 HOH 67  367 96  HOH HOH A . 
I 8 HOH 68  368 56  HOH HOH A . 
I 8 HOH 69  369 24  HOH HOH A . 
I 8 HOH 70  370 61  HOH HOH A . 
I 8 HOH 71  371 51  HOH HOH A . 
I 8 HOH 72  372 39  HOH HOH A . 
I 8 HOH 73  373 11  HOH HOH A . 
I 8 HOH 74  374 34  HOH HOH A . 
I 8 HOH 75  375 108 HOH HOH A . 
I 8 HOH 76  376 17  HOH HOH A . 
I 8 HOH 77  377 59  HOH HOH A . 
I 8 HOH 78  378 71  HOH HOH A . 
I 8 HOH 79  379 47  HOH HOH A . 
I 8 HOH 80  380 64  HOH HOH A . 
I 8 HOH 81  381 57  HOH HOH A . 
I 8 HOH 82  382 91  HOH HOH A . 
I 8 HOH 83  383 99  HOH HOH A . 
I 8 HOH 84  384 32  HOH HOH A . 
I 8 HOH 85  385 94  HOH HOH A . 
I 8 HOH 86  386 69  HOH HOH A . 
I 8 HOH 87  387 52  HOH HOH A . 
I 8 HOH 88  388 89  HOH HOH A . 
I 8 HOH 89  389 116 HOH HOH A . 
I 8 HOH 90  390 60  HOH HOH A . 
I 8 HOH 91  391 101 HOH HOH A . 
I 8 HOH 92  392 2   HOH HOH A . 
I 8 HOH 93  393 81  HOH HOH A . 
I 8 HOH 94  394 119 HOH HOH A . 
I 8 HOH 95  395 112 HOH HOH A . 
I 8 HOH 96  396 41  HOH HOH A . 
I 8 HOH 97  397 75  HOH HOH A . 
I 8 HOH 98  398 67  HOH HOH A . 
I 8 HOH 99  399 88  HOH HOH A . 
I 8 HOH 100 400 31  HOH HOH A . 
I 8 HOH 101 401 30  HOH HOH A . 
I 8 HOH 102 402 22  HOH HOH A . 
I 8 HOH 103 403 48  HOH HOH A . 
I 8 HOH 104 404 120 HOH HOH A . 
I 8 HOH 105 405 98  HOH HOH A . 
I 8 HOH 106 406 110 HOH HOH A . 
I 8 HOH 107 407 95  HOH HOH A . 
I 8 HOH 108 408 26  HOH HOH A . 
I 8 HOH 109 409 107 HOH HOH A . 
I 8 HOH 110 410 104 HOH HOH A . 
I 8 HOH 111 411 118 HOH HOH A . 
I 8 HOH 112 412 111 HOH HOH A . 
I 8 HOH 113 413 113 HOH HOH A . 
I 8 HOH 114 414 78  HOH HOH A . 
I 8 HOH 115 415 93  HOH HOH A . 
I 8 HOH 116 416 49  HOH HOH A . 
I 8 HOH 117 417 82  HOH HOH A . 
I 8 HOH 118 418 109 HOH HOH A . 
I 8 HOH 119 419 114 HOH HOH A . 
I 8 HOH 120 420 103 HOH HOH A . 
I 8 HOH 121 421 23  HOH HOH A . 
I 8 HOH 122 422 68  HOH HOH A . 
I 8 HOH 123 423 115 HOH HOH A . 
# 
loop_
_software.citation_id 
_software.classification 
_software.compiler_name 
_software.compiler_version 
_software.contact_author 
_software.contact_author_email 
_software.date 
_software.description 
_software.dependencies 
_software.hardware 
_software.language 
_software.location 
_software.mods 
_software.name 
_software.os 
_software.os_version 
_software.type 
_software.version 
_software.pdbx_ordinal 
? refinement       ? ? ? ? ? ? ? ? ? ? ? REFMAC ? ? ? 5.8.0107 1 
? 'data reduction' ? ? ? ? ? ? ? ? ? ? ? MOSFLM ? ? ? .        2 
? 'data scaling'   ? ? ? ? ? ? ? ? ? ? ? SCALA  ? ? ? .        3 
? phasing          ? ? ? ? ? ? ? ? ? ? ? PHASER ? ? ? .        4 
# 
_cell.angle_alpha                  90.00 
_cell.angle_alpha_esd              ? 
_cell.angle_beta                   90.00 
_cell.angle_beta_esd               ? 
_cell.angle_gamma                  90.00 
_cell.angle_gamma_esd              ? 
_cell.entry_id                     5CBT 
_cell.details                      ? 
_cell.formula_units_Z              ? 
_cell.length_a                     57.849 
_cell.length_a_esd                 ? 
_cell.length_b                     57.849 
_cell.length_b_esd                 ? 
_cell.length_c                     114.455 
_cell.length_c_esd                 ? 
_cell.volume                       ? 
_cell.volume_esd                   ? 
_cell.Z_PDB                        8 
_cell.reciprocal_angle_alpha       ? 
_cell.reciprocal_angle_beta        ? 
_cell.reciprocal_angle_gamma       ? 
_cell.reciprocal_angle_alpha_esd   ? 
_cell.reciprocal_angle_beta_esd    ? 
_cell.reciprocal_angle_gamma_esd   ? 
_cell.reciprocal_length_a          ? 
_cell.reciprocal_length_b          ? 
_cell.reciprocal_length_c          ? 
_cell.reciprocal_length_a_esd      ? 
_cell.reciprocal_length_b_esd      ? 
_cell.reciprocal_length_c_esd      ? 
_cell.pdbx_unique_axis             ? 
# 
_symmetry.entry_id                         5CBT 
_symmetry.cell_setting                     ? 
_symmetry.Int_Tables_number                96 
_symmetry.space_group_name_Hall            ? 
_symmetry.space_group_name_H-M             'P 43 21 2' 
_symmetry.pdbx_full_space_group_name_H-M   ? 
# 
_exptl.absorpt_coefficient_mu     ? 
_exptl.absorpt_correction_T_max   ? 
_exptl.absorpt_correction_T_min   ? 
_exptl.absorpt_correction_type    ? 
_exptl.absorpt_process_details    ? 
_exptl.entry_id                   5CBT 
_exptl.crystals_number            ? 
_exptl.details                    ? 
_exptl.method                     'X-RAY DIFFRACTION' 
_exptl.method_details             ? 
# 
_exptl_crystal.colour                      ? 
_exptl_crystal.density_diffrn              ? 
_exptl_crystal.density_Matthews            2.69 
_exptl_crystal.density_method              ? 
_exptl_crystal.density_percent_sol         54.31 
_exptl_crystal.description                 ? 
_exptl_crystal.F_000                       ? 
_exptl_crystal.id                          1 
_exptl_crystal.preparation                 ? 
_exptl_crystal.size_max                    ? 
_exptl_crystal.size_mid                    ? 
_exptl_crystal.size_min                    ? 
_exptl_crystal.size_rad                    ? 
_exptl_crystal.colour_lustre               ? 
_exptl_crystal.colour_modifier             ? 
_exptl_crystal.colour_primary              ? 
_exptl_crystal.density_meas                ? 
_exptl_crystal.density_meas_esd            ? 
_exptl_crystal.density_meas_gt             ? 
_exptl_crystal.density_meas_lt             ? 
_exptl_crystal.density_meas_temp           ? 
_exptl_crystal.density_meas_temp_esd       ? 
_exptl_crystal.density_meas_temp_gt        ? 
_exptl_crystal.density_meas_temp_lt        ? 
_exptl_crystal.pdbx_crystal_image_url      ? 
_exptl_crystal.pdbx_crystal_image_format   ? 
_exptl_crystal.pdbx_mosaicity              ? 
_exptl_crystal.pdbx_mosaicity_esd          ? 
# 
_exptl_crystal_grow.apparatus       ? 
_exptl_crystal_grow.atmosphere      ? 
_exptl_crystal_grow.crystal_id      1 
_exptl_crystal_grow.details         ? 
_exptl_crystal_grow.method          'VAPOR DIFFUSION, SITTING DROP' 
_exptl_crystal_grow.method_ref      ? 
_exptl_crystal_grow.pH              9 
_exptl_crystal_grow.pressure        ? 
_exptl_crystal_grow.pressure_esd    ? 
_exptl_crystal_grow.seeding         ? 
_exptl_crystal_grow.seeding_ref     ? 
_exptl_crystal_grow.temp            291 
_exptl_crystal_grow.temp_details    ? 
_exptl_crystal_grow.temp_esd        ? 
_exptl_crystal_grow.time            ? 
_exptl_crystal_grow.pdbx_details    '4M potassium formate, 0.1M BIS-TRIS propane pH 9, 2% w/v PEG2000mme' 
_exptl_crystal_grow.pdbx_pH_range   ? 
# 
_diffrn.ambient_environment    ? 
_diffrn.ambient_temp           100 
_diffrn.ambient_temp_details   ? 
_diffrn.ambient_temp_esd       ? 
_diffrn.crystal_id             1 
_diffrn.crystal_support        ? 
_diffrn.crystal_treatment      ? 
_diffrn.details                ? 
_diffrn.id                     1 
_diffrn.ambient_pressure       ? 
_diffrn.ambient_pressure_esd   ? 
_diffrn.ambient_pressure_gt    ? 
_diffrn.ambient_pressure_lt    ? 
_diffrn.ambient_temp_gt        ? 
_diffrn.ambient_temp_lt        ? 
# 
_diffrn_detector.details                      ? 
_diffrn_detector.detector                     PIXEL 
_diffrn_detector.diffrn_id                    1 
_diffrn_detector.type                         'PSI PILATUS 6M' 
_diffrn_detector.area_resol_mean              ? 
_diffrn_detector.dtime                        ? 
_diffrn_detector.pdbx_frames_total            ? 
_diffrn_detector.pdbx_collection_time_total   ? 
_diffrn_detector.pdbx_collection_date         2013-04-20 
# 
_diffrn_radiation.collimation                      ? 
_diffrn_radiation.diffrn_id                        1 
_diffrn_radiation.filter_edge                      ? 
_diffrn_radiation.inhomogeneity                    ? 
_diffrn_radiation.monochromator                    ? 
_diffrn_radiation.polarisn_norm                    ? 
_diffrn_radiation.polarisn_ratio                   ? 
_diffrn_radiation.probe                            ? 
_diffrn_radiation.type                             ? 
_diffrn_radiation.xray_symbol                      ? 
_diffrn_radiation.wavelength_id                    1 
_diffrn_radiation.pdbx_monochromatic_or_laue_m_l   M 
_diffrn_radiation.pdbx_wavelength_list             ? 
_diffrn_radiation.pdbx_wavelength                  ? 
_diffrn_radiation.pdbx_diffrn_protocol             'SINGLE WAVELENGTH' 
_diffrn_radiation.pdbx_analyzer                    ? 
_diffrn_radiation.pdbx_scattering_type             x-ray 
# 
_diffrn_radiation_wavelength.id           1 
_diffrn_radiation_wavelength.wavelength   0.9801 
_diffrn_radiation_wavelength.wt           1.0 
# 
_diffrn_source.current                     ? 
_diffrn_source.details                     ? 
_diffrn_source.diffrn_id                   1 
_diffrn_source.power                       ? 
_diffrn_source.size                        ? 
_diffrn_source.source                      SYNCHROTRON 
_diffrn_source.target                      ? 
_diffrn_source.type                        'SOLEIL BEAMLINE PROXIMA 1' 
_diffrn_source.voltage                     ? 
_diffrn_source.take-off_angle              ? 
_diffrn_source.pdbx_wavelength_list        0.9801 
_diffrn_source.pdbx_wavelength             ? 
_diffrn_source.pdbx_synchrotron_beamline   'PROXIMA 1' 
_diffrn_source.pdbx_synchrotron_site       SOLEIL 
# 
_reflns.B_iso_Wilson_estimate            ? 
_reflns.entry_id                         5CBT 
_reflns.data_reduction_details           ? 
_reflns.data_reduction_method            ? 
_reflns.d_resolution_high                1.4 
_reflns.d_resolution_low                 40.906 
_reflns.details                          ? 
_reflns.limit_h_max                      ? 
_reflns.limit_h_min                      ? 
_reflns.limit_k_max                      ? 
_reflns.limit_k_min                      ? 
_reflns.limit_l_max                      ? 
_reflns.limit_l_min                      ? 
_reflns.number_all                       ? 
_reflns.number_obs                       35342 
_reflns.observed_criterion               ? 
_reflns.observed_criterion_F_max         ? 
_reflns.observed_criterion_F_min         ? 
_reflns.observed_criterion_I_max         ? 
_reflns.observed_criterion_I_min         ? 
_reflns.observed_criterion_sigma_F       ? 
_reflns.observed_criterion_sigma_I       ? 
_reflns.percent_possible_obs             100 
_reflns.R_free_details                   ? 
_reflns.Rmerge_F_all                     ? 
_reflns.Rmerge_F_obs                     ? 
_reflns.Friedel_coverage                 ? 
_reflns.number_gt                        ? 
_reflns.threshold_expression             ? 
_reflns.pdbx_redundancy                  8.7 
_reflns.pdbx_Rmerge_I_obs                0.063 
_reflns.pdbx_Rmerge_I_all                ? 
_reflns.pdbx_Rsym_value                  ? 
_reflns.pdbx_netI_over_av_sigmaI         ? 
_reflns.pdbx_netI_over_sigmaI            20.4 
_reflns.pdbx_res_netI_over_av_sigmaI_2   ? 
_reflns.pdbx_res_netI_over_sigmaI_2      ? 
_reflns.pdbx_chi_squared                 ? 
_reflns.pdbx_scaling_rejects             ? 
_reflns.pdbx_d_res_high_opt              ? 
_reflns.pdbx_d_res_low_opt               ? 
_reflns.pdbx_d_res_opt_method            ? 
_reflns.phase_calculation_details        ? 
_reflns.pdbx_Rrim_I_all                  ? 
_reflns.pdbx_Rpim_I_all                  ? 
_reflns.pdbx_d_opt                       ? 
_reflns.pdbx_number_measured_all         ? 
_reflns.pdbx_diffrn_id                   1 
_reflns.pdbx_ordinal                     1 
_reflns.pdbx_CC_half                     ? 
_reflns.pdbx_R_split                     ? 
# 
_reflns_shell.Rmerge_F_all                ? 
_reflns_shell.Rmerge_F_gt                 ? 
_reflns_shell.Rmerge_F_obs                ? 
_reflns_shell.Rmerge_I_all                ? 
_reflns_shell.Rmerge_I_gt                 ? 
_reflns_shell.Rmerge_I_obs                0.556 
_reflns_shell.d_res_high                  1.4 
_reflns_shell.d_res_low                   1.5 
_reflns_shell.meanI_over_sigI_all         ? 
_reflns_shell.meanI_over_sigI_gt          ? 
_reflns_shell.meanI_over_sigI_obs         5.0 
_reflns_shell.meanI_over_uI_all           ? 
_reflns_shell.meanI_over_uI_gt            ? 
_reflns_shell.number_measured_all         ? 
_reflns_shell.number_measured_gt          ? 
_reflns_shell.number_measured_obs         ? 
_reflns_shell.number_possible             ? 
_reflns_shell.number_unique_all           ? 
_reflns_shell.number_unique_gt            ? 
_reflns_shell.number_unique_obs           ? 
_reflns_shell.pdbx_CC_half                ? 
_reflns_shell.pdbx_R_split                ? 
_reflns_shell.pdbx_Rpim_I_all             ? 
_reflns_shell.pdbx_Rrim_I_all             ? 
_reflns_shell.pdbx_Rsym_value             ? 
_reflns_shell.pdbx_chi_squared            ? 
_reflns_shell.pdbx_diffrn_id              1 
_reflns_shell.pdbx_netI_over_sigmaI_all   ? 
_reflns_shell.pdbx_netI_over_sigmaI_obs   ? 
_reflns_shell.pdbx_ordinal                1 
_reflns_shell.pdbx_redundancy             8.8 
_reflns_shell.pdbx_rejects                ? 
_reflns_shell.percent_possible_all        100 
_reflns_shell.percent_possible_gt         ? 
_reflns_shell.percent_possible_obs        ? 
# 
_refine.aniso_B[1][1]                            0.14 
_refine.aniso_B[1][2]                            0.00 
_refine.aniso_B[1][3]                            0.00 
_refine.aniso_B[2][2]                            0.14 
_refine.aniso_B[2][3]                            0.00 
_refine.aniso_B[3][3]                            -0.28 
_refine.B_iso_max                                ? 
_refine.B_iso_mean                               16.785 
_refine.B_iso_min                                ? 
_refine.correlation_coeff_Fo_to_Fc               0.965 
_refine.correlation_coeff_Fo_to_Fc_free          0.954 
_refine.details                                  'HYDROGENS HAVE BEEN ADDED IN THE RIDING POSITIONS' 
_refine.diff_density_max                         ? 
_refine.diff_density_max_esd                     ? 
_refine.diff_density_min                         ? 
_refine.diff_density_min_esd                     ? 
_refine.diff_density_rms                         ? 
_refine.diff_density_rms_esd                     ? 
_refine.entry_id                                 5CBT 
_refine.pdbx_refine_id                           'X-RAY DIFFRACTION' 
_refine.ls_abs_structure_details                 ? 
_refine.ls_abs_structure_Flack                   ? 
_refine.ls_abs_structure_Flack_esd               ? 
_refine.ls_abs_structure_Rogers                  ? 
_refine.ls_abs_structure_Rogers_esd              ? 
_refine.ls_d_res_high                            1.45 
_refine.ls_d_res_low                             40.906 
_refine.ls_extinction_coef                       ? 
_refine.ls_extinction_coef_esd                   ? 
_refine.ls_extinction_expression                 ? 
_refine.ls_extinction_method                     ? 
_refine.ls_goodness_of_fit_all                   ? 
_refine.ls_goodness_of_fit_all_esd               ? 
_refine.ls_goodness_of_fit_obs                   ? 
_refine.ls_goodness_of_fit_obs_esd               ? 
_refine.ls_hydrogen_treatment                    ? 
_refine.ls_matrix_type                           ? 
_refine.ls_number_constraints                    ? 
_refine.ls_number_parameters                     ? 
_refine.ls_number_reflns_all                     ? 
_refine.ls_number_reflns_obs                     33491 
_refine.ls_number_reflns_R_free                  1767 
_refine.ls_number_reflns_R_work                  ? 
_refine.ls_number_restraints                     ? 
_refine.ls_percent_reflns_obs                    99.95 
_refine.ls_percent_reflns_R_free                 5.0 
_refine.ls_R_factor_all                          ? 
_refine.ls_R_factor_obs                          0.17851 
_refine.ls_R_factor_R_free                       0.19856 
_refine.ls_R_factor_R_free_error                 ? 
_refine.ls_R_factor_R_free_error_details         ? 
_refine.ls_R_factor_R_work                       0.17749 
_refine.ls_R_Fsqd_factor_obs                     ? 
_refine.ls_R_I_factor_obs                        ? 
_refine.ls_redundancy_reflns_all                 ? 
_refine.ls_redundancy_reflns_obs                 ? 
_refine.ls_restrained_S_all                      ? 
_refine.ls_restrained_S_obs                      ? 
_refine.ls_shift_over_esd_max                    ? 
_refine.ls_shift_over_esd_mean                   ? 
_refine.ls_structure_factor_coef                 ? 
_refine.ls_weighting_details                     ? 
_refine.ls_weighting_scheme                      ? 
_refine.ls_wR_factor_all                         ? 
_refine.ls_wR_factor_obs                         ? 
_refine.ls_wR_factor_R_free                      ? 
_refine.ls_wR_factor_R_work                      ? 
_refine.occupancy_max                            ? 
_refine.occupancy_min                            ? 
_refine.solvent_model_details                    MASK 
_refine.solvent_model_param_bsol                 ? 
_refine.solvent_model_param_ksol                 ? 
_refine.ls_R_factor_gt                           ? 
_refine.ls_goodness_of_fit_gt                    ? 
_refine.ls_goodness_of_fit_ref                   ? 
_refine.ls_shift_over_su_max                     ? 
_refine.ls_shift_over_su_max_lt                  ? 
_refine.ls_shift_over_su_mean                    ? 
_refine.ls_shift_over_su_mean_lt                 ? 
_refine.pdbx_ls_sigma_I                          ? 
_refine.pdbx_ls_sigma_F                          ? 
_refine.pdbx_ls_sigma_Fsqd                       ? 
_refine.pdbx_data_cutoff_high_absF               ? 
_refine.pdbx_data_cutoff_high_rms_absF           ? 
_refine.pdbx_data_cutoff_low_absF                ? 
_refine.pdbx_isotropic_thermal_model             ? 
_refine.pdbx_ls_cross_valid_method               THROUGHOUT 
_refine.pdbx_method_to_determine_struct          'MOLECULAR REPLACEMENT' 
_refine.pdbx_starting_model                      2BIT 
_refine.pdbx_stereochemistry_target_values       'MAXIMUM LIKELIHOOD' 
_refine.pdbx_R_Free_selection_details            RANDOM 
_refine.pdbx_stereochem_target_val_spec_case     ? 
_refine.pdbx_overall_ESU_R                       0.059 
_refine.pdbx_overall_ESU_R_Free                  0.060 
_refine.pdbx_solvent_vdw_probe_radii             1.20 
_refine.pdbx_solvent_ion_probe_radii             0.80 
_refine.pdbx_solvent_shrinkage_radii             0.80 
_refine.pdbx_real_space_R                        ? 
_refine.pdbx_density_correlation                 ? 
_refine.pdbx_pd_number_of_powder_patterns        ? 
_refine.pdbx_pd_number_of_points                 ? 
_refine.pdbx_pd_meas_number_of_points            ? 
_refine.pdbx_pd_proc_ls_prof_R_factor            ? 
_refine.pdbx_pd_proc_ls_prof_wR_factor           ? 
_refine.pdbx_pd_Marquardt_correlation_coeff      ? 
_refine.pdbx_pd_Fsqrd_R_factor                   ? 
_refine.pdbx_pd_ls_matrix_band_width             ? 
_refine.pdbx_overall_phase_error                 ? 
_refine.pdbx_overall_SU_R_free_Cruickshank_DPI   ? 
_refine.pdbx_overall_SU_R_free_Blow_DPI          ? 
_refine.pdbx_overall_SU_R_Blow_DPI               ? 
_refine.pdbx_TLS_residual_ADP_flag               ? 
_refine.pdbx_diffrn_id                           1 
_refine.overall_SU_B                             0.892 
_refine.overall_SU_ML                            0.035 
_refine.overall_SU_R_Cruickshank_DPI             ? 
_refine.overall_SU_R_free                        ? 
_refine.overall_FOM_free_R_set                   ? 
_refine.overall_FOM_work_R_set                   ? 
_refine.pdbx_average_fsc_overall                 ? 
_refine.pdbx_average_fsc_work                    ? 
_refine.pdbx_average_fsc_free                    ? 
# 
_refine_hist.pdbx_refine_id                   'X-RAY DIFFRACTION' 
_refine_hist.cycle_id                         1 
_refine_hist.pdbx_number_atoms_protein        1240 
_refine_hist.pdbx_number_atoms_nucleic_acid   0 
_refine_hist.pdbx_number_atoms_ligand         49 
_refine_hist.number_atoms_solvent             123 
_refine_hist.number_atoms_total               1412 
_refine_hist.d_res_high                       1.45 
_refine_hist.d_res_low                        40.906 
# 
loop_
_refine_ls_restr.pdbx_refine_id 
_refine_ls_restr.criterion 
_refine_ls_restr.dev_ideal 
_refine_ls_restr.dev_ideal_target 
_refine_ls_restr.number 
_refine_ls_restr.rejects 
_refine_ls_restr.type 
_refine_ls_restr.weight 
_refine_ls_restr.pdbx_restraint_function 
'X-RAY DIFFRACTION' ? 0.031  0.019  1310 ? r_bond_refined_d             ? ? 
'X-RAY DIFFRACTION' ? 0.002  0.020  1262 ? r_bond_other_d               ? ? 
'X-RAY DIFFRACTION' ? 2.774  1.975  1750 ? r_angle_refined_deg          ? ? 
'X-RAY DIFFRACTION' ? 1.259  3.000  2915 ? r_angle_other_deg            ? ? 
'X-RAY DIFFRACTION' ? 6.587  5.000  163  ? r_dihedral_angle_1_deg       ? ? 
'X-RAY DIFFRACTION' ? 33.801 24.231 52   ? r_dihedral_angle_2_deg       ? ? 
'X-RAY DIFFRACTION' ? 13.423 15.000 213  ? r_dihedral_angle_3_deg       ? ? 
'X-RAY DIFFRACTION' ? 17.040 15.000 5    ? r_dihedral_angle_4_deg       ? ? 
'X-RAY DIFFRACTION' ? 0.164  0.200  186  ? r_chiral_restr               ? ? 
'X-RAY DIFFRACTION' ? 0.013  0.021  1468 ? r_gen_planes_refined         ? ? 
'X-RAY DIFFRACTION' ? 0.002  0.020  299  ? r_gen_planes_other           ? ? 
'X-RAY DIFFRACTION' ? ?      ?      ?    ? r_nbd_refined                ? ? 
'X-RAY DIFFRACTION' ? ?      ?      ?    ? r_nbd_other                  ? ? 
'X-RAY DIFFRACTION' ? ?      ?      ?    ? r_nbtor_refined              ? ? 
'X-RAY DIFFRACTION' ? ?      ?      ?    ? r_nbtor_other                ? ? 
'X-RAY DIFFRACTION' ? ?      ?      ?    ? r_xyhbond_nbd_refined        ? ? 
'X-RAY DIFFRACTION' ? ?      ?      ?    ? r_xyhbond_nbd_other          ? ? 
'X-RAY DIFFRACTION' ? ?      ?      ?    ? r_metal_ion_refined          ? ? 
'X-RAY DIFFRACTION' ? ?      ?      ?    ? r_metal_ion_other            ? ? 
'X-RAY DIFFRACTION' ? ?      ?      ?    ? r_symmetry_vdw_refined       ? ? 
'X-RAY DIFFRACTION' ? ?      ?      ?    ? r_symmetry_vdw_other         ? ? 
'X-RAY DIFFRACTION' ? ?      ?      ?    ? r_symmetry_hbond_refined     ? ? 
'X-RAY DIFFRACTION' ? ?      ?      ?    ? r_symmetry_hbond_other       ? ? 
'X-RAY DIFFRACTION' ? ?      ?      ?    ? r_symmetry_metal_ion_refined ? ? 
'X-RAY DIFFRACTION' ? ?      ?      ?    ? r_symmetry_metal_ion_other   ? ? 
'X-RAY DIFFRACTION' ? 1.573  1.412  655  ? r_mcbond_it                  ? ? 
'X-RAY DIFFRACTION' ? 1.582  1.414  656  ? r_mcbond_other               ? ? 
'X-RAY DIFFRACTION' ? 2.220  2.120  817  ? r_mcangle_it                 ? ? 
'X-RAY DIFFRACTION' ? 2.219  2.121  818  ? r_mcangle_other              ? ? 
'X-RAY DIFFRACTION' ? 3.194  1.726  655  ? r_scbond_it                  ? ? 
'X-RAY DIFFRACTION' ? 3.191  1.726  655  ? r_scbond_other               ? ? 
'X-RAY DIFFRACTION' ? ?      ?      ?    ? r_scangle_it                 ? ? 
'X-RAY DIFFRACTION' ? 4.077  2.440  934  ? r_scangle_other              ? ? 
'X-RAY DIFFRACTION' ? 5.239  12.716 1455 ? r_long_range_B_refined       ? ? 
'X-RAY DIFFRACTION' ? 5.238  12.728 1456 ? r_long_range_B_other         ? ? 
'X-RAY DIFFRACTION' ? ?      ?      ?    ? r_rigid_bond_restr           ? ? 
'X-RAY DIFFRACTION' ? ?      ?      ?    ? r_sphericity_free            ? ? 
'X-RAY DIFFRACTION' ? ?      ?      ?    ? r_sphericity_bonded          ? ? 
# 
_refine_ls_shell.pdbx_refine_id                   'X-RAY DIFFRACTION' 
_refine_ls_shell.d_res_high                       1.450 
_refine_ls_shell.d_res_low                        1.488 
_refine_ls_shell.number_reflns_all                ? 
_refine_ls_shell.number_reflns_obs                ? 
_refine_ls_shell.number_reflns_R_free             122 
_refine_ls_shell.number_reflns_R_work             2441 
_refine_ls_shell.percent_reflns_obs               99.81 
_refine_ls_shell.percent_reflns_R_free            ? 
_refine_ls_shell.R_factor_all                     ? 
_refine_ls_shell.R_factor_obs                     ? 
_refine_ls_shell.R_factor_R_free                  0.270 
_refine_ls_shell.R_factor_R_free_error            ? 
_refine_ls_shell.R_factor_R_work                  0.270 
_refine_ls_shell.redundancy_reflns_all            ? 
_refine_ls_shell.redundancy_reflns_obs            ? 
_refine_ls_shell.wR_factor_all                    ? 
_refine_ls_shell.wR_factor_obs                    ? 
_refine_ls_shell.wR_factor_R_free                 ? 
_refine_ls_shell.wR_factor_R_work                 ? 
_refine_ls_shell.pdbx_total_number_of_bins_used   20 
_refine_ls_shell.pdbx_phase_error                 ? 
_refine_ls_shell.pdbx_fsc_work                    ? 
_refine_ls_shell.pdbx_fsc_free                    ? 
# 
_struct.entry_id                     5CBT 
_struct.title                        'Human Cyclophilin D Complexed with Inhibitor' 
_struct.pdbx_model_details           ? 
_struct.pdbx_formula_weight          ? 
_struct.pdbx_formula_weight_method   ? 
_struct.pdbx_model_type_details      ? 
_struct.pdbx_CASP_flag               ? 
# 
_struct_keywords.entry_id        5CBT 
_struct_keywords.text            'cyclophilin, isomerase, complex, inhibitor' 
_struct_keywords.pdbx_keywords   ISOMERASE 
# 
loop_
_struct_asym.id 
_struct_asym.pdbx_blank_PDB_chainid_flag 
_struct_asym.pdbx_modified 
_struct_asym.entity_id 
_struct_asym.details 
A N N 1 ? 
B N N 2 ? 
C N N 3 ? 
D N N 3 ? 
E N N 4 ? 
F N N 5 ? 
G N N 6 ? 
H N N 7 ? 
I N N 8 ? 
# 
_struct_ref.id                         1 
_struct_ref.db_name                    UNP 
_struct_ref.db_code                    PPIF_HUMAN 
_struct_ref.pdbx_db_accession          P30405 
_struct_ref.pdbx_db_isoform            ? 
_struct_ref.entity_id                  1 
_struct_ref.pdbx_seq_one_letter_code   
;GNPLVYLDVDANGKPLGRVVLELKADVVPKTAENFRALCTGEKGFGYKGSTFHRVIPSFMCQAGDFTNHNGTGGKSIYGS
RFPDENFTLKHVGPGVLSMANAGPNTNGSQFFICTIKTDWLDGKHVVFGHVKEGMDVVKKIESFGSKSGRTSKKIVITDC
GQLS
;
_struct_ref.pdbx_align_begin           44 
# 
_struct_ref_seq.align_id                      1 
_struct_ref_seq.ref_id                        1 
_struct_ref_seq.pdbx_PDB_id_code              5CBT 
_struct_ref_seq.pdbx_strand_id                A 
_struct_ref_seq.seq_align_beg                 2 
_struct_ref_seq.pdbx_seq_align_beg_ins_code   ? 
_struct_ref_seq.seq_align_end                 165 
_struct_ref_seq.pdbx_seq_align_end_ins_code   ? 
_struct_ref_seq.pdbx_db_accession             P30405 
_struct_ref_seq.db_align_beg                  44 
_struct_ref_seq.pdbx_db_align_beg_ins_code    ? 
_struct_ref_seq.db_align_end                  207 
_struct_ref_seq.pdbx_db_align_end_ins_code    ? 
_struct_ref_seq.pdbx_auth_seq_align_beg       2 
_struct_ref_seq.pdbx_auth_seq_align_end       165 
# 
loop_
_struct_ref_seq_dif.align_id 
_struct_ref_seq_dif.pdbx_pdb_id_code 
_struct_ref_seq_dif.mon_id 
_struct_ref_seq_dif.pdbx_pdb_strand_id 
_struct_ref_seq_dif.seq_num 
_struct_ref_seq_dif.pdbx_pdb_ins_code 
_struct_ref_seq_dif.pdbx_seq_db_name 
_struct_ref_seq_dif.pdbx_seq_db_accession_code 
_struct_ref_seq_dif.db_mon_id 
_struct_ref_seq_dif.pdbx_seq_db_seq_num 
_struct_ref_seq_dif.details 
_struct_ref_seq_dif.pdbx_auth_seq_num 
_struct_ref_seq_dif.pdbx_ordinal 
1 5CBT MET A 1   ? UNP P30405 ?   ?   'initiating methionine' 1   1 
1 5CBT ILE A 133 ? UNP P30405 LYS 175 conflict                133 2 
# 
_pdbx_struct_assembly.id                   1 
_pdbx_struct_assembly.details              author_and_software_defined_assembly 
_pdbx_struct_assembly.method_details       PISA 
_pdbx_struct_assembly.oligomeric_details   monomeric 
_pdbx_struct_assembly.oligomeric_count     1 
# 
loop_
_pdbx_struct_assembly_prop.biol_id 
_pdbx_struct_assembly_prop.type 
_pdbx_struct_assembly_prop.value 
_pdbx_struct_assembly_prop.details 
1 'ABSA (A^2)' 1430 ? 
1 MORE         8    ? 
1 'SSA (A^2)'  7240 ? 
# 
_pdbx_struct_assembly_gen.assembly_id       1 
_pdbx_struct_assembly_gen.oper_expression   1 
_pdbx_struct_assembly_gen.asym_id_list      A,B,C,D,E,F,G,H,I 
# 
_pdbx_struct_oper_list.id                   1 
_pdbx_struct_oper_list.type                 'identity operation' 
_pdbx_struct_oper_list.name                 1_555 
_pdbx_struct_oper_list.symmetry_operation   x,y,z 
_pdbx_struct_oper_list.matrix[1][1]         1.0000000000 
_pdbx_struct_oper_list.matrix[1][2]         0.0000000000 
_pdbx_struct_oper_list.matrix[1][3]         0.0000000000 
_pdbx_struct_oper_list.vector[1]            0.0000000000 
_pdbx_struct_oper_list.matrix[2][1]         0.0000000000 
_pdbx_struct_oper_list.matrix[2][2]         1.0000000000 
_pdbx_struct_oper_list.matrix[2][3]         0.0000000000 
_pdbx_struct_oper_list.vector[2]            0.0000000000 
_pdbx_struct_oper_list.matrix[3][1]         0.0000000000 
_pdbx_struct_oper_list.matrix[3][2]         0.0000000000 
_pdbx_struct_oper_list.matrix[3][3]         1.0000000000 
_pdbx_struct_oper_list.vector[3]            0.0000000000 
# 
loop_
_struct_conf.conf_type_id 
_struct_conf.id 
_struct_conf.pdbx_PDB_helix_id 
_struct_conf.beg_label_comp_id 
_struct_conf.beg_label_asym_id 
_struct_conf.beg_label_seq_id 
_struct_conf.pdbx_beg_PDB_ins_code 
_struct_conf.end_label_comp_id 
_struct_conf.end_label_asym_id 
_struct_conf.end_label_seq_id 
_struct_conf.pdbx_end_PDB_ins_code 
_struct_conf.beg_auth_comp_id 
_struct_conf.beg_auth_asym_id 
_struct_conf.beg_auth_seq_id 
_struct_conf.end_auth_comp_id 
_struct_conf.end_auth_asym_id 
_struct_conf.end_auth_seq_id 
_struct_conf.pdbx_PDB_helix_class 
_struct_conf.details 
_struct_conf.pdbx_PDB_helix_length 
HELX_P HELX_P1 AA1 VAL A 29  ? GLY A 42  ? VAL A 29  GLY A 42  1 ? 14 
HELX_P HELX_P2 AA2 THR A 119 ? ASP A 123 ? THR A 119 ASP A 123 5 ? 5  
HELX_P HELX_P3 AA3 GLY A 135 ? PHE A 145 ? GLY A 135 PHE A 145 1 ? 11 
# 
_struct_conf_type.id          HELX_P 
_struct_conf_type.criteria    ? 
_struct_conf_type.reference   ? 
# 
loop_
_struct_conn.id 
_struct_conn.conn_type_id 
_struct_conn.pdbx_leaving_atom_flag 
_struct_conn.pdbx_PDB_id 
_struct_conn.ptnr1_label_asym_id 
_struct_conn.ptnr1_label_comp_id 
_struct_conn.ptnr1_label_seq_id 
_struct_conn.ptnr1_label_atom_id 
_struct_conn.pdbx_ptnr1_label_alt_id 
_struct_conn.pdbx_ptnr1_PDB_ins_code 
_struct_conn.pdbx_ptnr1_standard_comp_id 
_struct_conn.ptnr1_symmetry 
_struct_conn.ptnr2_label_asym_id 
_struct_conn.ptnr2_label_comp_id 
_struct_conn.ptnr2_label_seq_id 
_struct_conn.ptnr2_label_atom_id 
_struct_conn.pdbx_ptnr2_label_alt_id 
_struct_conn.pdbx_ptnr2_PDB_ins_code 
_struct_conn.ptnr1_auth_asym_id 
_struct_conn.ptnr1_auth_comp_id 
_struct_conn.ptnr1_auth_seq_id 
_struct_conn.ptnr2_auth_asym_id 
_struct_conn.ptnr2_auth_comp_id 
_struct_conn.ptnr2_auth_seq_id 
_struct_conn.ptnr2_symmetry 
_struct_conn.pdbx_ptnr3_label_atom_id 
_struct_conn.pdbx_ptnr3_label_seq_id 
_struct_conn.pdbx_ptnr3_label_comp_id 
_struct_conn.pdbx_ptnr3_label_asym_id 
_struct_conn.pdbx_ptnr3_label_alt_id 
_struct_conn.pdbx_ptnr3_PDB_ins_code 
_struct_conn.details 
_struct_conn.pdbx_dist_value 
_struct_conn.pdbx_value_order 
_struct_conn.pdbx_role 
metalc1  metalc ? ? A TYR 7   OH  ? ? ? 1_555 D K   . K  ? ? A TYR 7   A K   203 1_555 ? ? ? ? ? ? ? 3.280 ? ? 
metalc2  metalc ? ? A ASP 160 OD1 ? ? ? 1_555 D K   . K  ? ? A ASP 160 A K   203 1_555 ? ? ? ? ? ? ? 2.917 ? ? 
metalc3  metalc ? ? A CYS 161 O   ? ? ? 1_555 D K   . K  ? ? A CYS 161 A K   203 1_555 ? ? ? ? ? ? ? 2.688 ? ? 
metalc4  metalc ? ? C K   .   K   ? ? ? 1_555 H PGE . O4 ? ? A K   202 A PGE 207 1_555 ? ? ? ? ? ? ? 2.974 ? ? 
metalc5  metalc ? ? C K   .   K   ? ? ? 1_555 H PGE . O1 ? ? A K   202 A PGE 207 1_555 ? ? ? ? ? ? ? 2.961 ? ? 
metalc6  metalc ? ? C K   .   K   ? ? ? 1_555 H PGE . O2 ? ? A K   202 A PGE 207 1_555 ? ? ? ? ? ? ? 2.625 ? ? 
metalc7  metalc ? ? C K   .   K   ? ? ? 1_555 H PGE . O3 ? ? A K   202 A PGE 207 1_555 ? ? ? ? ? ? ? 2.834 ? ? 
metalc8  metalc ? ? C K   .   K   ? ? ? 1_555 H PGE . O1 ? ? A K   202 A PGE 207 7_555 ? ? ? ? ? ? ? 2.961 ? ? 
metalc9  metalc ? ? C K   .   K   ? ? ? 1_555 H PGE . O2 ? ? A K   202 A PGE 207 7_555 ? ? ? ? ? ? ? 2.625 ? ? 
metalc10 metalc ? ? C K   .   K   ? ? ? 1_555 H PGE . O3 ? ? A K   202 A PGE 207 7_555 ? ? ? ? ? ? ? 2.834 ? ? 
metalc11 metalc ? ? C K   .   K   ? ? ? 1_555 H PGE . O4 ? ? A K   202 A PGE 207 7_555 ? ? ? ? ? ? ? 2.974 ? ? 
metalc12 metalc ? ? C K   .   K   ? ? ? 1_555 I HOH . O  ? ? A K   202 A HOH 389 1_555 ? ? ? ? ? ? ? 2.968 ? ? 
metalc13 metalc ? ? C K   .   K   ? ? ? 1_555 I HOH . O  ? ? A K   202 A HOH 389 7_555 ? ? ? ? ? ? ? 2.968 ? ? 
metalc14 metalc ? ? D K   .   K   ? ? ? 1_555 E FMT . O1 ? ? A K   203 A FMT 204 1_555 ? ? ? ? ? ? ? 2.854 ? ? 
metalc15 metalc ? ? D K   .   K   ? ? ? 1_555 I HOH . O  ? ? A K   203 A HOH 316 1_555 ? ? ? ? ? ? ? 2.737 ? ? 
# 
_struct_conn_type.id          metalc 
_struct_conn_type.criteria    ? 
_struct_conn_type.reference   ? 
# 
loop_
_pdbx_struct_conn_angle.id 
_pdbx_struct_conn_angle.ptnr1_label_atom_id 
_pdbx_struct_conn_angle.ptnr1_label_alt_id 
_pdbx_struct_conn_angle.ptnr1_label_asym_id 
_pdbx_struct_conn_angle.ptnr1_label_comp_id 
_pdbx_struct_conn_angle.ptnr1_label_seq_id 
_pdbx_struct_conn_angle.ptnr1_auth_atom_id 
_pdbx_struct_conn_angle.ptnr1_auth_asym_id 
_pdbx_struct_conn_angle.ptnr1_auth_comp_id 
_pdbx_struct_conn_angle.ptnr1_auth_seq_id 
_pdbx_struct_conn_angle.ptnr1_PDB_ins_code 
_pdbx_struct_conn_angle.ptnr1_symmetry 
_pdbx_struct_conn_angle.ptnr2_label_atom_id 
_pdbx_struct_conn_angle.ptnr2_label_alt_id 
_pdbx_struct_conn_angle.ptnr2_label_asym_id 
_pdbx_struct_conn_angle.ptnr2_label_comp_id 
_pdbx_struct_conn_angle.ptnr2_label_seq_id 
_pdbx_struct_conn_angle.ptnr2_auth_atom_id 
_pdbx_struct_conn_angle.ptnr2_auth_asym_id 
_pdbx_struct_conn_angle.ptnr2_auth_comp_id 
_pdbx_struct_conn_angle.ptnr2_auth_seq_id 
_pdbx_struct_conn_angle.ptnr2_PDB_ins_code 
_pdbx_struct_conn_angle.ptnr2_symmetry 
_pdbx_struct_conn_angle.ptnr3_label_atom_id 
_pdbx_struct_conn_angle.ptnr3_label_alt_id 
_pdbx_struct_conn_angle.ptnr3_label_asym_id 
_pdbx_struct_conn_angle.ptnr3_label_comp_id 
_pdbx_struct_conn_angle.ptnr3_label_seq_id 
_pdbx_struct_conn_angle.ptnr3_auth_atom_id 
_pdbx_struct_conn_angle.ptnr3_auth_asym_id 
_pdbx_struct_conn_angle.ptnr3_auth_comp_id 
_pdbx_struct_conn_angle.ptnr3_auth_seq_id 
_pdbx_struct_conn_angle.ptnr3_PDB_ins_code 
_pdbx_struct_conn_angle.ptnr3_symmetry 
_pdbx_struct_conn_angle.value 
_pdbx_struct_conn_angle.value_esd 
1  OH  ? A TYR 7   ? A TYR 7   ? 1_555 K ? D K . ? A K 203 ? 1_555 OD1 ? A ASP 160 ? A ASP 160 ? 1_555 86.0  ? 
2  OH  ? A TYR 7   ? A TYR 7   ? 1_555 K ? D K . ? A K 203 ? 1_555 O   ? A CYS 161 ? A CYS 161 ? 1_555 74.5  ? 
3  OD1 ? A ASP 160 ? A ASP 160 ? 1_555 K ? D K . ? A K 203 ? 1_555 O   ? A CYS 161 ? A CYS 161 ? 1_555 76.3  ? 
4  OH  ? A TYR 7   ? A TYR 7   ? 1_555 K ? D K . ? A K 203 ? 1_555 O1  ? E FMT .   ? A FMT 204 ? 1_555 140.3 ? 
5  OD1 ? A ASP 160 ? A ASP 160 ? 1_555 K ? D K . ? A K 203 ? 1_555 O1  ? E FMT .   ? A FMT 204 ? 1_555 92.5  ? 
6  O   ? A CYS 161 ? A CYS 161 ? 1_555 K ? D K . ? A K 203 ? 1_555 O1  ? E FMT .   ? A FMT 204 ? 1_555 66.6  ? 
7  OH  ? A TYR 7   ? A TYR 7   ? 1_555 K ? D K . ? A K 203 ? 1_555 O   ? I HOH .   ? A HOH 316 ? 1_555 106.2 ? 
8  OD1 ? A ASP 160 ? A ASP 160 ? 1_555 K ? D K . ? A K 203 ? 1_555 O   ? I HOH .   ? A HOH 316 ? 1_555 145.1 ? 
9  O   ? A CYS 161 ? A CYS 161 ? 1_555 K ? D K . ? A K 203 ? 1_555 O   ? I HOH .   ? A HOH 316 ? 1_555 75.8  ? 
10 O1  ? E FMT .   ? A FMT 204 ? 1_555 K ? D K . ? A K 203 ? 1_555 O   ? I HOH .   ? A HOH 316 ? 1_555 57.1  ? 
11 O4  ? H PGE .   ? A PGE 207 ? 1_555 K ? C K . ? A K 202 ? 1_555 O1  ? H PGE .   ? A PGE 207 ? 1_555 144.0 ? 
12 O4  ? H PGE .   ? A PGE 207 ? 1_555 K ? C K . ? A K 202 ? 1_555 O2  ? H PGE .   ? A PGE 207 ? 1_555 114.6 ? 
13 O1  ? H PGE .   ? A PGE 207 ? 1_555 K ? C K . ? A K 202 ? 1_555 O2  ? H PGE .   ? A PGE 207 ? 1_555 63.6  ? 
14 O4  ? H PGE .   ? A PGE 207 ? 1_555 K ? C K . ? A K 202 ? 1_555 O3  ? H PGE .   ? A PGE 207 ? 1_555 55.5  ? 
15 O1  ? H PGE .   ? A PGE 207 ? 1_555 K ? C K . ? A K 202 ? 1_555 O3  ? H PGE .   ? A PGE 207 ? 1_555 105.6 ? 
16 O2  ? H PGE .   ? A PGE 207 ? 1_555 K ? C K . ? A K 202 ? 1_555 O3  ? H PGE .   ? A PGE 207 ? 1_555 60.1  ? 
17 O4  ? H PGE .   ? A PGE 207 ? 1_555 K ? C K . ? A K 202 ? 1_555 O1  ? H PGE .   ? A PGE 207 ? 7_555 96.2  ? 
18 O1  ? H PGE .   ? A PGE 207 ? 1_555 K ? C K . ? A K 202 ? 1_555 O1  ? H PGE .   ? A PGE 207 ? 7_555 52.7  ? 
19 O2  ? H PGE .   ? A PGE 207 ? 1_555 K ? C K . ? A K 202 ? 1_555 O1  ? H PGE .   ? A PGE 207 ? 7_555 101.5 ? 
20 O3  ? H PGE .   ? A PGE 207 ? 1_555 K ? C K . ? A K 202 ? 1_555 O1  ? H PGE .   ? A PGE 207 ? 7_555 97.0  ? 
21 O4  ? H PGE .   ? A PGE 207 ? 1_555 K ? C K . ? A K 202 ? 1_555 O2  ? H PGE .   ? A PGE 207 ? 7_555 73.9  ? 
22 O1  ? H PGE .   ? A PGE 207 ? 1_555 K ? C K . ? A K 202 ? 1_555 O2  ? H PGE .   ? A PGE 207 ? 7_555 101.5 ? 
23 O2  ? H PGE .   ? A PGE 207 ? 1_555 K ? C K . ? A K 202 ? 1_555 O2  ? H PGE .   ? A PGE 207 ? 7_555 164.3 ? 
24 O3  ? H PGE .   ? A PGE 207 ? 1_555 K ? C K . ? A K 202 ? 1_555 O2  ? H PGE .   ? A PGE 207 ? 7_555 123.9 ? 
25 O1  ? H PGE .   ? A PGE 207 ? 7_555 K ? C K . ? A K 202 ? 1_555 O2  ? H PGE .   ? A PGE 207 ? 7_555 63.6  ? 
26 O4  ? H PGE .   ? A PGE 207 ? 1_555 K ? C K . ? A K 202 ? 1_555 O3  ? H PGE .   ? A PGE 207 ? 7_555 110.1 ? 
27 O1  ? H PGE .   ? A PGE 207 ? 1_555 K ? C K . ? A K 202 ? 1_555 O3  ? H PGE .   ? A PGE 207 ? 7_555 97.0  ? 
28 O2  ? H PGE .   ? A PGE 207 ? 1_555 K ? C K . ? A K 202 ? 1_555 O3  ? H PGE .   ? A PGE 207 ? 7_555 123.9 ? 
29 O3  ? H PGE .   ? A PGE 207 ? 1_555 K ? C K . ? A K 202 ? 1_555 O3  ? H PGE .   ? A PGE 207 ? 7_555 154.7 ? 
30 O1  ? H PGE .   ? A PGE 207 ? 7_555 K ? C K . ? A K 202 ? 1_555 O3  ? H PGE .   ? A PGE 207 ? 7_555 105.6 ? 
31 O2  ? H PGE .   ? A PGE 207 ? 7_555 K ? C K . ? A K 202 ? 1_555 O3  ? H PGE .   ? A PGE 207 ? 7_555 60.1  ? 
32 O4  ? H PGE .   ? A PGE 207 ? 1_555 K ? C K . ? A K 202 ? 1_555 O4  ? H PGE .   ? A PGE 207 ? 7_555 118.5 ? 
33 O1  ? H PGE .   ? A PGE 207 ? 1_555 K ? C K . ? A K 202 ? 1_555 O4  ? H PGE .   ? A PGE 207 ? 7_555 96.2  ? 
34 O2  ? H PGE .   ? A PGE 207 ? 1_555 K ? C K . ? A K 202 ? 1_555 O4  ? H PGE .   ? A PGE 207 ? 7_555 73.9  ? 
35 O3  ? H PGE .   ? A PGE 207 ? 1_555 K ? C K . ? A K 202 ? 1_555 O4  ? H PGE .   ? A PGE 207 ? 7_555 110.1 ? 
36 O1  ? H PGE .   ? A PGE 207 ? 7_555 K ? C K . ? A K 202 ? 1_555 O4  ? H PGE .   ? A PGE 207 ? 7_555 144.0 ? 
37 O2  ? H PGE .   ? A PGE 207 ? 7_555 K ? C K . ? A K 202 ? 1_555 O4  ? H PGE .   ? A PGE 207 ? 7_555 114.6 ? 
38 O3  ? H PGE .   ? A PGE 207 ? 7_555 K ? C K . ? A K 202 ? 1_555 O4  ? H PGE .   ? A PGE 207 ? 7_555 55.5  ? 
39 O4  ? H PGE .   ? A PGE 207 ? 1_555 K ? C K . ? A K 202 ? 1_555 O   ? I HOH .   ? A HOH 389 ? 1_555 59.2  ? 
40 O1  ? H PGE .   ? A PGE 207 ? 1_555 K ? C K . ? A K 202 ? 1_555 O   ? I HOH .   ? A HOH 389 ? 1_555 153.6 ? 
41 O2  ? H PGE .   ? A PGE 207 ? 1_555 K ? C K . ? A K 202 ? 1_555 O   ? I HOH .   ? A HOH 389 ? 1_555 97.8  ? 
42 O3  ? H PGE .   ? A PGE 207 ? 1_555 K ? C K . ? A K 202 ? 1_555 O   ? I HOH .   ? A HOH 389 ? 1_555 77.4  ? 
43 O1  ? H PGE .   ? A PGE 207 ? 7_555 K ? C K . ? A K 202 ? 1_555 O   ? I HOH .   ? A HOH 389 ? 1_555 153.6 ? 
44 O2  ? H PGE .   ? A PGE 207 ? 7_555 K ? C K . ? A K 202 ? 1_555 O   ? I HOH .   ? A HOH 389 ? 1_555 97.8  ? 
45 O3  ? H PGE .   ? A PGE 207 ? 7_555 K ? C K . ? A K 202 ? 1_555 O   ? I HOH .   ? A HOH 389 ? 1_555 77.4  ? 
46 O4  ? H PGE .   ? A PGE 207 ? 7_555 K ? C K . ? A K 202 ? 1_555 O   ? I HOH .   ? A HOH 389 ? 1_555 59.2  ? 
47 O4  ? H PGE .   ? A PGE 207 ? 1_555 K ? C K . ? A K 202 ? 1_555 O   ? I HOH .   ? A HOH 389 ? 7_555 59.2  ? 
48 O1  ? H PGE .   ? A PGE 207 ? 1_555 K ? C K . ? A K 202 ? 1_555 O   ? I HOH .   ? A HOH 389 ? 7_555 153.6 ? 
49 O2  ? H PGE .   ? A PGE 207 ? 1_555 K ? C K . ? A K 202 ? 1_555 O   ? I HOH .   ? A HOH 389 ? 7_555 97.8  ? 
50 O3  ? H PGE .   ? A PGE 207 ? 1_555 K ? C K . ? A K 202 ? 1_555 O   ? I HOH .   ? A HOH 389 ? 7_555 77.4  ? 
51 O1  ? H PGE .   ? A PGE 207 ? 7_555 K ? C K . ? A K 202 ? 1_555 O   ? I HOH .   ? A HOH 389 ? 7_555 153.6 ? 
52 O2  ? H PGE .   ? A PGE 207 ? 7_555 K ? C K . ? A K 202 ? 1_555 O   ? I HOH .   ? A HOH 389 ? 7_555 97.8  ? 
53 O3  ? H PGE .   ? A PGE 207 ? 7_555 K ? C K . ? A K 202 ? 1_555 O   ? I HOH .   ? A HOH 389 ? 7_555 77.4  ? 
54 O4  ? H PGE .   ? A PGE 207 ? 7_555 K ? C K . ? A K 202 ? 1_555 O   ? I HOH .   ? A HOH 389 ? 7_555 59.2  ? 
55 O   ? I HOH .   ? A HOH 389 ? 1_555 K ? C K . ? A K 202 ? 1_555 O   ? I HOH .   ? A HOH 389 ? 7_555 0.0   ? 
# 
_struct_sheet.id               AA1 
_struct_sheet.type             ? 
_struct_sheet.number_strands   8 
_struct_sheet.details          ? 
# 
loop_
_struct_sheet_order.sheet_id 
_struct_sheet_order.range_id_1 
_struct_sheet_order.range_id_2 
_struct_sheet_order.offset 
_struct_sheet_order.sense 
AA1 1 2 ? anti-parallel 
AA1 2 3 ? anti-parallel 
AA1 3 4 ? anti-parallel 
AA1 4 5 ? anti-parallel 
AA1 5 6 ? anti-parallel 
AA1 6 7 ? anti-parallel 
AA1 7 8 ? anti-parallel 
# 
loop_
_struct_sheet_range.sheet_id 
_struct_sheet_range.id 
_struct_sheet_range.beg_label_comp_id 
_struct_sheet_range.beg_label_asym_id 
_struct_sheet_range.beg_label_seq_id 
_struct_sheet_range.pdbx_beg_PDB_ins_code 
_struct_sheet_range.end_label_comp_id 
_struct_sheet_range.end_label_asym_id 
_struct_sheet_range.end_label_seq_id 
_struct_sheet_range.pdbx_end_PDB_ins_code 
_struct_sheet_range.beg_auth_comp_id 
_struct_sheet_range.beg_auth_asym_id 
_struct_sheet_range.beg_auth_seq_id 
_struct_sheet_range.end_auth_comp_id 
_struct_sheet_range.end_auth_asym_id 
_struct_sheet_range.end_auth_seq_id 
AA1 1 PHE A 53  ? ILE A 57  ? PHE A 53  ILE A 57  
AA1 2 MET A 61  ? ALA A 64  ? MET A 61  ALA A 64  
AA1 3 PHE A 112 ? CYS A 115 ? PHE A 112 CYS A 115 
AA1 4 VAL A 97  ? MET A 100 ? VAL A 97  MET A 100 
AA1 5 VAL A 128 ? GLU A 134 ? VAL A 128 GLU A 134 
AA1 6 LYS A 15  ? LEU A 24  ? LYS A 15  LEU A 24  
AA1 7 LEU A 5   ? ALA A 12  ? LEU A 5   ALA A 12  
AA1 8 ILE A 156 ? GLN A 163 ? ILE A 156 GLN A 163 
# 
loop_
_pdbx_struct_sheet_hbond.sheet_id 
_pdbx_struct_sheet_hbond.range_id_1 
_pdbx_struct_sheet_hbond.range_id_2 
_pdbx_struct_sheet_hbond.range_1_label_atom_id 
_pdbx_struct_sheet_hbond.range_1_label_comp_id 
_pdbx_struct_sheet_hbond.range_1_label_asym_id 
_pdbx_struct_sheet_hbond.range_1_label_seq_id 
_pdbx_struct_sheet_hbond.range_1_PDB_ins_code 
_pdbx_struct_sheet_hbond.range_1_auth_atom_id 
_pdbx_struct_sheet_hbond.range_1_auth_comp_id 
_pdbx_struct_sheet_hbond.range_1_auth_asym_id 
_pdbx_struct_sheet_hbond.range_1_auth_seq_id 
_pdbx_struct_sheet_hbond.range_2_label_atom_id 
_pdbx_struct_sheet_hbond.range_2_label_comp_id 
_pdbx_struct_sheet_hbond.range_2_label_asym_id 
_pdbx_struct_sheet_hbond.range_2_label_seq_id 
_pdbx_struct_sheet_hbond.range_2_PDB_ins_code 
_pdbx_struct_sheet_hbond.range_2_auth_atom_id 
_pdbx_struct_sheet_hbond.range_2_auth_comp_id 
_pdbx_struct_sheet_hbond.range_2_auth_asym_id 
_pdbx_struct_sheet_hbond.range_2_auth_seq_id 
AA1 1 2 N ARG A 55  ? N ARG A 55  O GLN A 63  ? O GLN A 63  
AA1 2 3 N CYS A 62  ? N CYS A 62  O ILE A 114 ? O ILE A 114 
AA1 3 4 O PHE A 113 ? O PHE A 113 N SER A 99  ? N SER A 99  
AA1 4 5 N LEU A 98  ? N LEU A 98  O PHE A 129 ? O PHE A 129 
AA1 5 6 O ILE A 133 ? O ILE A 133 N VAL A 21  ? N VAL A 21  
AA1 6 7 O LEU A 17  ? O LEU A 17  N VAL A 10  ? N VAL A 10  
AA1 7 8 N ASP A 9   ? N ASP A 9   O ASP A 160 ? O ASP A 160 
# 
loop_
_struct_site.id 
_struct_site.pdbx_evidence_code 
_struct_site.pdbx_auth_asym_id 
_struct_site.pdbx_auth_comp_id 
_struct_site.pdbx_auth_seq_id 
_struct_site.pdbx_auth_ins_code 
_struct_site.pdbx_num_residues 
_struct_site.details 
AC1 Software A 4ZL 201 ? 10 'binding site for residue 4ZL A 201' 
AC2 Software A K   202 ? 4  'binding site for residue K A 202'   
AC3 Software A K   203 ? 5  'binding site for residue K A 203'   
AC4 Software A FMT 204 ? 8  'binding site for residue FMT A 204' 
AC5 Software A PG4 205 ? 4  'binding site for residue PG4 A 205' 
AC6 Software A EDO 206 ? 6  'binding site for residue EDO A 206' 
AC7 Software A PGE 207 ? 8  'binding site for residue PGE A 207' 
# 
loop_
_struct_site_gen.id 
_struct_site_gen.site_id 
_struct_site_gen.pdbx_num_res 
_struct_site_gen.label_comp_id 
_struct_site_gen.label_asym_id 
_struct_site_gen.label_seq_id 
_struct_site_gen.pdbx_auth_ins_code 
_struct_site_gen.auth_comp_id 
_struct_site_gen.auth_asym_id 
_struct_site_gen.auth_seq_id 
_struct_site_gen.label_atom_id 
_struct_site_gen.label_alt_id 
_struct_site_gen.symmetry 
_struct_site_gen.details 
1  AC1 10 ARG A 55  ? ARG A 55  . ? 1_555 ? 
2  AC1 10 GLN A 63  ? GLN A 63  . ? 1_555 ? 
3  AC1 10 GLY A 72  ? GLY A 72  . ? 1_555 ? 
4  AC1 10 ALA A 101 ? ALA A 101 . ? 1_555 ? 
5  AC1 10 ASN A 102 ? ASN A 102 . ? 1_555 ? 
6  AC1 10 GLN A 111 ? GLN A 111 . ? 1_555 ? 
7  AC1 10 PHE A 113 ? PHE A 113 . ? 1_555 ? 
8  AC1 10 HIS A 126 ? HIS A 126 . ? 1_555 ? 
9  AC1 10 HOH I .   ? HOH A 358 . ? 1_555 ? 
10 AC1 10 HOH I .   ? HOH A 366 . ? 1_555 ? 
11 AC2 4  PGE H .   ? PGE A 207 . ? 7_555 ? 
12 AC2 4  PGE H .   ? PGE A 207 . ? 1_555 ? 
13 AC2 4  HOH I .   ? HOH A 389 . ? 7_555 ? 
14 AC2 4  HOH I .   ? HOH A 389 . ? 1_555 ? 
15 AC3 5  TYR A 7   ? TYR A 7   . ? 1_555 ? 
16 AC3 5  ASP A 160 ? ASP A 160 . ? 1_555 ? 
17 AC3 5  CYS A 161 ? CYS A 161 . ? 1_555 ? 
18 AC3 5  FMT E .   ? FMT A 204 . ? 1_555 ? 
19 AC3 5  HOH I .   ? HOH A 316 . ? 1_555 ? 
20 AC4 8  CYS A 40  ? CYS A 40  . ? 1_555 ? 
21 AC4 8  THR A 41  ? THR A 41  . ? 1_555 ? 
22 AC4 8  LYS A 49  ? LYS A 49  . ? 1_555 ? 
23 AC4 8  CYS A 161 ? CYS A 161 . ? 1_555 ? 
24 AC4 8  K   D .   ? K   A 203 . ? 1_555 ? 
25 AC4 8  HOH I .   ? HOH A 312 . ? 1_555 ? 
26 AC4 8  HOH I .   ? HOH A 315 . ? 1_555 ? 
27 AC4 8  HOH I .   ? HOH A 316 . ? 1_555 ? 
28 AC5 4  TYR A 79  ? TYR A 79  . ? 6_545 ? 
29 AC5 4  PRO A 95  ? PRO A 95  . ? 1_555 ? 
30 AC5 4  HIS A 131 ? HIS A 131 . ? 1_555 ? 
31 AC5 4  HOH I .   ? HOH A 353 . ? 1_555 ? 
32 AC6 6  ASP A 85  ? ASP A 85  . ? 1_555 ? 
33 AC6 6  GLU A 86  ? GLU A 86  . ? 1_555 ? 
34 AC6 6  HOH I .   ? HOH A 306 . ? 1_555 ? 
35 AC6 6  HOH I .   ? HOH A 326 . ? 6_445 ? 
36 AC6 6  HOH I .   ? HOH A 386 . ? 1_555 ? 
37 AC6 6  HOH I .   ? HOH A 395 . ? 1_555 ? 
38 AC7 8  PRO A 58  ? PRO A 58  . ? 1_555 ? 
39 AC7 8  SER A 59  ? SER A 59  . ? 1_555 ? 
40 AC7 8  TRP A 121 ? TRP A 121 . ? 1_555 ? 
41 AC7 8  LYS A 148 ? LYS A 148 . ? 7_555 ? 
42 AC7 8  K   C .   ? K   A 202 . ? 1_555 ? 
43 AC7 8  K   C .   ? K   A 202 . ? 7_555 ? 
44 AC7 8  HOH I .   ? HOH A 389 . ? 7_555 ? 
45 AC7 8  HOH I .   ? HOH A 389 . ? 1_555 ? 
# 
_pdbx_validate_close_contact.id               1 
_pdbx_validate_close_contact.PDB_model_num    1 
_pdbx_validate_close_contact.auth_atom_id_1   OD1 
_pdbx_validate_close_contact.auth_asym_id_1   A 
_pdbx_validate_close_contact.auth_comp_id_1   ASP 
_pdbx_validate_close_contact.auth_seq_id_1    11 
_pdbx_validate_close_contact.PDB_ins_code_1   ? 
_pdbx_validate_close_contact.label_alt_id_1   ? 
_pdbx_validate_close_contact.auth_atom_id_2   O 
_pdbx_validate_close_contact.auth_asym_id_2   A 
_pdbx_validate_close_contact.auth_comp_id_2   HOH 
_pdbx_validate_close_contact.auth_seq_id_2    301 
_pdbx_validate_close_contact.PDB_ins_code_2   ? 
_pdbx_validate_close_contact.label_alt_id_2   ? 
_pdbx_validate_close_contact.dist             2.01 
# 
_pdbx_validate_symm_contact.id                1 
_pdbx_validate_symm_contact.PDB_model_num     1 
_pdbx_validate_symm_contact.auth_atom_id_1    O 
_pdbx_validate_symm_contact.auth_asym_id_1    A 
_pdbx_validate_symm_contact.auth_comp_id_1    HOH 
_pdbx_validate_symm_contact.auth_seq_id_1     366 
_pdbx_validate_symm_contact.PDB_ins_code_1    ? 
_pdbx_validate_symm_contact.label_alt_id_1    ? 
_pdbx_validate_symm_contact.site_symmetry_1   1_555 
_pdbx_validate_symm_contact.auth_atom_id_2    O 
_pdbx_validate_symm_contact.auth_asym_id_2    A 
_pdbx_validate_symm_contact.auth_comp_id_2    HOH 
_pdbx_validate_symm_contact.auth_seq_id_2     366 
_pdbx_validate_symm_contact.PDB_ins_code_2    ? 
_pdbx_validate_symm_contact.label_alt_id_2    ? 
_pdbx_validate_symm_contact.site_symmetry_2   7_555 
_pdbx_validate_symm_contact.dist              1.71 
# 
loop_
_pdbx_validate_rmsd_bond.id 
_pdbx_validate_rmsd_bond.PDB_model_num 
_pdbx_validate_rmsd_bond.auth_atom_id_1 
_pdbx_validate_rmsd_bond.auth_asym_id_1 
_pdbx_validate_rmsd_bond.auth_comp_id_1 
_pdbx_validate_rmsd_bond.auth_seq_id_1 
_pdbx_validate_rmsd_bond.PDB_ins_code_1 
_pdbx_validate_rmsd_bond.label_alt_id_1 
_pdbx_validate_rmsd_bond.auth_atom_id_2 
_pdbx_validate_rmsd_bond.auth_asym_id_2 
_pdbx_validate_rmsd_bond.auth_comp_id_2 
_pdbx_validate_rmsd_bond.auth_seq_id_2 
_pdbx_validate_rmsd_bond.PDB_ins_code_2 
_pdbx_validate_rmsd_bond.label_alt_id_2 
_pdbx_validate_rmsd_bond.bond_value 
_pdbx_validate_rmsd_bond.bond_target_value 
_pdbx_validate_rmsd_bond.bond_deviation 
_pdbx_validate_rmsd_bond.bond_standard_deviation 
_pdbx_validate_rmsd_bond.linker_flag 
1 1 CD A GLU 43 ? ? OE1 A GLU 43 ? ? 1.326 1.252 0.074  0.011 N 
2 1 CD A ARG 55 ? ? NE  A ARG 55 ? ? 1.345 1.460 -0.115 0.017 N 
# 
loop_
_pdbx_validate_rmsd_angle.id 
_pdbx_validate_rmsd_angle.PDB_model_num 
_pdbx_validate_rmsd_angle.auth_atom_id_1 
_pdbx_validate_rmsd_angle.auth_asym_id_1 
_pdbx_validate_rmsd_angle.auth_comp_id_1 
_pdbx_validate_rmsd_angle.auth_seq_id_1 
_pdbx_validate_rmsd_angle.PDB_ins_code_1 
_pdbx_validate_rmsd_angle.label_alt_id_1 
_pdbx_validate_rmsd_angle.auth_atom_id_2 
_pdbx_validate_rmsd_angle.auth_asym_id_2 
_pdbx_validate_rmsd_angle.auth_comp_id_2 
_pdbx_validate_rmsd_angle.auth_seq_id_2 
_pdbx_validate_rmsd_angle.PDB_ins_code_2 
_pdbx_validate_rmsd_angle.label_alt_id_2 
_pdbx_validate_rmsd_angle.auth_atom_id_3 
_pdbx_validate_rmsd_angle.auth_asym_id_3 
_pdbx_validate_rmsd_angle.auth_comp_id_3 
_pdbx_validate_rmsd_angle.auth_seq_id_3 
_pdbx_validate_rmsd_angle.PDB_ins_code_3 
_pdbx_validate_rmsd_angle.label_alt_id_3 
_pdbx_validate_rmsd_angle.angle_value 
_pdbx_validate_rmsd_angle.angle_target_value 
_pdbx_validate_rmsd_angle.angle_deviation 
_pdbx_validate_rmsd_angle.angle_standard_deviation 
_pdbx_validate_rmsd_angle.linker_flag 
1 1 CB A ASP 9   ? ? CG A ASP 9   ? ? OD2 A ASP 9   ? ? 112.83 118.30 -5.47 0.90 N 
2 1 CD A LYS 15  ? ? CE A LYS 15  ? ? NZ  A LYS 15  ? ? 129.79 111.70 18.09 2.30 N 
3 1 CB A ASP 27  ? ? CG A ASP 27  ? ? OD1 A ASP 27  ? ? 123.97 118.30 5.67  0.90 N 
4 1 NE A ARG 37  ? ? CZ A ARG 37  ? ? NH1 A ARG 37  ? ? 128.05 120.30 7.75  0.50 N 
5 1 NE A ARG 37  ? ? CZ A ARG 37  ? ? NH2 A ARG 37  ? ? 114.47 120.30 -5.83 0.50 N 
6 1 NE A ARG 55  ? ? CZ A ARG 55  ? ? NH1 A ARG 55  ? ? 114.64 120.30 -5.66 0.50 N 
7 1 NE A ARG 55  ? ? CZ A ARG 55  ? ? NH2 A ARG 55  ? ? 124.53 120.30 4.23  0.50 N 
8 1 NE A ARG 151 ? ? CZ A ARG 151 ? ? NH2 A ARG 151 ? ? 117.14 120.30 -3.16 0.50 N 
# 
loop_
_pdbx_validate_torsion.id 
_pdbx_validate_torsion.PDB_model_num 
_pdbx_validate_torsion.auth_comp_id 
_pdbx_validate_torsion.auth_asym_id 
_pdbx_validate_torsion.auth_seq_id 
_pdbx_validate_torsion.PDB_ins_code 
_pdbx_validate_torsion.label_alt_id 
_pdbx_validate_torsion.phi 
_pdbx_validate_torsion.psi 
1 1 PHE A 60  ? ? -142.56 -80.03 
2 1 THR A 119 ? ? -116.73 54.09  
# 
loop_
_pdbx_struct_special_symmetry.id 
_pdbx_struct_special_symmetry.PDB_model_num 
_pdbx_struct_special_symmetry.auth_asym_id 
_pdbx_struct_special_symmetry.auth_comp_id 
_pdbx_struct_special_symmetry.auth_seq_id 
_pdbx_struct_special_symmetry.PDB_ins_code 
_pdbx_struct_special_symmetry.label_asym_id 
_pdbx_struct_special_symmetry.label_comp_id 
_pdbx_struct_special_symmetry.label_seq_id 
1 1 A K   202 ? C K   . 
2 1 A HOH 389 ? I HOH . 
# 
_pdbx_unobs_or_zero_occ_residues.id               1 
_pdbx_unobs_or_zero_occ_residues.PDB_model_num    1 
_pdbx_unobs_or_zero_occ_residues.polymer_flag     Y 
_pdbx_unobs_or_zero_occ_residues.occupancy_flag   1 
_pdbx_unobs_or_zero_occ_residues.auth_asym_id     A 
_pdbx_unobs_or_zero_occ_residues.auth_comp_id     MET 
_pdbx_unobs_or_zero_occ_residues.auth_seq_id      1 
_pdbx_unobs_or_zero_occ_residues.PDB_ins_code     ? 
_pdbx_unobs_or_zero_occ_residues.label_asym_id    A 
_pdbx_unobs_or_zero_occ_residues.label_comp_id    MET 
_pdbx_unobs_or_zero_occ_residues.label_seq_id     1 
# 
loop_
_chem_comp_atom.comp_id 
_chem_comp_atom.atom_id 
_chem_comp_atom.type_symbol 
_chem_comp_atom.pdbx_aromatic_flag 
_chem_comp_atom.pdbx_stereo_config 
_chem_comp_atom.pdbx_ordinal 
4ZL CAA  C Y N 1   
4ZL CAB  C Y N 2   
4ZL CAC  C Y N 3   
4ZL CAD  C Y N 4   
4ZL CAE  C Y N 5   
4ZL CAF  C Y N 6   
4ZL CAG  C N N 7   
4ZL NAH  N N N 8   
4ZL CAI  C N N 9   
4ZL OAO  O N N 10  
4ZL NAJ  N N N 11  
4ZL CAK  C N N 12  
4ZL CAL  C N N 13  
4ZL OAQ  O N N 14  
4ZL OAM  O N N 15  
4ZL CAN  C N N 16  
4ZL CAP  C N N 17  
4ZL H1   H N N 18  
4ZL H2   H N N 19  
4ZL H3   H N N 20  
4ZL H4   H N N 21  
4ZL H5   H N N 22  
4ZL H6   H N N 23  
4ZL H7   H N N 24  
4ZL H8   H N N 25  
4ZL H9   H N N 26  
4ZL H10  H N N 27  
4ZL H11  H N N 28  
4ZL H12  H N N 29  
4ZL H13  H N N 30  
4ZL H14  H N N 31  
4ZL H15  H N N 32  
4ZL H16  H N N 33  
ALA N    N N N 34  
ALA CA   C N S 35  
ALA C    C N N 36  
ALA O    O N N 37  
ALA CB   C N N 38  
ALA OXT  O N N 39  
ALA H    H N N 40  
ALA H2   H N N 41  
ALA HA   H N N 42  
ALA HB1  H N N 43  
ALA HB2  H N N 44  
ALA HB3  H N N 45  
ALA HXT  H N N 46  
ARG N    N N N 47  
ARG CA   C N S 48  
ARG C    C N N 49  
ARG O    O N N 50  
ARG CB   C N N 51  
ARG CG   C N N 52  
ARG CD   C N N 53  
ARG NE   N N N 54  
ARG CZ   C N N 55  
ARG NH1  N N N 56  
ARG NH2  N N N 57  
ARG OXT  O N N 58  
ARG H    H N N 59  
ARG H2   H N N 60  
ARG HA   H N N 61  
ARG HB2  H N N 62  
ARG HB3  H N N 63  
ARG HG2  H N N 64  
ARG HG3  H N N 65  
ARG HD2  H N N 66  
ARG HD3  H N N 67  
ARG HE   H N N 68  
ARG HH11 H N N 69  
ARG HH12 H N N 70  
ARG HH21 H N N 71  
ARG HH22 H N N 72  
ARG HXT  H N N 73  
ASN N    N N N 74  
ASN CA   C N S 75  
ASN C    C N N 76  
ASN O    O N N 77  
ASN CB   C N N 78  
ASN CG   C N N 79  
ASN OD1  O N N 80  
ASN ND2  N N N 81  
ASN OXT  O N N 82  
ASN H    H N N 83  
ASN H2   H N N 84  
ASN HA   H N N 85  
ASN HB2  H N N 86  
ASN HB3  H N N 87  
ASN HD21 H N N 88  
ASN HD22 H N N 89  
ASN HXT  H N N 90  
ASP N    N N N 91  
ASP CA   C N S 92  
ASP C    C N N 93  
ASP O    O N N 94  
ASP CB   C N N 95  
ASP CG   C N N 96  
ASP OD1  O N N 97  
ASP OD2  O N N 98  
ASP OXT  O N N 99  
ASP H    H N N 100 
ASP H2   H N N 101 
ASP HA   H N N 102 
ASP HB2  H N N 103 
ASP HB3  H N N 104 
ASP HD2  H N N 105 
ASP HXT  H N N 106 
CYS N    N N N 107 
CYS CA   C N R 108 
CYS C    C N N 109 
CYS O    O N N 110 
CYS CB   C N N 111 
CYS SG   S N N 112 
CYS OXT  O N N 113 
CYS H    H N N 114 
CYS H2   H N N 115 
CYS HA   H N N 116 
CYS HB2  H N N 117 
CYS HB3  H N N 118 
CYS HG   H N N 119 
CYS HXT  H N N 120 
EDO C1   C N N 121 
EDO O1   O N N 122 
EDO C2   C N N 123 
EDO O2   O N N 124 
EDO H11  H N N 125 
EDO H12  H N N 126 
EDO HO1  H N N 127 
EDO H21  H N N 128 
EDO H22  H N N 129 
EDO HO2  H N N 130 
FMT C    C N N 131 
FMT O1   O N N 132 
FMT O2   O N N 133 
FMT H    H N N 134 
FMT HO2  H N N 135 
GLN N    N N N 136 
GLN CA   C N S 137 
GLN C    C N N 138 
GLN O    O N N 139 
GLN CB   C N N 140 
GLN CG   C N N 141 
GLN CD   C N N 142 
GLN OE1  O N N 143 
GLN NE2  N N N 144 
GLN OXT  O N N 145 
GLN H    H N N 146 
GLN H2   H N N 147 
GLN HA   H N N 148 
GLN HB2  H N N 149 
GLN HB3  H N N 150 
GLN HG2  H N N 151 
GLN HG3  H N N 152 
GLN HE21 H N N 153 
GLN HE22 H N N 154 
GLN HXT  H N N 155 
GLU N    N N N 156 
GLU CA   C N S 157 
GLU C    C N N 158 
GLU O    O N N 159 
GLU CB   C N N 160 
GLU CG   C N N 161 
GLU CD   C N N 162 
GLU OE1  O N N 163 
GLU OE2  O N N 164 
GLU OXT  O N N 165 
GLU H    H N N 166 
GLU H2   H N N 167 
GLU HA   H N N 168 
GLU HB2  H N N 169 
GLU HB3  H N N 170 
GLU HG2  H N N 171 
GLU HG3  H N N 172 
GLU HE2  H N N 173 
GLU HXT  H N N 174 
GLY N    N N N 175 
GLY CA   C N N 176 
GLY C    C N N 177 
GLY O    O N N 178 
GLY OXT  O N N 179 
GLY H    H N N 180 
GLY H2   H N N 181 
GLY HA2  H N N 182 
GLY HA3  H N N 183 
GLY HXT  H N N 184 
HIS N    N N N 185 
HIS CA   C N S 186 
HIS C    C N N 187 
HIS O    O N N 188 
HIS CB   C N N 189 
HIS CG   C Y N 190 
HIS ND1  N Y N 191 
HIS CD2  C Y N 192 
HIS CE1  C Y N 193 
HIS NE2  N Y N 194 
HIS OXT  O N N 195 
HIS H    H N N 196 
HIS H2   H N N 197 
HIS HA   H N N 198 
HIS HB2  H N N 199 
HIS HB3  H N N 200 
HIS HD1  H N N 201 
HIS HD2  H N N 202 
HIS HE1  H N N 203 
HIS HE2  H N N 204 
HIS HXT  H N N 205 
HOH O    O N N 206 
HOH H1   H N N 207 
HOH H2   H N N 208 
ILE N    N N N 209 
ILE CA   C N S 210 
ILE C    C N N 211 
ILE O    O N N 212 
ILE CB   C N S 213 
ILE CG1  C N N 214 
ILE CG2  C N N 215 
ILE CD1  C N N 216 
ILE OXT  O N N 217 
ILE H    H N N 218 
ILE H2   H N N 219 
ILE HA   H N N 220 
ILE HB   H N N 221 
ILE HG12 H N N 222 
ILE HG13 H N N 223 
ILE HG21 H N N 224 
ILE HG22 H N N 225 
ILE HG23 H N N 226 
ILE HD11 H N N 227 
ILE HD12 H N N 228 
ILE HD13 H N N 229 
ILE HXT  H N N 230 
K   K    K N N 231 
LEU N    N N N 232 
LEU CA   C N S 233 
LEU C    C N N 234 
LEU O    O N N 235 
LEU CB   C N N 236 
LEU CG   C N N 237 
LEU CD1  C N N 238 
LEU CD2  C N N 239 
LEU OXT  O N N 240 
LEU H    H N N 241 
LEU H2   H N N 242 
LEU HA   H N N 243 
LEU HB2  H N N 244 
LEU HB3  H N N 245 
LEU HG   H N N 246 
LEU HD11 H N N 247 
LEU HD12 H N N 248 
LEU HD13 H N N 249 
LEU HD21 H N N 250 
LEU HD22 H N N 251 
LEU HD23 H N N 252 
LEU HXT  H N N 253 
LYS N    N N N 254 
LYS CA   C N S 255 
LYS C    C N N 256 
LYS O    O N N 257 
LYS CB   C N N 258 
LYS CG   C N N 259 
LYS CD   C N N 260 
LYS CE   C N N 261 
LYS NZ   N N N 262 
LYS OXT  O N N 263 
LYS H    H N N 264 
LYS H2   H N N 265 
LYS HA   H N N 266 
LYS HB2  H N N 267 
LYS HB3  H N N 268 
LYS HG2  H N N 269 
LYS HG3  H N N 270 
LYS HD2  H N N 271 
LYS HD3  H N N 272 
LYS HE2  H N N 273 
LYS HE3  H N N 274 
LYS HZ1  H N N 275 
LYS HZ2  H N N 276 
LYS HZ3  H N N 277 
LYS HXT  H N N 278 
MET N    N N N 279 
MET CA   C N S 280 
MET C    C N N 281 
MET O    O N N 282 
MET CB   C N N 283 
MET CG   C N N 284 
MET SD   S N N 285 
MET CE   C N N 286 
MET OXT  O N N 287 
MET H    H N N 288 
MET H2   H N N 289 
MET HA   H N N 290 
MET HB2  H N N 291 
MET HB3  H N N 292 
MET HG2  H N N 293 
MET HG3  H N N 294 
MET HE1  H N N 295 
MET HE2  H N N 296 
MET HE3  H N N 297 
MET HXT  H N N 298 
PG4 O1   O N N 299 
PG4 C1   C N N 300 
PG4 C2   C N N 301 
PG4 O2   O N N 302 
PG4 C3   C N N 303 
PG4 C4   C N N 304 
PG4 O3   O N N 305 
PG4 C5   C N N 306 
PG4 C6   C N N 307 
PG4 O4   O N N 308 
PG4 C7   C N N 309 
PG4 C8   C N N 310 
PG4 O5   O N N 311 
PG4 HO1  H N N 312 
PG4 H11  H N N 313 
PG4 H12  H N N 314 
PG4 H21  H N N 315 
PG4 H22  H N N 316 
PG4 H31  H N N 317 
PG4 H32  H N N 318 
PG4 H41  H N N 319 
PG4 H42  H N N 320 
PG4 H51  H N N 321 
PG4 H52  H N N 322 
PG4 H61  H N N 323 
PG4 H62  H N N 324 
PG4 H71  H N N 325 
PG4 H72  H N N 326 
PG4 H81  H N N 327 
PG4 H82  H N N 328 
PG4 HO5  H N N 329 
PGE C1   C N N 330 
PGE O1   O N N 331 
PGE C2   C N N 332 
PGE O2   O N N 333 
PGE C3   C N N 334 
PGE C4   C N N 335 
PGE O4   O N N 336 
PGE C6   C N N 337 
PGE C5   C N N 338 
PGE O3   O N N 339 
PGE H1   H N N 340 
PGE H12  H N N 341 
PGE HO1  H N N 342 
PGE H2   H N N 343 
PGE H22  H N N 344 
PGE H3   H N N 345 
PGE H32  H N N 346 
PGE H4   H N N 347 
PGE H42  H N N 348 
PGE HO4  H N N 349 
PGE H6   H N N 350 
PGE H62  H N N 351 
PGE H5   H N N 352 
PGE H52  H N N 353 
PHE N    N N N 354 
PHE CA   C N S 355 
PHE C    C N N 356 
PHE O    O N N 357 
PHE CB   C N N 358 
PHE CG   C Y N 359 
PHE CD1  C Y N 360 
PHE CD2  C Y N 361 
PHE CE1  C Y N 362 
PHE CE2  C Y N 363 
PHE CZ   C Y N 364 
PHE OXT  O N N 365 
PHE H    H N N 366 
PHE H2   H N N 367 
PHE HA   H N N 368 
PHE HB2  H N N 369 
PHE HB3  H N N 370 
PHE HD1  H N N 371 
PHE HD2  H N N 372 
PHE HE1  H N N 373 
PHE HE2  H N N 374 
PHE HZ   H N N 375 
PHE HXT  H N N 376 
PRO N    N N N 377 
PRO CA   C N S 378 
PRO C    C N N 379 
PRO O    O N N 380 
PRO CB   C N N 381 
PRO CG   C N N 382 
PRO CD   C N N 383 
PRO OXT  O N N 384 
PRO H    H N N 385 
PRO HA   H N N 386 
PRO HB2  H N N 387 
PRO HB3  H N N 388 
PRO HG2  H N N 389 
PRO HG3  H N N 390 
PRO HD2  H N N 391 
PRO HD3  H N N 392 
PRO HXT  H N N 393 
SER N    N N N 394 
SER CA   C N S 395 
SER C    C N N 396 
SER O    O N N 397 
SER CB   C N N 398 
SER OG   O N N 399 
SER OXT  O N N 400 
SER H    H N N 401 
SER H2   H N N 402 
SER HA   H N N 403 
SER HB2  H N N 404 
SER HB3  H N N 405 
SER HG   H N N 406 
SER HXT  H N N 407 
THR N    N N N 408 
THR CA   C N S 409 
THR C    C N N 410 
THR O    O N N 411 
THR CB   C N R 412 
THR OG1  O N N 413 
THR CG2  C N N 414 
THR OXT  O N N 415 
THR H    H N N 416 
THR H2   H N N 417 
THR HA   H N N 418 
THR HB   H N N 419 
THR HG1  H N N 420 
THR HG21 H N N 421 
THR HG22 H N N 422 
THR HG23 H N N 423 
THR HXT  H N N 424 
TRP N    N N N 425 
TRP CA   C N S 426 
TRP C    C N N 427 
TRP O    O N N 428 
TRP CB   C N N 429 
TRP CG   C Y N 430 
TRP CD1  C Y N 431 
TRP CD2  C Y N 432 
TRP NE1  N Y N 433 
TRP CE2  C Y N 434 
TRP CE3  C Y N 435 
TRP CZ2  C Y N 436 
TRP CZ3  C Y N 437 
TRP CH2  C Y N 438 
TRP OXT  O N N 439 
TRP H    H N N 440 
TRP H2   H N N 441 
TRP HA   H N N 442 
TRP HB2  H N N 443 
TRP HB3  H N N 444 
TRP HD1  H N N 445 
TRP HE1  H N N 446 
TRP HE3  H N N 447 
TRP HZ2  H N N 448 
TRP HZ3  H N N 449 
TRP HH2  H N N 450 
TRP HXT  H N N 451 
TYR N    N N N 452 
TYR CA   C N S 453 
TYR C    C N N 454 
TYR O    O N N 455 
TYR CB   C N N 456 
TYR CG   C Y N 457 
TYR CD1  C Y N 458 
TYR CD2  C Y N 459 
TYR CE1  C Y N 460 
TYR CE2  C Y N 461 
TYR CZ   C Y N 462 
TYR OH   O N N 463 
TYR OXT  O N N 464 
TYR H    H N N 465 
TYR H2   H N N 466 
TYR HA   H N N 467 
TYR HB2  H N N 468 
TYR HB3  H N N 469 
TYR HD1  H N N 470 
TYR HD2  H N N 471 
TYR HE1  H N N 472 
TYR HE2  H N N 473 
TYR HH   H N N 474 
TYR HXT  H N N 475 
VAL N    N N N 476 
VAL CA   C N S 477 
VAL C    C N N 478 
VAL O    O N N 479 
VAL CB   C N N 480 
VAL CG1  C N N 481 
VAL CG2  C N N 482 
VAL OXT  O N N 483 
VAL H    H N N 484 
VAL H2   H N N 485 
VAL HA   H N N 486 
VAL HB   H N N 487 
VAL HG11 H N N 488 
VAL HG12 H N N 489 
VAL HG13 H N N 490 
VAL HG21 H N N 491 
VAL HG22 H N N 492 
VAL HG23 H N N 493 
VAL HXT  H N N 494 
# 
loop_
_chem_comp_bond.comp_id 
_chem_comp_bond.atom_id_1 
_chem_comp_bond.atom_id_2 
_chem_comp_bond.value_order 
_chem_comp_bond.pdbx_aromatic_flag 
_chem_comp_bond.pdbx_stereo_config 
_chem_comp_bond.pdbx_ordinal 
4ZL OAO CAI  doub N N 1   
4ZL CAG NAH  sing N N 2   
4ZL CAG CAF  sing N N 3   
4ZL CAI NAH  sing N N 4   
4ZL CAI NAJ  sing N N 5   
4ZL CAE CAF  doub Y N 6   
4ZL CAE CAD  sing Y N 7   
4ZL CAF CAA  sing Y N 8   
4ZL CAK NAJ  sing N N 9   
4ZL CAK CAL  sing N N 10  
4ZL CAD CAC  doub Y N 11  
4ZL OAM CAL  sing N N 12  
4ZL OAM CAN  sing N N 13  
4ZL CAL OAQ  doub N N 14  
4ZL CAA CAB  doub Y N 15  
4ZL CAP CAN  sing N N 16  
4ZL CAC CAB  sing Y N 17  
4ZL CAA H1   sing N N 18  
4ZL CAB H2   sing N N 19  
4ZL CAC H3   sing N N 20  
4ZL CAD H4   sing N N 21  
4ZL CAE H5   sing N N 22  
4ZL CAG H6   sing N N 23  
4ZL CAG H7   sing N N 24  
4ZL NAH H8   sing N N 25  
4ZL NAJ H9   sing N N 26  
4ZL CAK H10  sing N N 27  
4ZL CAK H11  sing N N 28  
4ZL CAN H12  sing N N 29  
4ZL CAN H13  sing N N 30  
4ZL CAP H14  sing N N 31  
4ZL CAP H15  sing N N 32  
4ZL CAP H16  sing N N 33  
ALA N   CA   sing N N 34  
ALA N   H    sing N N 35  
ALA N   H2   sing N N 36  
ALA CA  C    sing N N 37  
ALA CA  CB   sing N N 38  
ALA CA  HA   sing N N 39  
ALA C   O    doub N N 40  
ALA C   OXT  sing N N 41  
ALA CB  HB1  sing N N 42  
ALA CB  HB2  sing N N 43  
ALA CB  HB3  sing N N 44  
ALA OXT HXT  sing N N 45  
ARG N   CA   sing N N 46  
ARG N   H    sing N N 47  
ARG N   H2   sing N N 48  
ARG CA  C    sing N N 49  
ARG CA  CB   sing N N 50  
ARG CA  HA   sing N N 51  
ARG C   O    doub N N 52  
ARG C   OXT  sing N N 53  
ARG CB  CG   sing N N 54  
ARG CB  HB2  sing N N 55  
ARG CB  HB3  sing N N 56  
ARG CG  CD   sing N N 57  
ARG CG  HG2  sing N N 58  
ARG CG  HG3  sing N N 59  
ARG CD  NE   sing N N 60  
ARG CD  HD2  sing N N 61  
ARG CD  HD3  sing N N 62  
ARG NE  CZ   sing N N 63  
ARG NE  HE   sing N N 64  
ARG CZ  NH1  sing N N 65  
ARG CZ  NH2  doub N N 66  
ARG NH1 HH11 sing N N 67  
ARG NH1 HH12 sing N N 68  
ARG NH2 HH21 sing N N 69  
ARG NH2 HH22 sing N N 70  
ARG OXT HXT  sing N N 71  
ASN N   CA   sing N N 72  
ASN N   H    sing N N 73  
ASN N   H2   sing N N 74  
ASN CA  C    sing N N 75  
ASN CA  CB   sing N N 76  
ASN CA  HA   sing N N 77  
ASN C   O    doub N N 78  
ASN C   OXT  sing N N 79  
ASN CB  CG   sing N N 80  
ASN CB  HB2  sing N N 81  
ASN CB  HB3  sing N N 82  
ASN CG  OD1  doub N N 83  
ASN CG  ND2  sing N N 84  
ASN ND2 HD21 sing N N 85  
ASN ND2 HD22 sing N N 86  
ASN OXT HXT  sing N N 87  
ASP N   CA   sing N N 88  
ASP N   H    sing N N 89  
ASP N   H2   sing N N 90  
ASP CA  C    sing N N 91  
ASP CA  CB   sing N N 92  
ASP CA  HA   sing N N 93  
ASP C   O    doub N N 94  
ASP C   OXT  sing N N 95  
ASP CB  CG   sing N N 96  
ASP CB  HB2  sing N N 97  
ASP CB  HB3  sing N N 98  
ASP CG  OD1  doub N N 99  
ASP CG  OD2  sing N N 100 
ASP OD2 HD2  sing N N 101 
ASP OXT HXT  sing N N 102 
CYS N   CA   sing N N 103 
CYS N   H    sing N N 104 
CYS N   H2   sing N N 105 
CYS CA  C    sing N N 106 
CYS CA  CB   sing N N 107 
CYS CA  HA   sing N N 108 
CYS C   O    doub N N 109 
CYS C   OXT  sing N N 110 
CYS CB  SG   sing N N 111 
CYS CB  HB2  sing N N 112 
CYS CB  HB3  sing N N 113 
CYS SG  HG   sing N N 114 
CYS OXT HXT  sing N N 115 
EDO C1  O1   sing N N 116 
EDO C1  C2   sing N N 117 
EDO C1  H11  sing N N 118 
EDO C1  H12  sing N N 119 
EDO O1  HO1  sing N N 120 
EDO C2  O2   sing N N 121 
EDO C2  H21  sing N N 122 
EDO C2  H22  sing N N 123 
EDO O2  HO2  sing N N 124 
FMT C   O1   doub N N 125 
FMT C   O2   sing N N 126 
FMT C   H    sing N N 127 
FMT O2  HO2  sing N N 128 
GLN N   CA   sing N N 129 
GLN N   H    sing N N 130 
GLN N   H2   sing N N 131 
GLN CA  C    sing N N 132 
GLN CA  CB   sing N N 133 
GLN CA  HA   sing N N 134 
GLN C   O    doub N N 135 
GLN C   OXT  sing N N 136 
GLN CB  CG   sing N N 137 
GLN CB  HB2  sing N N 138 
GLN CB  HB3  sing N N 139 
GLN CG  CD   sing N N 140 
GLN CG  HG2  sing N N 141 
GLN CG  HG3  sing N N 142 
GLN CD  OE1  doub N N 143 
GLN CD  NE2  sing N N 144 
GLN NE2 HE21 sing N N 145 
GLN NE2 HE22 sing N N 146 
GLN OXT HXT  sing N N 147 
GLU N   CA   sing N N 148 
GLU N   H    sing N N 149 
GLU N   H2   sing N N 150 
GLU CA  C    sing N N 151 
GLU CA  CB   sing N N 152 
GLU CA  HA   sing N N 153 
GLU C   O    doub N N 154 
GLU C   OXT  sing N N 155 
GLU CB  CG   sing N N 156 
GLU CB  HB2  sing N N 157 
GLU CB  HB3  sing N N 158 
GLU CG  CD   sing N N 159 
GLU CG  HG2  sing N N 160 
GLU CG  HG3  sing N N 161 
GLU CD  OE1  doub N N 162 
GLU CD  OE2  sing N N 163 
GLU OE2 HE2  sing N N 164 
GLU OXT HXT  sing N N 165 
GLY N   CA   sing N N 166 
GLY N   H    sing N N 167 
GLY N   H2   sing N N 168 
GLY CA  C    sing N N 169 
GLY CA  HA2  sing N N 170 
GLY CA  HA3  sing N N 171 
GLY C   O    doub N N 172 
GLY C   OXT  sing N N 173 
GLY OXT HXT  sing N N 174 
HIS N   CA   sing N N 175 
HIS N   H    sing N N 176 
HIS N   H2   sing N N 177 
HIS CA  C    sing N N 178 
HIS CA  CB   sing N N 179 
HIS CA  HA   sing N N 180 
HIS C   O    doub N N 181 
HIS C   OXT  sing N N 182 
HIS CB  CG   sing N N 183 
HIS CB  HB2  sing N N 184 
HIS CB  HB3  sing N N 185 
HIS CG  ND1  sing Y N 186 
HIS CG  CD2  doub Y N 187 
HIS ND1 CE1  doub Y N 188 
HIS ND1 HD1  sing N N 189 
HIS CD2 NE2  sing Y N 190 
HIS CD2 HD2  sing N N 191 
HIS CE1 NE2  sing Y N 192 
HIS CE1 HE1  sing N N 193 
HIS NE2 HE2  sing N N 194 
HIS OXT HXT  sing N N 195 
HOH O   H1   sing N N 196 
HOH O   H2   sing N N 197 
ILE N   CA   sing N N 198 
ILE N   H    sing N N 199 
ILE N   H2   sing N N 200 
ILE CA  C    sing N N 201 
ILE CA  CB   sing N N 202 
ILE CA  HA   sing N N 203 
ILE C   O    doub N N 204 
ILE C   OXT  sing N N 205 
ILE CB  CG1  sing N N 206 
ILE CB  CG2  sing N N 207 
ILE CB  HB   sing N N 208 
ILE CG1 CD1  sing N N 209 
ILE CG1 HG12 sing N N 210 
ILE CG1 HG13 sing N N 211 
ILE CG2 HG21 sing N N 212 
ILE CG2 HG22 sing N N 213 
ILE CG2 HG23 sing N N 214 
ILE CD1 HD11 sing N N 215 
ILE CD1 HD12 sing N N 216 
ILE CD1 HD13 sing N N 217 
ILE OXT HXT  sing N N 218 
LEU N   CA   sing N N 219 
LEU N   H    sing N N 220 
LEU N   H2   sing N N 221 
LEU CA  C    sing N N 222 
LEU CA  CB   sing N N 223 
LEU CA  HA   sing N N 224 
LEU C   O    doub N N 225 
LEU C   OXT  sing N N 226 
LEU CB  CG   sing N N 227 
LEU CB  HB2  sing N N 228 
LEU CB  HB3  sing N N 229 
LEU CG  CD1  sing N N 230 
LEU CG  CD2  sing N N 231 
LEU CG  HG   sing N N 232 
LEU CD1 HD11 sing N N 233 
LEU CD1 HD12 sing N N 234 
LEU CD1 HD13 sing N N 235 
LEU CD2 HD21 sing N N 236 
LEU CD2 HD22 sing N N 237 
LEU CD2 HD23 sing N N 238 
LEU OXT HXT  sing N N 239 
LYS N   CA   sing N N 240 
LYS N   H    sing N N 241 
LYS N   H2   sing N N 242 
LYS CA  C    sing N N 243 
LYS CA  CB   sing N N 244 
LYS CA  HA   sing N N 245 
LYS C   O    doub N N 246 
LYS C   OXT  sing N N 247 
LYS CB  CG   sing N N 248 
LYS CB  HB2  sing N N 249 
LYS CB  HB3  sing N N 250 
LYS CG  CD   sing N N 251 
LYS CG  HG2  sing N N 252 
LYS CG  HG3  sing N N 253 
LYS CD  CE   sing N N 254 
LYS CD  HD2  sing N N 255 
LYS CD  HD3  sing N N 256 
LYS CE  NZ   sing N N 257 
LYS CE  HE2  sing N N 258 
LYS CE  HE3  sing N N 259 
LYS NZ  HZ1  sing N N 260 
LYS NZ  HZ2  sing N N 261 
LYS NZ  HZ3  sing N N 262 
LYS OXT HXT  sing N N 263 
MET N   CA   sing N N 264 
MET N   H    sing N N 265 
MET N   H2   sing N N 266 
MET CA  C    sing N N 267 
MET CA  CB   sing N N 268 
MET CA  HA   sing N N 269 
MET C   O    doub N N 270 
MET C   OXT  sing N N 271 
MET CB  CG   sing N N 272 
MET CB  HB2  sing N N 273 
MET CB  HB3  sing N N 274 
MET CG  SD   sing N N 275 
MET CG  HG2  sing N N 276 
MET CG  HG3  sing N N 277 
MET SD  CE   sing N N 278 
MET CE  HE1  sing N N 279 
MET CE  HE2  sing N N 280 
MET CE  HE3  sing N N 281 
MET OXT HXT  sing N N 282 
PG4 O1  C1   sing N N 283 
PG4 O1  HO1  sing N N 284 
PG4 C1  C2   sing N N 285 
PG4 C1  H11  sing N N 286 
PG4 C1  H12  sing N N 287 
PG4 C2  O2   sing N N 288 
PG4 C2  H21  sing N N 289 
PG4 C2  H22  sing N N 290 
PG4 O2  C3   sing N N 291 
PG4 C3  C4   sing N N 292 
PG4 C3  H31  sing N N 293 
PG4 C3  H32  sing N N 294 
PG4 C4  O3   sing N N 295 
PG4 C4  H41  sing N N 296 
PG4 C4  H42  sing N N 297 
PG4 O3  C5   sing N N 298 
PG4 C5  C6   sing N N 299 
PG4 C5  H51  sing N N 300 
PG4 C5  H52  sing N N 301 
PG4 C6  O4   sing N N 302 
PG4 C6  H61  sing N N 303 
PG4 C6  H62  sing N N 304 
PG4 O4  C7   sing N N 305 
PG4 C7  C8   sing N N 306 
PG4 C7  H71  sing N N 307 
PG4 C7  H72  sing N N 308 
PG4 C8  O5   sing N N 309 
PG4 C8  H81  sing N N 310 
PG4 C8  H82  sing N N 311 
PG4 O5  HO5  sing N N 312 
PGE C1  O1   sing N N 313 
PGE C1  C2   sing N N 314 
PGE C1  H1   sing N N 315 
PGE C1  H12  sing N N 316 
PGE O1  HO1  sing N N 317 
PGE C2  O2   sing N N 318 
PGE C2  H2   sing N N 319 
PGE C2  H22  sing N N 320 
PGE O2  C3   sing N N 321 
PGE C3  C4   sing N N 322 
PGE C3  H3   sing N N 323 
PGE C3  H32  sing N N 324 
PGE C4  O3   sing N N 325 
PGE C4  H4   sing N N 326 
PGE C4  H42  sing N N 327 
PGE O4  C6   sing N N 328 
PGE O4  HO4  sing N N 329 
PGE C6  C5   sing N N 330 
PGE C6  H6   sing N N 331 
PGE C6  H62  sing N N 332 
PGE C5  O3   sing N N 333 
PGE C5  H5   sing N N 334 
PGE C5  H52  sing N N 335 
PHE N   CA   sing N N 336 
PHE N   H    sing N N 337 
PHE N   H2   sing N N 338 
PHE CA  C    sing N N 339 
PHE CA  CB   sing N N 340 
PHE CA  HA   sing N N 341 
PHE C   O    doub N N 342 
PHE C   OXT  sing N N 343 
PHE CB  CG   sing N N 344 
PHE CB  HB2  sing N N 345 
PHE CB  HB3  sing N N 346 
PHE CG  CD1  doub Y N 347 
PHE CG  CD2  sing Y N 348 
PHE CD1 CE1  sing Y N 349 
PHE CD1 HD1  sing N N 350 
PHE CD2 CE2  doub Y N 351 
PHE CD2 HD2  sing N N 352 
PHE CE1 CZ   doub Y N 353 
PHE CE1 HE1  sing N N 354 
PHE CE2 CZ   sing Y N 355 
PHE CE2 HE2  sing N N 356 
PHE CZ  HZ   sing N N 357 
PHE OXT HXT  sing N N 358 
PRO N   CA   sing N N 359 
PRO N   CD   sing N N 360 
PRO N   H    sing N N 361 
PRO CA  C    sing N N 362 
PRO CA  CB   sing N N 363 
PRO CA  HA   sing N N 364 
PRO C   O    doub N N 365 
PRO C   OXT  sing N N 366 
PRO CB  CG   sing N N 367 
PRO CB  HB2  sing N N 368 
PRO CB  HB3  sing N N 369 
PRO CG  CD   sing N N 370 
PRO CG  HG2  sing N N 371 
PRO CG  HG3  sing N N 372 
PRO CD  HD2  sing N N 373 
PRO CD  HD3  sing N N 374 
PRO OXT HXT  sing N N 375 
SER N   CA   sing N N 376 
SER N   H    sing N N 377 
SER N   H2   sing N N 378 
SER CA  C    sing N N 379 
SER CA  CB   sing N N 380 
SER CA  HA   sing N N 381 
SER C   O    doub N N 382 
SER C   OXT  sing N N 383 
SER CB  OG   sing N N 384 
SER CB  HB2  sing N N 385 
SER CB  HB3  sing N N 386 
SER OG  HG   sing N N 387 
SER OXT HXT  sing N N 388 
THR N   CA   sing N N 389 
THR N   H    sing N N 390 
THR N   H2   sing N N 391 
THR CA  C    sing N N 392 
THR CA  CB   sing N N 393 
THR CA  HA   sing N N 394 
THR C   O    doub N N 395 
THR C   OXT  sing N N 396 
THR CB  OG1  sing N N 397 
THR CB  CG2  sing N N 398 
THR CB  HB   sing N N 399 
THR OG1 HG1  sing N N 400 
THR CG2 HG21 sing N N 401 
THR CG2 HG22 sing N N 402 
THR CG2 HG23 sing N N 403 
THR OXT HXT  sing N N 404 
TRP N   CA   sing N N 405 
TRP N   H    sing N N 406 
TRP N   H2   sing N N 407 
TRP CA  C    sing N N 408 
TRP CA  CB   sing N N 409 
TRP CA  HA   sing N N 410 
TRP C   O    doub N N 411 
TRP C   OXT  sing N N 412 
TRP CB  CG   sing N N 413 
TRP CB  HB2  sing N N 414 
TRP CB  HB3  sing N N 415 
TRP CG  CD1  doub Y N 416 
TRP CG  CD2  sing Y N 417 
TRP CD1 NE1  sing Y N 418 
TRP CD1 HD1  sing N N 419 
TRP CD2 CE2  doub Y N 420 
TRP CD2 CE3  sing Y N 421 
TRP NE1 CE2  sing Y N 422 
TRP NE1 HE1  sing N N 423 
TRP CE2 CZ2  sing Y N 424 
TRP CE3 CZ3  doub Y N 425 
TRP CE3 HE3  sing N N 426 
TRP CZ2 CH2  doub Y N 427 
TRP CZ2 HZ2  sing N N 428 
TRP CZ3 CH2  sing Y N 429 
TRP CZ3 HZ3  sing N N 430 
TRP CH2 HH2  sing N N 431 
TRP OXT HXT  sing N N 432 
TYR N   CA   sing N N 433 
TYR N   H    sing N N 434 
TYR N   H2   sing N N 435 
TYR CA  C    sing N N 436 
TYR CA  CB   sing N N 437 
TYR CA  HA   sing N N 438 
TYR C   O    doub N N 439 
TYR C   OXT  sing N N 440 
TYR CB  CG   sing N N 441 
TYR CB  HB2  sing N N 442 
TYR CB  HB3  sing N N 443 
TYR CG  CD1  doub Y N 444 
TYR CG  CD2  sing Y N 445 
TYR CD1 CE1  sing Y N 446 
TYR CD1 HD1  sing N N 447 
TYR CD2 CE2  doub Y N 448 
TYR CD2 HD2  sing N N 449 
TYR CE1 CZ   doub Y N 450 
TYR CE1 HE1  sing N N 451 
TYR CE2 CZ   sing Y N 452 
TYR CE2 HE2  sing N N 453 
TYR CZ  OH   sing N N 454 
TYR OH  HH   sing N N 455 
TYR OXT HXT  sing N N 456 
VAL N   CA   sing N N 457 
VAL N   H    sing N N 458 
VAL N   H2   sing N N 459 
VAL CA  C    sing N N 460 
VAL CA  CB   sing N N 461 
VAL CA  HA   sing N N 462 
VAL C   O    doub N N 463 
VAL C   OXT  sing N N 464 
VAL CB  CG1  sing N N 465 
VAL CB  CG2  sing N N 466 
VAL CB  HB   sing N N 467 
VAL CG1 HG11 sing N N 468 
VAL CG1 HG12 sing N N 469 
VAL CG1 HG13 sing N N 470 
VAL CG2 HG21 sing N N 471 
VAL CG2 HG22 sing N N 472 
VAL CG2 HG23 sing N N 473 
VAL OXT HXT  sing N N 474 
# 
_pdbx_initial_refinement_model.id               1 
_pdbx_initial_refinement_model.entity_id_list   ? 
_pdbx_initial_refinement_model.type             'experimental model' 
_pdbx_initial_refinement_model.source_name      PDB 
_pdbx_initial_refinement_model.accession_code   2BIT 
_pdbx_initial_refinement_model.details          ? 
# 
_atom_sites.entry_id                    5CBT 
_atom_sites.fract_transf_matrix[1][1]   -0.00362724 
_atom_sites.fract_transf_matrix[1][2]   0.00304737 
_atom_sites.fract_transf_matrix[1][3]   -0.01662415 
_atom_sites.fract_transf_matrix[2][1]   0.00537904 
_atom_sites.fract_transf_matrix[2][2]   0.01632673 
_atom_sites.fract_transf_matrix[2][3]   0.00181919 
_atom_sites.fract_transf_matrix[3][1]   0.00809829 
_atom_sites.fract_transf_matrix[3][2]   -0.00242173 
_atom_sites.fract_transf_matrix[3][3]   -0.00221090 
_atom_sites.fract_transf_vector[1]      0.150789 
_atom_sites.fract_transf_vector[2]      -0.183574 
_atom_sites.fract_transf_vector[3]      0.050700 
# 
loop_
_atom_type.symbol 
C 
K 
N 
O 
S 
# 
loop_
_atom_site.group_PDB 
_atom_site.id 
_atom_site.type_symbol 
_atom_site.label_atom_id 
_atom_site.label_alt_id 
_atom_site.label_comp_id 
_atom_site.label_asym_id 
_atom_site.label_entity_id 
_atom_site.label_seq_id 
_atom_site.pdbx_PDB_ins_code 
_atom_site.Cartn_x 
_atom_site.Cartn_y 
_atom_site.Cartn_z 
_atom_site.occupancy 
_atom_site.B_iso_or_equiv 
_atom_site.pdbx_formal_charge 
_atom_site.auth_seq_id 
_atom_site.auth_comp_id 
_atom_site.auth_asym_id 
_atom_site.auth_atom_id 
_atom_site.pdbx_PDB_model_num 
ATOM   1    N N   . GLY A 1 2   ? 10.994  -13.132 -12.678 1.00 30.39 ? 2   GLY A N   1 
ATOM   2    C CA  . GLY A 1 2   ? 10.790  -11.652 -12.715 1.00 22.56 ? 2   GLY A CA  1 
ATOM   3    C C   . GLY A 1 2   ? 10.114  -11.152 -11.459 1.00 23.22 ? 2   GLY A C   1 
ATOM   4    O O   . GLY A 1 2   ? 9.624   -11.941 -10.601 1.00 24.42 ? 2   GLY A O   1 
ATOM   5    N N   . ASN A 1 3   ? 10.027  -9.804  -11.415 1.00 18.08 ? 3   ASN A N   1 
ATOM   6    C CA  . ASN A 1 3   ? 9.320   -9.096  -10.347 1.00 15.91 ? 3   ASN A CA  1 
ATOM   7    C C   . ASN A 1 3   ? 7.891   -9.463  -10.322 1.00 17.23 ? 3   ASN A C   1 
ATOM   8    O O   . ASN A 1 3   ? 7.208   -9.414  -11.330 1.00 17.73 ? 3   ASN A O   1 
ATOM   9    C CB  . ASN A 1 3   ? 9.514   -7.565  -10.523 1.00 13.82 ? 3   ASN A CB  1 
ATOM   10   C CG  . ASN A 1 3   ? 10.864  -7.037  -10.131 1.00 13.01 ? 3   ASN A CG  1 
ATOM   11   O OD1 . ASN A 1 3   ? 11.243  -5.846  -10.434 1.00 17.85 ? 3   ASN A OD1 1 
ATOM   12   N ND2 . ASN A 1 3   ? 11.629  -7.783  -9.371  1.00 12.28 ? 3   ASN A ND2 1 
ATOM   13   N N   . PRO A 1 4   ? 7.305   -9.684  -9.109  1.00 16.16 ? 4   PRO A N   1 
ATOM   14   C CA  . PRO A 1 4   ? 5.904   -9.892  -9.067  1.00 15.09 ? 4   PRO A CA  1 
ATOM   15   C C   . PRO A 1 4   ? 4.996   -8.743  -9.605  1.00 12.97 ? 4   PRO A C   1 
ATOM   16   O O   . PRO A 1 4   ? 5.331   -7.562  -9.361  1.00 13.89 ? 4   PRO A O   1 
ATOM   17   C CB  . PRO A 1 4   ? 5.633   -10.088 -7.524  1.00 17.32 ? 4   PRO A CB  1 
ATOM   18   C CG  . PRO A 1 4   ? 6.930   -10.488 -6.974  1.00 17.53 ? 4   PRO A CG  1 
ATOM   19   C CD  . PRO A 1 4   ? 7.972   -9.770  -7.782  1.00 17.85 ? 4   PRO A CD  1 
ATOM   20   N N   . LEU A 1 5   ? 3.906   -9.105  -10.208 1.00 12.11 ? 5   LEU A N   1 
ATOM   21   C CA  . LEU A 1 5   ? 2.830   -8.200  -10.583 1.00 12.74 ? 5   LEU A CA  1 
ATOM   22   C C   . LEU A 1 5   ? 1.634   -8.628  -9.807  1.00 12.32 ? 5   LEU A C   1 
ATOM   23   O O   . LEU A 1 5   ? 1.147   -9.767  -9.825  1.00 12.50 ? 5   LEU A O   1 
ATOM   24   C CB  . LEU A 1 5   ? 2.386   -8.372  -12.062 1.00 18.60 ? 5   LEU A CB  1 
ATOM   25   C CG  . LEU A 1 5   ? 2.720   -7.479  -13.084 1.00 19.14 ? 5   LEU A CG  1 
ATOM   26   C CD1 . LEU A 1 5   ? 1.931   -7.729  -14.412 1.00 15.70 ? 5   LEU A CD1 1 
ATOM   27   C CD2 . LEU A 1 5   ? 2.804   -6.018  -12.744 1.00 16.89 ? 5   LEU A CD2 1 
ATOM   28   N N   . VAL A 1 6   ? 1.077   -7.710  -8.935  1.00 11.39 ? 6   VAL A N   1 
ATOM   29   C CA  . VAL A 1 6   ? -0.039  -7.983  -8.072  1.00 11.96 ? 6   VAL A CA  1 
ATOM   30   C C   . VAL A 1 6   ? -1.210  -6.979  -8.302  1.00 11.78 ? 6   VAL A C   1 
ATOM   31   O O   . VAL A 1 6   ? -0.978  -5.973  -8.987  1.00 11.60 ? 6   VAL A O   1 
ATOM   32   C CB  . VAL A 1 6   ? 0.383   -7.981  -6.532  1.00 11.88 ? 6   VAL A CB  1 
ATOM   33   C CG1 . VAL A 1 6   ? 1.462   -9.053  -6.276  1.00 14.09 ? 6   VAL A CG1 1 
ATOM   34   C CG2 . VAL A 1 6   ? 0.895   -6.644  -6.095  1.00 13.03 ? 6   VAL A CG2 1 
ATOM   35   N N   . TYR A 1 7   ? -2.358  -7.278  -7.771  1.00 11.47 ? 7   TYR A N   1 
ATOM   36   C CA  . TYR A 1 7   ? -3.559  -6.414  -7.976  1.00 14.07 ? 7   TYR A CA  1 
ATOM   37   C C   . TYR A 1 7   ? -4.340  -6.192  -6.702  1.00 15.22 ? 7   TYR A C   1 
ATOM   38   O O   . TYR A 1 7   ? -4.383  -7.094  -5.815  1.00 14.07 ? 7   TYR A O   1 
ATOM   39   C CB  . TYR A 1 7   ? -4.464  -6.969  -9.083  1.00 15.14 ? 7   TYR A CB  1 
ATOM   40   C CG  . TYR A 1 7   ? -5.189  -8.254  -8.766  1.00 14.35 ? 7   TYR A CG  1 
ATOM   41   C CD1 . TYR A 1 7   ? -4.630  -9.564  -8.982  1.00 14.49 ? 7   TYR A CD1 1 
ATOM   42   C CD2 . TYR A 1 7   ? -6.491  -8.238  -8.168  1.00 15.19 ? 7   TYR A CD2 1 
ATOM   43   C CE1 . TYR A 1 7   ? -5.367  -10.703 -8.650  1.00 16.96 ? 7   TYR A CE1 1 
ATOM   44   C CE2 . TYR A 1 7   ? -7.158  -9.368  -7.819  1.00 15.71 ? 7   TYR A CE2 1 
ATOM   45   C CZ  . TYR A 1 7   ? -6.575  -10.615 -8.083  1.00 16.92 ? 7   TYR A CZ  1 
ATOM   46   O OH  . TYR A 1 7   ? -7.282  -11.752 -7.743  1.00 23.90 ? 7   TYR A OH  1 
ATOM   47   N N   . LEU A 1 8   ? -4.969  -4.996  -6.681  1.00 13.66 ? 8   LEU A N   1 
ATOM   48   C CA  . LEU A 1 8   ? -5.987  -4.621  -5.658  1.00 13.12 ? 8   LEU A CA  1 
ATOM   49   C C   . LEU A 1 8   ? -7.291  -4.200  -6.373  1.00 13.72 ? 8   LEU A C   1 
ATOM   50   O O   . LEU A 1 8   ? -7.187  -3.308  -7.247  1.00 14.99 ? 8   LEU A O   1 
ATOM   51   C CB  . LEU A 1 8   ? -5.527  -3.419  -4.761  1.00 14.17 ? 8   LEU A CB  1 
ATOM   52   C CG  . LEU A 1 8   ? -4.104  -3.498  -4.130  1.00 13.64 ? 8   LEU A CG  1 
ATOM   53   C CD1 . LEU A 1 8   ? -3.748  -2.162  -3.439  1.00 13.67 ? 8   LEU A CD1 1 
ATOM   54   C CD2 . LEU A 1 8   ? -3.983  -4.671  -3.169  1.00 13.66 ? 8   LEU A CD2 1 
ATOM   55   N N   . ASP A 1 9   ? -8.349  -4.893  -6.116  1.00 14.35 ? 9   ASP A N   1 
ATOM   56   C CA  . ASP A 1 9   ? -9.711  -4.431  -6.658  1.00 14.63 ? 9   ASP A CA  1 
ATOM   57   C C   . ASP A 1 9   ? -10.399 -3.683  -5.484  1.00 15.30 ? 9   ASP A C   1 
ATOM   58   O O   . ASP A 1 9   ? -10.454 -4.167  -4.364  1.00 17.18 ? 9   ASP A O   1 
ATOM   59   C CB  . ASP A 1 9   ? -10.536 -5.663  -7.026  1.00 16.73 ? 9   ASP A CB  1 
ATOM   60   C CG  . ASP A 1 9   ? -10.097 -6.313  -8.337  1.00 17.82 ? 9   ASP A CG  1 
ATOM   61   O OD1 . ASP A 1 9   ? -9.534  -5.637  -9.207  1.00 20.07 ? 9   ASP A OD1 1 
ATOM   62   O OD2 . ASP A 1 9   ? -10.240 -7.587  -8.334  1.00 23.27 ? 9   ASP A OD2 1 
ATOM   63   N N   . VAL A 1 10  ? -10.702 -2.417  -5.746  1.00 15.18 ? 10  VAL A N   1 
ATOM   64   C CA  . VAL A 1 10  ? -11.176 -1.500  -4.689  1.00 14.63 ? 10  VAL A CA  1 
ATOM   65   C C   . VAL A 1 10  ? -12.637 -1.046  -4.938  1.00 16.90 ? 10  VAL A C   1 
ATOM   66   O O   . VAL A 1 10  ? -12.936 -0.661  -6.096  1.00 17.13 ? 10  VAL A O   1 
ATOM   67   C CB  . VAL A 1 10  ? -10.227 -0.276  -4.583  1.00 16.78 ? 10  VAL A CB  1 
ATOM   68   C CG1 . VAL A 1 10  ? -10.520 0.674   -3.415  1.00 16.98 ? 10  VAL A CG1 1 
ATOM   69   C CG2 . VAL A 1 10  ? -8.701  -0.671  -4.433  1.00 17.08 ? 10  VAL A CG2 1 
ATOM   70   N N   . ASP A 1 11  ? -13.387 -0.957  -3.850  1.00 15.87 ? 11  ASP A N   1 
ATOM   71   C CA  . ASP A 1 11  ? -14.772 -0.371  -3.910  1.00 18.45 ? 11  ASP A CA  1 
ATOM   72   C C   . ASP A 1 11  ? -14.915 0.801   -2.935  1.00 20.84 ? 11  ASP A C   1 
ATOM   73   O O   . ASP A 1 11  ? -14.166 0.956   -1.958  1.00 20.57 ? 11  ASP A O   1 
ATOM   74   C CB  . ASP A 1 11  ? -15.787 -1.459  -3.597  1.00 21.12 ? 11  ASP A CB  1 
ATOM   75   C CG  . ASP A 1 11  ? -15.846 -1.804  -2.161  1.00 29.94 ? 11  ASP A CG  1 
ATOM   76   O OD1 . ASP A 1 11  ? -16.486 -1.076  -1.355  1.00 41.18 ? 11  ASP A OD1 1 
ATOM   77   O OD2 . ASP A 1 11  ? -15.233 -2.859  -1.767  1.00 35.75 ? 11  ASP A OD2 1 
ATOM   78   N N   . ALA A 1 12  ? -15.969 1.662   -3.168  1.00 19.20 ? 12  ALA A N   1 
ATOM   79   C CA  . ALA A 1 12  ? -16.337 2.749   -2.268  1.00 19.31 ? 12  ALA A CA  1 
ATOM   80   C C   . ALA A 1 12  ? -17.808 2.531   -1.860  1.00 18.70 ? 12  ALA A C   1 
ATOM   81   O O   . ALA A 1 12  ? -18.645 2.473   -2.780  1.00 21.06 ? 12  ALA A O   1 
ATOM   82   C CB  . ALA A 1 12  ? -16.189 4.027   -2.984  1.00 22.90 ? 12  ALA A CB  1 
ATOM   83   N N   . ASN A 1 13  ? -18.050 2.323   -0.578  1.00 21.02 ? 13  ASN A N   1 
ATOM   84   C CA  . ASN A 1 13  ? -19.442 1.947   -0.095  1.00 23.98 ? 13  ASN A CA  1 
ATOM   85   C C   . ASN A 1 13  ? -20.099 0.837   -0.927  1.00 25.50 ? 13  ASN A C   1 
ATOM   86   O O   . ASN A 1 13  ? -21.285 0.931   -1.283  1.00 29.79 ? 13  ASN A O   1 
ATOM   87   C CB  . ASN A 1 13  ? -20.282 3.218   -0.145  1.00 26.58 ? 13  ASN A CB  1 
ATOM   88   C CG  . ASN A 1 13  ? -19.996 4.170   1.012   1.00 30.94 ? 13  ASN A CG  1 
ATOM   89   O OD1 . ASN A 1 13  ? -20.578 5.274   1.043   1.00 40.79 ? 13  ASN A OD1 1 
ATOM   90   N ND2 . ASN A 1 13  ? -19.311 3.692   2.044   1.00 26.78 ? 13  ASN A ND2 1 
ATOM   91   N N   . GLY A 1 14  ? -19.306 -0.175  -1.254  1.00 24.40 ? 14  GLY A N   1 
ATOM   92   C CA  . GLY A 1 14  ? -19.720 -1.387  -1.976  1.00 27.99 ? 14  GLY A CA  1 
ATOM   93   C C   . GLY A 1 14  ? -19.854 -1.237  -3.452  1.00 24.66 ? 14  GLY A C   1 
ATOM   94   O O   . GLY A 1 14  ? -20.240 -2.214  -4.160  1.00 29.05 ? 14  GLY A O   1 
ATOM   95   N N   . LYS A 1 15  ? -19.449 -0.111  -3.994  1.00 21.04 ? 15  LYS A N   1 
ATOM   96   C CA  . LYS A 1 15  ? -19.468 0.123   -5.437  1.00 22.77 ? 15  LYS A CA  1 
ATOM   97   C C   . LYS A 1 15  ? -18.064 0.039   -6.096  1.00 23.49 ? 15  LYS A C   1 
ATOM   98   O O   . LYS A 1 15  ? -17.217 0.764   -5.661  1.00 21.27 ? 15  LYS A O   1 
ATOM   99   C CB  . LYS A 1 15  ? -20.077 1.518   -5.692  1.00 27.46 ? 15  LYS A CB  1 
ATOM   100  C CG  . LYS A 1 15  ? -21.469 1.810   -4.990  1.00 37.64 ? 15  LYS A CG  1 
ATOM   101  C CD  . LYS A 1 15  ? -22.371 0.628   -4.457  1.00 41.75 ? 15  LYS A CD  1 
ATOM   102  C CE  . LYS A 1 15  ? -23.009 -0.531  -5.334  1.00 45.25 ? 15  LYS A CE  1 
ATOM   103  N NZ  . LYS A 1 15  ? -22.860 -0.823  -6.814  1.00 39.05 ? 15  LYS A NZ  1 
ATOM   104  N N   . PRO A 1 16  ? -17.838 -0.835  -7.105  1.00 19.02 ? 16  PRO A N   1 
ATOM   105  C CA  . PRO A 1 16  ? -16.446 -1.048  -7.612  1.00 19.98 ? 16  PRO A CA  1 
ATOM   106  C C   . PRO A 1 16  ? -15.888 0.183   -8.226  1.00 20.19 ? 16  PRO A C   1 
ATOM   107  O O   . PRO A 1 16  ? -16.579 0.902   -9.021  1.00 22.70 ? 16  PRO A O   1 
ATOM   108  C CB  . PRO A 1 16  ? -16.567 -2.144  -8.653  1.00 22.34 ? 16  PRO A CB  1 
ATOM   109  C CG  . PRO A 1 16  ? -18.001 -2.585  -8.583  1.00 26.59 ? 16  PRO A CG  1 
ATOM   110  C CD  . PRO A 1 16  ? -18.779 -1.889  -7.579  1.00 23.19 ? 16  PRO A CD  1 
ATOM   111  N N   . LEU A 1 17  ? -14.621 0.545   -7.914  1.00 18.68 ? 17  LEU A N   1 
ATOM   112  C CA  . LEU A 1 17  ? -13.912 1.613   -8.548  1.00 17.11 ? 17  LEU A CA  1 
ATOM   113  C C   . LEU A 1 17  ? -12.964 1.152   -9.701  1.00 17.24 ? 17  LEU A C   1 
ATOM   114  O O   . LEU A 1 17  ? -12.552 1.912   -10.518 1.00 19.50 ? 17  LEU A O   1 
ATOM   115  C CB  . LEU A 1 17  ? -13.049 2.407   -7.490  1.00 18.59 ? 17  LEU A CB  1 
ATOM   116  C CG  . LEU A 1 17  ? -13.735 2.975   -6.293  1.00 18.99 ? 17  LEU A CG  1 
ATOM   117  C CD1 . LEU A 1 17  ? -12.771 3.696   -5.349  1.00 18.32 ? 17  LEU A CD1 1 
ATOM   118  C CD2 . LEU A 1 17  ? -14.846 3.938   -6.801  1.00 21.37 ? 17  LEU A CD2 1 
ATOM   119  N N   . GLY A 1 18  ? -12.555 -0.111  -9.636  1.00 18.94 ? 18  GLY A N   1 
ATOM   120  C CA  . GLY A 1 18  ? -11.614 -0.661  -10.564 1.00 17.19 ? 18  GLY A CA  1 
ATOM   121  C C   . GLY A 1 18  ? -10.429 -1.372  -9.908  1.00 15.42 ? 18  GLY A C   1 
ATOM   122  O O   . GLY A 1 18  ? -10.471 -1.662  -8.704  1.00 16.21 ? 18  GLY A O   1 
ATOM   123  N N   . ARG A 1 19  ? -9.455  -1.639  -10.736 1.00 14.51 ? 19  ARG A N   1 
ATOM   124  C CA  . ARG A 1 19  ? -8.229  -2.418  -10.310 1.00 12.93 ? 19  ARG A CA  1 
ATOM   125  C C   . ARG A 1 19  ? -7.005  -1.573  -10.404 1.00 13.31 ? 19  ARG A C   1 
ATOM   126  O O   . ARG A 1 19  ? -6.710  -0.865  -11.365 1.00 15.58 ? 19  ARG A O   1 
ATOM   127  C CB  . ARG A 1 19  ? -8.057  -3.612  -11.289 1.00 15.13 ? 19  ARG A CB  1 
ATOM   128  C CG  . ARG A 1 19  ? -6.869  -4.474  -10.938 1.00 15.17 ? 19  ARG A CG  1 
ATOM   129  C CD  . ARG A 1 19  ? -6.867  -5.808  -11.697 1.00 16.17 ? 19  ARG A CD  1 
ATOM   130  N NE  . ARG A 1 19  ? -7.819  -6.701  -11.153 1.00 15.82 ? 19  ARG A NE  1 
ATOM   131  C CZ  . ARG A 1 19  ? -7.929  -7.998  -11.450 1.00 19.54 ? 19  ARG A CZ  1 
ATOM   132  N NH1 . ARG A 1 19  ? -7.085  -8.551  -12.356 1.00 19.72 ? 19  ARG A NH1 1 
ATOM   133  N NH2 . ARG A 1 19  ? -8.795  -8.733  -10.839 1.00 18.63 ? 19  ARG A NH2 1 
ATOM   134  N N   . VAL A 1 20  ? -6.139  -1.673  -9.337  1.00 12.23 ? 20  VAL A N   1 
ATOM   135  C CA  . VAL A 1 20  ? -4.810  -1.169  -9.289  1.00 12.31 ? 20  VAL A CA  1 
ATOM   136  C C   . VAL A 1 20  ? -3.807  -2.288  -9.443  1.00 12.77 ? 20  VAL A C   1 
ATOM   137  O O   . VAL A 1 20  ? -3.876  -3.254  -8.686  1.00 13.62 ? 20  VAL A O   1 
ATOM   138  C CB  . VAL A 1 20  ? -4.454  -0.333  -7.994  1.00 13.26 ? 20  VAL A CB  1 
ATOM   139  C CG1 . VAL A 1 20  ? -3.102  0.291   -8.009  1.00 14.07 ? 20  VAL A CG1 1 
ATOM   140  C CG2 . VAL A 1 20  ? -5.569  0.701   -7.756  1.00 14.25 ? 20  VAL A CG2 1 
ATOM   141  N N   . VAL A 1 21  ? -2.935  -2.187  -10.449 1.00 12.14 ? 21  VAL A N   1 
ATOM   142  C CA  . VAL A 1 21  ? -1.905  -3.255  -10.689 1.00 11.28 ? 21  VAL A CA  1 
ATOM   143  C C   . VAL A 1 21  ? -0.616  -2.622  -10.302 1.00 9.85  ? 21  VAL A C   1 
ATOM   144  O O   . VAL A 1 21  ? -0.191  -1.502  -10.662 1.00 11.12 ? 21  VAL A O   1 
ATOM   145  C CB  . VAL A 1 21  ? -1.872  -3.661  -12.173 1.00 12.12 ? 21  VAL A CB  1 
ATOM   146  C CG1 . VAL A 1 21  ? -0.795  -4.725  -12.363 1.00 12.80 ? 21  VAL A CG1 1 
ATOM   147  C CG2 . VAL A 1 21  ? -3.204  -4.213  -12.599 1.00 14.14 ? 21  VAL A CG2 1 
ATOM   148  N N   . LEU A 1 22  ? 0.206   -3.366  -9.457  1.00 10.94 ? 22  LEU A N   1 
ATOM   149  C CA  . LEU A 1 22  ? 1.480   -2.977  -8.906  1.00 11.10 ? 22  LEU A CA  1 
ATOM   150  C C   . LEU A 1 22  ? 2.672   -3.890  -9.295  1.00 10.16 ? 22  LEU A C   1 
ATOM   151  O O   . LEU A 1 22  ? 2.426   -5.085  -9.188  1.00 11.66 ? 22  LEU A O   1 
ATOM   152  C CB  . LEU A 1 22  ? 1.334   -2.873  -7.355  1.00 11.00 ? 22  LEU A CB  1 
ATOM   153  C CG  . LEU A 1 22  ? 0.177   -1.967  -6.800  1.00 11.85 ? 22  LEU A CG  1 
ATOM   154  C CD1 . LEU A 1 22  ? -0.219  -2.471  -5.380  1.00 14.26 ? 22  LEU A CD1 1 
ATOM   155  C CD2 . LEU A 1 22  ? 0.654   -0.545  -6.825  1.00 13.00 ? 22  LEU A CD2 1 
ATOM   156  N N   . GLU A 1 23  ? 3.766   -3.347  -9.618  1.00 10.05 ? 23  GLU A N   1 
ATOM   157  C CA  . GLU A 1 23  ? 5.019   -4.104  -9.716  1.00 11.40 ? 23  GLU A CA  1 
ATOM   158  C C   . GLU A 1 23  ? 5.699   -3.976  -8.344  1.00 10.19 ? 23  GLU A C   1 
ATOM   159  O O   . GLU A 1 23  ? 5.933   -2.838  -7.845  1.00 11.29 ? 23  GLU A O   1 
ATOM   160  C CB  . GLU A 1 23  ? 5.938   -3.544  -10.876 1.00 12.96 ? 23  GLU A CB  1 
ATOM   161  C CG  . GLU A 1 23  ? 7.285   -4.228  -10.873 1.00 12.69 ? 23  GLU A CG  1 
ATOM   162  C CD  . GLU A 1 23  ? 8.265   -3.831  -11.974 1.00 15.73 ? 23  GLU A CD  1 
ATOM   163  O OE1 . GLU A 1 23  ? 7.792   -3.134  -12.935 1.00 15.17 ? 23  GLU A OE1 1 
ATOM   164  O OE2 . GLU A 1 23  ? 9.393   -4.300  -12.045 1.00 16.28 ? 23  GLU A OE2 1 
ATOM   165  N N   . LEU A 1 24  ? 6.186   -5.142  -7.900  1.00 10.31 ? 24  LEU A N   1 
ATOM   166  C CA  . LEU A 1 24  ? 6.963   -5.216  -6.645  1.00 10.38 ? 24  LEU A CA  1 
ATOM   167  C C   . LEU A 1 24  ? 8.448   -5.406  -6.933  1.00 10.35 ? 24  LEU A C   1 
ATOM   168  O O   . LEU A 1 24  ? 8.781   -6.401  -7.676  1.00 11.44 ? 24  LEU A O   1 
ATOM   169  C CB  . LEU A 1 24  ? 6.390   -6.330  -5.760  1.00 11.42 ? 24  LEU A CB  1 
ATOM   170  C CG  . LEU A 1 24  ? 4.923   -6.351  -5.483  1.00 10.43 ? 24  LEU A CG  1 
ATOM   171  C CD1 . LEU A 1 24  ? 4.518   -7.484  -4.576  1.00 12.72 ? 24  LEU A CD1 1 
ATOM   172  C CD2 . LEU A 1 24  ? 4.383   -4.998  -4.937  1.00 11.65 ? 24  LEU A CD2 1 
ATOM   173  N N   . LYS A 1 25  ? 9.319   -4.523  -6.509  1.00 11.12 ? 25  LYS A N   1 
ATOM   174  C CA  . LYS A 1 25  ? 10.747  -4.505  -6.933  1.00 12.48 ? 25  LYS A CA  1 
ATOM   175  C C   . LYS A 1 25  ? 11.576  -5.527  -6.074  1.00 12.72 ? 25  LYS A C   1 
ATOM   176  O O   . LYS A 1 25  ? 12.479  -5.123  -5.313  1.00 13.63 ? 25  LYS A O   1 
ATOM   177  C CB  . LYS A 1 25  ? 11.281  -3.107  -6.811  1.00 14.97 ? 25  LYS A CB  1 
ATOM   178  C CG  . LYS A 1 25  ? 10.581  -2.227  -7.898  1.00 15.83 ? 25  LYS A CG  1 
ATOM   179  C CD  . LYS A 1 25  ? 11.235  -2.292  -9.237  1.00 21.06 ? 25  LYS A CD  1 
ATOM   180  C CE  . LYS A 1 25  ? 12.582  -1.558  -9.133  1.00 26.61 ? 25  LYS A CE  1 
ATOM   181  N NZ  . LYS A 1 25  ? 13.377  -1.883  -10.340 1.00 35.32 ? 25  LYS A NZ  1 
ATOM   182  N N   . ALA A 1 26  ? 11.246  -6.775  -6.288  1.00 12.07 ? 26  ALA A N   1 
ATOM   183  C CA  . ALA A 1 26  ? 11.967  -7.916  -5.591  1.00 12.73 ? 26  ALA A CA  1 
ATOM   184  C C   . ALA A 1 26  ? 13.449  -7.960  -5.949  1.00 16.36 ? 26  ALA A C   1 
ATOM   185  O O   . ALA A 1 26  ? 14.246  -8.429  -5.130  1.00 15.36 ? 26  ALA A O   1 
ATOM   186  C CB  . ALA A 1 26  ? 11.345  -9.172  -5.819  1.00 13.84 ? 26  ALA A CB  1 
ATOM   187  N N   . ASP A 1 27  ? 13.858  -7.453  -7.110  1.00 15.03 ? 27  ASP A N   1 
ATOM   188  C CA  . ASP A 1 27  ? 15.233  -7.337  -7.442  1.00 15.77 ? 27  ASP A CA  1 
ATOM   189  C C   . ASP A 1 27  ? 16.029  -6.366  -6.632  1.00 17.38 ? 27  ASP A C   1 
ATOM   190  O O   . ASP A 1 27  ? 17.272  -6.407  -6.657  1.00 24.05 ? 27  ASP A O   1 
ATOM   191  C CB  . ASP A 1 27  ? 15.375  -7.043  -8.965  1.00 18.21 ? 27  ASP A CB  1 
ATOM   192  C CG  . ASP A 1 27  ? 14.651  -5.808  -9.446  1.00 24.16 ? 27  ASP A CG  1 
ATOM   193  O OD1 . ASP A 1 27  ? 13.724  -5.272  -8.836  1.00 21.47 ? 27  ASP A OD1 1 
ATOM   194  O OD2 . ASP A 1 27  ? 15.046  -5.312  -10.527 1.00 32.61 ? 27  ASP A OD2 1 
ATOM   195  N N   . VAL A 1 28  ? 15.379  -5.415  -5.901  1.00 14.14 ? 28  VAL A N   1 
ATOM   196  C CA  . VAL A 1 28  ? 16.034  -4.425  -5.094  1.00 14.68 ? 28  VAL A CA  1 
ATOM   197  C C   . VAL A 1 28  ? 15.725  -4.610  -3.555  1.00 13.13 ? 28  VAL A C   1 
ATOM   198  O O   . VAL A 1 28  ? 16.604  -4.436  -2.766  1.00 13.73 ? 28  VAL A O   1 
ATOM   199  C CB  . VAL A 1 28  ? 15.599  -2.962  -5.511  1.00 15.08 ? 28  VAL A CB  1 
ATOM   200  C CG1 . VAL A 1 28  ? 16.242  -1.860  -4.696  1.00 16.46 ? 28  VAL A CG1 1 
ATOM   201  C CG2 . VAL A 1 28  ? 15.827  -2.704  -7.002  1.00 17.03 ? 28  VAL A CG2 1 
ATOM   202  N N   . VAL A 1 29  ? 14.486  -4.950  -3.277  1.00 12.33 ? 29  VAL A N   1 
ATOM   203  C CA  . VAL A 1 29  ? 14.044  -5.134  -1.864  1.00 11.95 ? 29  VAL A CA  1 
ATOM   204  C C   . VAL A 1 29  ? 13.245  -6.444  -1.803  1.00 11.25 ? 29  VAL A C   1 
ATOM   205  O O   . VAL A 1 29  ? 12.011  -6.511  -1.642  1.00 12.16 ? 29  VAL A O   1 
ATOM   206  C CB  . VAL A 1 29  ? 13.236  -3.870  -1.366  1.00 11.94 ? 29  VAL A CB  1 
ATOM   207  C CG1 . VAL A 1 29  ? 14.103  -2.791  -0.845  1.00 12.70 ? 29  VAL A CG1 1 
ATOM   208  C CG2 . VAL A 1 29  ? 12.137  -3.420  -2.413  1.00 12.54 ? 29  VAL A CG2 1 
ATOM   209  N N   . PRO A 1 30  ? 13.916  -7.636  -1.847  1.00 11.93 ? 30  PRO A N   1 
ATOM   210  C CA  . PRO A 1 30  ? 13.237  -8.854  -1.835  1.00 11.86 ? 30  PRO A CA  1 
ATOM   211  C C   . PRO A 1 30  ? 12.310  -9.208  -0.639  1.00 10.37 ? 30  PRO A C   1 
ATOM   212  O O   . PRO A 1 30  ? 11.271  -9.798  -0.784  1.00 12.61 ? 30  PRO A O   1 
ATOM   213  C CB  . PRO A 1 30  ? 14.405  -9.916  -2.022  1.00 12.82 ? 30  PRO A CB  1 
ATOM   214  C CG  . PRO A 1 30  ? 15.557  -9.191  -1.632  1.00 13.47 ? 30  PRO A CG  1 
ATOM   215  C CD  . PRO A 1 30  ? 15.378  -7.752  -1.980  1.00 13.91 ? 30  PRO A CD  1 
ATOM   216  N N   . LYS A 1 31  ? 12.811  -8.830  0.534   1.00 12.95 ? 31  LYS A N   1 
ATOM   217  C CA  . LYS A 1 31  ? 12.082  -9.182  1.772   1.00 12.87 ? 31  LYS A CA  1 
ATOM   218  C C   . LYS A 1 31  ? 10.747  -8.334  1.928   1.00 10.21 ? 31  LYS A C   1 
ATOM   219  O O   . LYS A 1 31  ? 9.711   -8.863  2.278   1.00 11.52 ? 31  LYS A O   1 
ATOM   220  C CB  . LYS A 1 31  ? 12.960  -8.919  3.002   1.00 13.72 ? 31  LYS A CB  1 
ATOM   221  C CG  . LYS A 1 31  ? 14.312  -9.774  3.041   1.00 15.13 ? 31  LYS A CG  1 
ATOM   222  C CD  . LYS A 1 31  ? 15.285  -9.333  4.127   1.00 16.75 ? 31  LYS A CD  1 
ATOM   223  C CE  . LYS A 1 31  ? 16.396  -10.367 4.193   1.00 20.27 ? 31  LYS A CE  1 
ATOM   224  N NZ  . LYS A 1 31  ? 17.260  -10.316 2.911   1.00 23.83 ? 31  LYS A NZ  1 
ATOM   225  N N   . THR A 1 32  ? 10.902  -7.072  1.536   1.00 10.66 ? 32  THR A N   1 
ATOM   226  C CA  . THR A 1 32  ? 9.730   -6.121  1.555   1.00 10.15 ? 32  THR A CA  1 
ATOM   227  C C   . THR A 1 32  ? 8.700   -6.464  0.488   1.00 10.42 ? 32  THR A C   1 
ATOM   228  O O   . THR A 1 32  ? 7.508   -6.527  0.647   1.00 11.01 ? 32  THR A O   1 
ATOM   229  C CB  . THR A 1 32  ? 10.219  -4.721  1.448   1.00 10.98 ? 32  THR A CB  1 
ATOM   230  O OG1 . THR A 1 32  ? 11.260  -4.440  2.446   1.00 11.08 ? 32  THR A OG1 1 
ATOM   231  C CG2 . THR A 1 32  ? 9.105   -3.678  1.649   1.00 11.00 ? 32  THR A CG2 1 
ATOM   232  N N   . ALA A 1 33  ? 9.245   -6.788  -0.733  1.00 11.08 ? 33  ALA A N   1 
ATOM   233  C CA  . ALA A 1 33  ? 8.368   -7.185  -1.820  1.00 10.33 ? 33  ALA A CA  1 
ATOM   234  C C   . ALA A 1 33  ? 7.638   -8.495  -1.544  1.00 9.64  ? 33  ALA A C   1 
ATOM   235  O O   . ALA A 1 33  ? 6.420   -8.668  -1.738  1.00 11.28 ? 33  ALA A O   1 
ATOM   236  C CB  . ALA A 1 33  ? 9.209   -7.410  -3.098  1.00 11.13 ? 33  ALA A CB  1 
ATOM   237  N N   . GLU A 1 34  ? 8.353   -9.469  -0.901  1.00 10.76 ? 34  GLU A N   1 
ATOM   238  C CA  . GLU A 1 34  ? 7.742   -10.702 -0.603  1.00 11.36 ? 34  GLU A CA  1 
ATOM   239  C C   . GLU A 1 34  ? 6.554   -10.647 0.455   1.00 10.69 ? 34  GLU A C   1 
ATOM   240  O O   . GLU A 1 34  ? 5.561   -11.326 0.369   1.00 11.71 ? 34  GLU A O   1 
ATOM   241  C CB  . GLU A 1 34  ? 8.785   -11.725 -0.081  1.00 12.02 ? 34  GLU A CB  1 
ATOM   242  C CG  . GLU A 1 34  ? 8.254   -13.067 0.309   1.00 14.43 ? 34  GLU A CG  1 
ATOM   243  C CD  . GLU A 1 34  ? 7.484   -13.977 -0.631  1.00 16.97 ? 34  GLU A CD  1 
ATOM   244  O OE1 . GLU A 1 34  ? 7.607   -13.646 -1.890  1.00 18.08 ? 34  GLU A OE1 1 
ATOM   245  O OE2 . GLU A 1 34  ? 6.697   -14.891 -0.241  1.00 20.28 ? 34  GLU A OE2 1 
ATOM   246  N N   . ASN A 1 35  ? 6.841   -9.790  1.476   1.00 10.42 ? 35  ASN A N   1 
ATOM   247  C CA  . ASN A 1 35  ? 5.770   -9.508  2.452   1.00 10.40 ? 35  ASN A CA  1 
ATOM   248  C C   . ASN A 1 35  ? 4.425   -9.056  1.808   1.00 9.66  ? 35  ASN A C   1 
ATOM   249  O O   . ASN A 1 35  ? 3.369   -9.598  1.992   1.00 10.36 ? 35  ASN A O   1 
ATOM   250  C CB  . ASN A 1 35  ? 6.308   -8.513  3.448   1.00 11.02 ? 35  ASN A CB  1 
ATOM   251  C CG  . ASN A 1 35  ? 5.282   -8.153  4.538   1.00 10.24 ? 35  ASN A CG  1 
ATOM   252  O OD1 . ASN A 1 35  ? 4.809   -8.991  5.263   1.00 12.07 ? 35  ASN A OD1 1 
ATOM   253  N ND2 . ASN A 1 35  ? 4.970   -6.864  4.650   1.00 10.63 ? 35  ASN A ND2 1 
ATOM   254  N N   . PHE A 1 36  ? 4.649   -8.020  0.922   1.00 9.74  ? 36  PHE A N   1 
ATOM   255  C CA  . PHE A 1 36  ? 3.429   -7.490  0.267   1.00 9.71  ? 36  PHE A CA  1 
ATOM   256  C C   . PHE A 1 36  ? 2.706   -8.524  -0.644  1.00 9.51  ? 36  PHE A C   1 
ATOM   257  O O   . PHE A 1 36  ? 1.526   -8.637  -0.670  1.00 10.28 ? 36  PHE A O   1 
ATOM   258  C CB  . PHE A 1 36  ? 3.830   -6.225  -0.469  1.00 9.83  ? 36  PHE A CB  1 
ATOM   259  C CG  . PHE A 1 36  ? 2.627   -5.404  -0.942  1.00 10.85 ? 36  PHE A CG  1 
ATOM   260  C CD1 . PHE A 1 36  ? 2.045   -5.623  -2.244  1.00 12.22 ? 36  PHE A CD1 1 
ATOM   261  C CD2 . PHE A 1 36  ? 2.083   -4.359  -0.199  1.00 11.37 ? 36  PHE A CD2 1 
ATOM   262  C CE1 . PHE A 1 36  ? 0.943   -4.830  -2.675  1.00 12.36 ? 36  PHE A CE1 1 
ATOM   263  C CE2 . PHE A 1 36  ? 1.000   -3.646  -0.647  1.00 11.07 ? 36  PHE A CE2 1 
ATOM   264  C CZ  . PHE A 1 36  ? 0.473   -3.844  -1.880  1.00 11.37 ? 36  PHE A CZ  1 
ATOM   265  N N   . ARG A 1 37  ? 3.573   -9.230  -1.418  1.00 9.38  ? 37  ARG A N   1 
ATOM   266  C CA  . ARG A 1 37  ? 3.076   -10.246 -2.349  1.00 11.19 ? 37  ARG A CA  1 
ATOM   267  C C   . ARG A 1 37  ? 2.188   -11.280 -1.633  1.00 11.26 ? 37  ARG A C   1 
ATOM   268  O O   . ARG A 1 37  ? 1.057   -11.582 -1.992  1.00 11.99 ? 37  ARG A O   1 
ATOM   269  C CB  . ARG A 1 37  ? 4.241   -10.915 -3.029  1.00 11.50 ? 37  ARG A CB  1 
ATOM   270  C CG  . ARG A 1 37  ? 3.743   -11.921 -4.110  1.00 12.40 ? 37  ARG A CG  1 
ATOM   271  C CD  . ARG A 1 37  ? 4.818   -12.945 -4.482  1.00 12.14 ? 37  ARG A CD  1 
ATOM   272  N NE  . ARG A 1 37  ? 5.136   -13.888 -3.337  1.00 13.22 ? 37  ARG A NE  1 
ATOM   273  C CZ  . ARG A 1 37  ? 4.281   -14.815 -3.030  1.00 14.07 ? 37  ARG A CZ  1 
ATOM   274  N NH1 . ARG A 1 37  ? 3.161   -15.126 -3.652  1.00 16.07 ? 37  ARG A NH1 1 
ATOM   275  N NH2 . ARG A 1 37  ? 4.553   -15.469 -1.867  1.00 17.09 ? 37  ARG A NH2 1 
ATOM   276  N N   . ALA A 1 38  ? 2.747   -11.795 -0.475  1.00 9.79  ? 38  ALA A N   1 
ATOM   277  C CA  . ALA A 1 38  ? 2.031   -12.782 0.279   1.00 10.81 ? 38  ALA A CA  1 
ATOM   278  C C   . ALA A 1 38  ? 0.767   -12.286 0.974   1.00 11.48 ? 38  ALA A C   1 
ATOM   279  O O   . ALA A 1 38  ? -0.220  -12.961 1.115   1.00 12.66 ? 38  ALA A O   1 
ATOM   280  C CB  . ALA A 1 38  ? 2.983   -13.442 1.318   1.00 13.63 ? 38  ALA A CB  1 
ATOM   281  N N   . LEU A 1 39  ? 0.807   -10.967 1.387   1.00 10.82 ? 39  LEU A N   1 
ATOM   282  C CA  . LEU A 1 39  ? -0.415  -10.350 1.966   1.00 12.66 ? 39  LEU A CA  1 
ATOM   283  C C   . LEU A 1 39  ? -1.525  -10.142 0.940   1.00 12.22 ? 39  LEU A C   1 
ATOM   284  O O   . LEU A 1 39  ? -2.668  -10.148 1.250   1.00 11.80 ? 39  LEU A O   1 
ATOM   285  C CB  . LEU A 1 39  ? -0.022  -9.034  2.693   1.00 11.68 ? 39  LEU A CB  1 
ATOM   286  C CG  . LEU A 1 39  ? 0.872   -9.223  3.968   1.00 11.69 ? 39  LEU A CG  1 
ATOM   287  C CD1 . LEU A 1 39  ? 1.384   -7.881  4.489   1.00 11.68 ? 39  LEU A CD1 1 
ATOM   288  C CD2 . LEU A 1 39  ? 0.175   -10.034 5.024   1.00 12.95 ? 39  LEU A CD2 1 
ATOM   289  N N   . CYS A 1 40  ? -1.100  -9.947  -0.341  1.00 11.90 ? 40  CYS A N   1 
ATOM   290  C CA  . CYS A 1 40  ? -2.066  -9.933  -1.509  1.00 12.50 ? 40  CYS A CA  1 
ATOM   291  C C   . CYS A 1 40  ? -2.689  -11.309 -1.784  1.00 12.46 ? 40  CYS A C   1 
ATOM   292  O O   . CYS A 1 40  ? -3.873  -11.347 -1.992  1.00 15.57 ? 40  CYS A O   1 
ATOM   293  C CB  . CYS A 1 40  ? -1.367  -9.362  -2.758  1.00 12.29 ? 40  CYS A CB  1 
ATOM   294  S SG  . CYS A 1 40  ? -1.053  -7.565  -2.719  1.00 13.25 ? 40  CYS A SG  1 
ATOM   295  N N   . THR A 1 41  ? -1.878  -12.347 -1.788  1.00 13.05 ? 41  THR A N   1 
ATOM   296  C CA  . THR A 1 41  ? -2.464  -13.649 -2.093  1.00 13.88 ? 41  THR A CA  1 
ATOM   297  C C   . THR A 1 41  ? -3.257  -14.214 -0.907  1.00 15.78 ? 41  THR A C   1 
ATOM   298  O O   . THR A 1 41  ? -4.097  -15.102 -1.093  1.00 17.81 ? 41  THR A O   1 
ATOM   299  C CB  . THR A 1 41  ? -1.411  -14.676 -2.539  1.00 15.42 ? 41  THR A CB  1 
ATOM   300  O OG1 . THR A 1 41  ? -0.586  -14.941 -1.361  1.00 15.25 ? 41  THR A OG1 1 
ATOM   301  C CG2 . THR A 1 41  ? -0.596  -14.224 -3.697  1.00 15.64 ? 41  THR A CG2 1 
ATOM   302  N N   . GLY A 1 42  ? -2.913  -13.833 0.371   1.00 15.56 ? 42  GLY A N   1 
ATOM   303  C CA  . GLY A 1 42  ? -3.565  -14.405 1.524   1.00 17.64 ? 42  GLY A CA  1 
ATOM   304  C C   . GLY A 1 42  ? -3.015  -15.792 1.892   1.00 18.52 ? 42  GLY A C   1 
ATOM   305  O O   . GLY A 1 42  ? -3.564  -16.446 2.785   1.00 19.06 ? 42  GLY A O   1 
ATOM   306  N N   . GLU A 1 43  ? -1.876  -16.171 1.297   1.00 17.32 ? 43  GLU A N   1 
ATOM   307  C CA  . GLU A 1 43  ? -1.376  -17.613 1.437   1.00 18.41 ? 43  GLU A CA  1 
ATOM   308  C C   . GLU A 1 43  ? -0.976  -17.956 2.841   1.00 21.59 ? 43  GLU A C   1 
ATOM   309  O O   . GLU A 1 43  ? -0.939  -19.170 3.126   1.00 23.62 ? 43  GLU A O   1 
ATOM   310  C CB  . GLU A 1 43  ? -0.263  -17.880 0.447   1.00 20.14 ? 43  GLU A CB  1 
ATOM   311  C CG  . GLU A 1 43  ? 0.990   -17.132 0.610   1.00 19.92 ? 43  GLU A CG  1 
ATOM   312  C CD  . GLU A 1 43  ? 1.798   -17.208 -0.690  1.00 20.54 ? 43  GLU A CD  1 
ATOM   313  O OE1 . GLU A 1 43  ? 1.347   -16.652 -1.806  1.00 21.45 ? 43  GLU A OE1 1 
ATOM   314  O OE2 . GLU A 1 43  ? 2.911   -17.734 -0.641  1.00 23.79 ? 43  GLU A OE2 1 
ATOM   315  N N   . LYS A 1 44  ? -0.612  -16.981 3.693   1.00 18.53 ? 44  LYS A N   1 
ATOM   316  C CA  . LYS A 1 44  ? -0.237  -17.294 5.124   1.00 17.96 ? 44  LYS A CA  1 
ATOM   317  C C   . LYS A 1 44  ? -1.458  -17.355 5.996   1.00 21.33 ? 44  LYS A C   1 
ATOM   318  O O   . LYS A 1 44  ? -1.259  -17.600 7.218   1.00 23.38 ? 44  LYS A O   1 
ATOM   319  C CB  . LYS A 1 44  ? 0.784   -16.288 5.696   1.00 20.70 ? 44  LYS A CB  1 
ATOM   320  C CG  . LYS A 1 44  ? 1.948   -15.963 4.816   1.00 21.95 ? 44  LYS A CG  1 
ATOM   321  C CD  . LYS A 1 44  ? 2.835   -17.136 4.502   1.00 23.85 ? 44  LYS A CD  1 
ATOM   322  C CE  . LYS A 1 44  ? 4.092   -16.643 3.746   1.00 25.17 ? 44  LYS A CE  1 
ATOM   323  N NZ  . LYS A 1 44  ? 5.050   -17.744 3.659   1.00 28.39 ? 44  LYS A NZ  1 
ATOM   324  N N   . GLY A 1 45  ? -2.677  -17.125 5.525   1.00 19.93 ? 45  GLY A N   1 
ATOM   325  C CA  . GLY A 1 45  ? -3.878  -17.185 6.365   1.00 20.25 ? 45  GLY A CA  1 
ATOM   326  C C   . GLY A 1 45  ? -4.385  -15.841 6.831   1.00 20.40 ? 45  GLY A C   1 
ATOM   327  O O   . GLY A 1 45  ? -5.455  -15.778 7.483   1.00 23.59 ? 45  GLY A O   1 
ATOM   328  N N   . PHE A 1 46  ? -3.714  -14.761 6.359   1.00 18.63 ? 46  PHE A N   1 
ATOM   329  C CA  . PHE A 1 46  ? -4.121  -13.383 6.689   1.00 16.38 ? 46  PHE A CA  1 
ATOM   330  C C   . PHE A 1 46  ? -3.684  -12.459 5.592   1.00 14.53 ? 46  PHE A C   1 
ATOM   331  O O   . PHE A 1 46  ? -2.818  -12.853 4.822   1.00 15.82 ? 46  PHE A O   1 
ATOM   332  C CB  . PHE A 1 46  ? -3.654  -12.926 8.078   1.00 15.65 ? 46  PHE A CB  1 
ATOM   333  C CG  . PHE A 1 46  ? -2.194  -13.081 8.279   1.00 16.79 ? 46  PHE A CG  1 
ATOM   334  C CD1 . PHE A 1 46  ? -1.271  -12.138 7.834   1.00 17.95 ? 46  PHE A CD1 1 
ATOM   335  C CD2 . PHE A 1 46  ? -1.672  -14.210 8.928   1.00 18.91 ? 46  PHE A CD2 1 
ATOM   336  C CE1 . PHE A 1 46  ? 0.086   -12.253 8.063   1.00 17.25 ? 46  PHE A CE1 1 
ATOM   337  C CE2 . PHE A 1 46  ? -0.288  -14.388 9.055   1.00 20.15 ? 46  PHE A CE2 1 
ATOM   338  C CZ  . PHE A 1 46  ? 0.615   -13.430 8.679   1.00 21.51 ? 46  PHE A CZ  1 
ATOM   339  N N   . GLY A 1 47  ? -4.210  -11.243 5.553   1.00 15.14 ? 47  GLY A N   1 
ATOM   340  C CA  . GLY A 1 47  ? -3.815  -10.376 4.456   1.00 14.96 ? 47  GLY A CA  1 
ATOM   341  C C   . GLY A 1 47  ? -4.794  -9.265  4.206   1.00 13.85 ? 47  GLY A C   1 
ATOM   342  O O   . GLY A 1 47  ? -5.689  -8.971  5.016   1.00 14.88 ? 47  GLY A O   1 
ATOM   343  N N   . TYR A 1 48  ? -4.580  -8.643  3.043   1.00 13.08 ? 48  TYR A N   1 
ATOM   344  C CA  . TYR A 1 48  ? -5.330  -7.399  2.693   1.00 12.70 ? 48  TYR A CA  1 
ATOM   345  C C   . TYR A 1 48  ? -6.759  -7.565  2.308   1.00 13.24 ? 48  TYR A C   1 
ATOM   346  O O   . TYR A 1 48  ? -7.574  -6.580  2.408   1.00 14.95 ? 48  TYR A O   1 
ATOM   347  C CB  . TYR A 1 48  ? -4.610  -6.616  1.612   1.00 12.60 ? 48  TYR A CB  1 
ATOM   348  C CG  . TYR A 1 48  ? -3.204  -6.181  1.907   1.00 11.23 ? 48  TYR A CG  1 
ATOM   349  C CD1 . TYR A 1 48  ? -2.873  -5.557  3.182   1.00 11.88 ? 48  TYR A CD1 1 
ATOM   350  C CD2 . TYR A 1 48  ? -2.124  -6.398  1.065   1.00 10.99 ? 48  TYR A CD2 1 
ATOM   351  C CE1 . TYR A 1 48  ? -1.610  -5.127  3.428   1.00 11.44 ? 48  TYR A CE1 1 
ATOM   352  C CE2 . TYR A 1 48  ? -0.843  -5.899  1.329   1.00 9.77  ? 48  TYR A CE2 1 
ATOM   353  C CZ  . TYR A 1 48  ? -0.550  -5.266  2.536   1.00 9.88  ? 48  TYR A CZ  1 
ATOM   354  O OH  . TYR A 1 48  ? 0.707   -4.854  2.828   1.00 10.07 ? 48  TYR A OH  1 
ATOM   355  N N   . LYS A 1 49  ? -7.212  -8.744  1.900   1.00 13.07 ? 49  LYS A N   1 
ATOM   356  C CA  . LYS A 1 49  ? -8.610  -8.871  1.380   1.00 14.64 ? 49  LYS A CA  1 
ATOM   357  C C   . LYS A 1 49  ? -9.623  -8.470  2.474   1.00 14.86 ? 49  LYS A C   1 
ATOM   358  O O   . LYS A 1 49  ? -9.482  -9.003  3.604   1.00 17.14 ? 49  LYS A O   1 
ATOM   359  C CB  . LYS A 1 49  ? -8.843  -10.302 0.818   1.00 16.86 ? 49  LYS A CB  1 
ATOM   360  C CG  . LYS A 1 49  ? -10.221 -10.449 0.245   1.00 19.27 ? 49  LYS A CG  1 
ATOM   361  C CD  . LYS A 1 49  ? -10.334 -11.817 -0.459  1.00 24.56 ? 49  LYS A CD  1 
ATOM   362  C CE  . LYS A 1 49  ? -11.650 -11.844 -1.245  1.00 29.76 ? 49  LYS A CE  1 
ATOM   363  N NZ  . LYS A 1 49  ? -11.491 -12.671 -2.450  1.00 36.48 ? 49  LYS A NZ  1 
ATOM   364  N N   . GLY A 1 50  ? -10.516 -7.522  2.124   1.00 15.39 ? 50  GLY A N   1 
ATOM   365  C CA  . GLY A 1 50  ? -11.568 -7.104  3.031   1.00 18.07 ? 50  GLY A CA  1 
ATOM   366  C C   . GLY A 1 50  ? -11.198 -5.952  3.933   1.00 22.64 ? 50  GLY A C   1 
ATOM   367  O O   . GLY A 1 50  ? -12.059 -5.443  4.646   1.00 24.27 ? 50  GLY A O   1 
ATOM   368  N N   . SER A 1 51  ? -9.977  -5.504  3.872   1.00 16.34 ? 51  SER A N   1 
ATOM   369  C CA  . SER A 1 51  ? -9.505  -4.316  4.620   1.00 16.95 ? 51  SER A CA  1 
ATOM   370  C C   . SER A 1 51  ? -9.623  -3.033  3.858   1.00 16.19 ? 51  SER A C   1 
ATOM   371  O O   . SER A 1 51  ? -10.118 -3.033  2.740   1.00 16.91 ? 51  SER A O   1 
ATOM   372  C CB  . SER A 1 51  ? -8.097  -4.552  5.129   1.00 18.01 ? 51  SER A CB  1 
ATOM   373  O OG  . SER A 1 51  ? -7.129  -4.588  4.100   1.00 18.74 ? 51  SER A OG  1 
ATOM   374  N N   . THR A 1 52  ? -9.230  -1.902  4.453   1.00 13.79 ? 52  THR A N   1 
ATOM   375  C CA  . THR A 1 52  ? -9.631  -0.560  3.978   1.00 14.85 ? 52  THR A CA  1 
ATOM   376  C C   . THR A 1 52  ? -8.438  0.339   3.635   1.00 12.93 ? 52  THR A C   1 
ATOM   377  O O   . THR A 1 52  ? -7.291  0.156   4.136   1.00 14.04 ? 52  THR A O   1 
ATOM   378  C CB  . THR A 1 52  ? -10.527 0.186   5.004   1.00 16.75 ? 52  THR A CB  1 
ATOM   379  O OG1 . THR A 1 52  ? -9.724  0.608   6.123   1.00 17.08 ? 52  THR A OG1 1 
ATOM   380  C CG2 . THR A 1 52  ? -11.686 -0.673  5.423   1.00 17.58 ? 52  THR A CG2 1 
ATOM   381  N N   . PHE A 1 53  ? -8.676  1.382   2.858   1.00 13.53 ? 53  PHE A N   1 
ATOM   382  C CA  . PHE A 1 53  ? -7.817  2.599   2.791   1.00 13.15 ? 53  PHE A CA  1 
ATOM   383  C C   . PHE A 1 53  ? -8.332  3.480   3.931   1.00 13.65 ? 53  PHE A C   1 
ATOM   384  O O   . PHE A 1 53  ? -9.405  4.108   3.774   1.00 16.32 ? 53  PHE A O   1 
ATOM   385  C CB  . PHE A 1 53  ? -7.892  3.326   1.456   1.00 12.79 ? 53  PHE A CB  1 
ATOM   386  C CG  . PHE A 1 53  ? -7.044  2.655   0.387   1.00 12.69 ? 53  PHE A CG  1 
ATOM   387  C CD1 . PHE A 1 53  ? -7.425  1.471   -0.277  1.00 13.74 ? 53  PHE A CD1 1 
ATOM   388  C CD2 . PHE A 1 53  ? -5.839  3.181   0.088   1.00 11.93 ? 53  PHE A CD2 1 
ATOM   389  C CE1 . PHE A 1 53  ? -6.573  0.893   -1.228  1.00 13.55 ? 53  PHE A CE1 1 
ATOM   390  C CE2 . PHE A 1 53  ? -4.948  2.570   -0.854  1.00 13.16 ? 53  PHE A CE2 1 
ATOM   391  C CZ  . PHE A 1 53  ? -5.357  1.435   -1.508  1.00 12.54 ? 53  PHE A CZ  1 
ATOM   392  N N   . HIS A 1 54  ? -7.617  3.592   5.026   1.00 13.10 ? 54  HIS A N   1 
ATOM   393  C CA  . HIS A 1 54  ? -8.100  4.282   6.225   1.00 14.11 ? 54  HIS A CA  1 
ATOM   394  C C   . HIS A 1 54  ? -7.614  5.708   6.288   1.00 14.97 ? 54  HIS A C   1 
ATOM   395  O O   . HIS A 1 54  ? -8.169  6.446   7.143   1.00 16.59 ? 54  HIS A O   1 
ATOM   396  C CB  . HIS A 1 54  ? -7.655  3.564   7.501   1.00 14.85 ? 54  HIS A CB  1 
ATOM   397  C CG  . HIS A 1 54  ? -6.166  3.502   7.641   1.00 15.18 ? 54  HIS A CG  1 
ATOM   398  N ND1 . HIS A 1 54  ? -5.366  4.355   8.364   1.00 16.99 ? 54  HIS A ND1 1 
ATOM   399  C CD2 . HIS A 1 54  ? -5.306  2.595   7.083   1.00 12.40 ? 54  HIS A CD2 1 
ATOM   400  C CE1 . HIS A 1 54  ? -4.085  4.032   8.218   1.00 13.21 ? 54  HIS A CE1 1 
ATOM   401  N NE2 . HIS A 1 54  ? -4.057  2.940   7.449   1.00 17.05 ? 54  HIS A NE2 1 
ATOM   402  N N   . ARG A 1 55  ? -6.630  6.188   5.538   1.00 12.21 ? 55  ARG A N   1 
ATOM   403  C CA  . ARG A 1 55  ? -6.121  7.501   5.645   1.00 11.58 ? 55  ARG A CA  1 
ATOM   404  C C   . ARG A 1 55  ? -5.818  7.972   4.238   1.00 13.22 ? 55  ARG A C   1 
ATOM   405  O O   . ARG A 1 55  ? -4.796  7.466   3.584   1.00 14.42 ? 55  ARG A O   1 
ATOM   406  C CB  . ARG A 1 55  ? -4.834  7.565   6.505   1.00 13.87 ? 55  ARG A CB  1 
ATOM   407  C CG  . ARG A 1 55  ? -4.267  8.939   6.675   1.00 16.00 ? 55  ARG A CG  1 
ATOM   408  C CD  . ARG A 1 55  ? -3.399  9.019   7.896   1.00 28.15 ? 55  ARG A CD  1 
ATOM   409  N NE  . ARG A 1 55  ? -2.152  8.960   7.397   1.00 28.57 ? 55  ARG A NE  1 
ATOM   410  C CZ  . ARG A 1 55  ? -1.208  9.900   7.417   1.00 25.02 ? 55  ARG A CZ  1 
ATOM   411  N NH1 . ARG A 1 55  ? 0.009   9.507   6.886   1.00 20.35 ? 55  ARG A NH1 1 
ATOM   412  N NH2 . ARG A 1 55  ? -1.372  11.082  7.876   1.00 40.83 ? 55  ARG A NH2 1 
ATOM   413  N N   . VAL A 1 56  ? -6.537  8.938   3.697   1.00 11.41 ? 56  VAL A N   1 
ATOM   414  C CA  . VAL A 1 56  ? -6.410  9.377   2.331   1.00 11.61 ? 56  VAL A CA  1 
ATOM   415  C C   . VAL A 1 56  ? -6.293  10.881  2.312   1.00 13.22 ? 56  VAL A C   1 
ATOM   416  O O   . VAL A 1 56  ? -7.301  11.496  2.699   1.00 13.46 ? 56  VAL A O   1 
ATOM   417  C CB  . VAL A 1 56  ? -7.531  8.808   1.442   1.00 11.53 ? 56  VAL A CB  1 
ATOM   418  C CG1 . VAL A 1 56  ? -7.428  9.342   0.027   1.00 13.56 ? 56  VAL A CG1 1 
ATOM   419  C CG2 . VAL A 1 56  ? -7.603  7.272   1.463   1.00 11.84 ? 56  VAL A CG2 1 
ATOM   420  N N   . ILE A 1 57  ? -5.192  11.458  1.854   1.00 11.61 ? 57  ILE A N   1 
ATOM   421  C CA  . ILE A 1 57  ? -4.958  12.915  1.931   1.00 11.48 ? 57  ILE A CA  1 
ATOM   422  C C   . ILE A 1 57  ? -4.793  13.357  0.511   1.00 13.44 ? 57  ILE A C   1 
ATOM   423  O O   . ILE A 1 57  ? -3.734  13.083  -0.134  1.00 13.29 ? 57  ILE A O   1 
ATOM   424  C CB  . ILE A 1 57  ? -3.796  13.295  2.839   1.00 12.70 ? 57  ILE A CB  1 
ATOM   425  C CG1 . ILE A 1 57  ? -4.085  12.914  4.316   1.00 13.10 ? 57  ILE A CG1 1 
ATOM   426  C CG2 . ILE A 1 57  ? -3.544  14.800  2.739   1.00 13.41 ? 57  ILE A CG2 1 
ATOM   427  C CD1 . ILE A 1 57  ? -2.851  13.029  5.164   1.00 14.36 ? 57  ILE A CD1 1 
ATOM   428  N N   . PRO A 1 58  ? -5.729  14.136  -0.059  1.00 13.96 ? 58  PRO A N   1 
ATOM   429  C CA  . PRO A 1 58  ? -5.557  14.618  -1.473  1.00 13.53 ? 58  PRO A CA  1 
ATOM   430  C C   . PRO A 1 58  ? -4.332  15.454  -1.630  1.00 13.91 ? 58  PRO A C   1 
ATOM   431  O O   . PRO A 1 58  ? -3.861  16.199  -0.732  1.00 15.82 ? 58  PRO A O   1 
ATOM   432  C CB  . PRO A 1 58  ? -6.886  15.424  -1.737  1.00 15.50 ? 58  PRO A CB  1 
ATOM   433  C CG  . PRO A 1 58  ? -7.848  14.848  -0.768  1.00 16.79 ? 58  PRO A CG  1 
ATOM   434  C CD  . PRO A 1 58  ? -7.068  14.475  0.470   1.00 15.00 ? 58  PRO A CD  1 
ATOM   435  N N   . SER A 1 59  ? -3.699  15.328  -2.830  1.00 16.11 ? 59  SER A N   1 
ATOM   436  C CA  . SER A 1 59  ? -2.426  15.912  -3.108  1.00 15.50 ? 59  SER A CA  1 
ATOM   437  C C   . SER A 1 59  ? -1.285  15.465  -2.262  1.00 14.03 ? 59  SER A C   1 
ATOM   438  O O   . SER A 1 59  ? -0.300  16.122  -2.041  1.00 16.37 ? 59  SER A O   1 
ATOM   439  C CB  . SER A 1 59  ? -2.549  17.498  -3.155  1.00 19.45 ? 59  SER A CB  1 
ATOM   440  O OG  . SER A 1 59  ? -3.535  17.874  -4.105  1.00 24.31 ? 59  SER A OG  1 
ATOM   441  N N   . PHE A 1 60  ? -1.429  14.234  -1.723  1.00 13.51 ? 60  PHE A N   1 
ATOM   442  C CA  . PHE A 1 60  ? -0.334  13.600  -0.975  1.00 14.60 ? 60  PHE A CA  1 
ATOM   443  C C   . PHE A 1 60  ? -0.288  12.090  -1.258  1.00 13.47 ? 60  PHE A C   1 
ATOM   444  O O   . PHE A 1 60  ? 0.573   11.654  -2.037  1.00 13.08 ? 60  PHE A O   1 
ATOM   445  C CB  . PHE A 1 60  ? -0.495  13.921  0.565   1.00 13.33 ? 60  PHE A CB  1 
ATOM   446  C CG  . PHE A 1 60  ? 0.563   13.339  1.494   1.00 12.56 ? 60  PHE A CG  1 
ATOM   447  C CD1 . PHE A 1 60  ? 1.834   12.886  1.008   1.00 13.26 ? 60  PHE A CD1 1 
ATOM   448  C CD2 . PHE A 1 60  ? 0.353   13.258  2.856   1.00 13.28 ? 60  PHE A CD2 1 
ATOM   449  C CE1 . PHE A 1 60  ? 2.738   12.366  1.862   1.00 13.93 ? 60  PHE A CE1 1 
ATOM   450  C CE2 . PHE A 1 60  ? 1.268   12.678  3.698   1.00 13.00 ? 60  PHE A CE2 1 
ATOM   451  C CZ  . PHE A 1 60  ? 2.495   12.334  3.218   1.00 12.49 ? 60  PHE A CZ  1 
ATOM   452  N N   . MET A 1 61  ? -1.142  11.309  -0.611  1.00 11.65 ? 61  MET A N   1 
ATOM   453  C CA  . MET A 1 61  ? -1.079  9.829   -0.732  1.00 11.08 ? 61  MET A CA  1 
ATOM   454  C C   . MET A 1 61  ? -2.302  9.131   -0.223  1.00 12.37 ? 61  MET A C   1 
ATOM   455  O O   . MET A 1 61  ? -3.184  9.786   0.434   1.00 11.48 ? 61  MET A O   1 
ATOM   456  C CB  . MET A 1 61  ? 0.196   9.252   -0.056  1.00 12.50 ? 61  MET A CB  1 
ATOM   457  C CG  . MET A 1 61  ? 0.261   9.561   1.430   1.00 14.04 ? 61  MET A CG  1 
ATOM   458  S SD  . MET A 1 61  ? -0.678  8.428   2.451   1.00 13.70 ? 61  MET A SD  1 
ATOM   459  C CE  . MET A 1 61  ? -1.606  9.523   3.526   1.00 14.32 ? 61  MET A CE  1 
ATOM   460  N N   . CYS A 1 62  ? -2.511  7.878   -0.573  1.00 11.45 ? 62  CYS A N   1 
ATOM   461  C CA  . CYS A 1 62  ? -3.544  7.011   -0.131  1.00 11.77 ? 62  CYS A CA  1 
ATOM   462  C C   . CYS A 1 62  ? -2.938  5.899   0.679   1.00 10.74 ? 62  CYS A C   1 
ATOM   463  O O   . CYS A 1 62  ? -2.091  5.141   0.119   1.00 11.23 ? 62  CYS A O   1 
ATOM   464  C CB  . CYS A 1 62  ? -4.320  6.396   -1.323  1.00 12.24 ? 62  CYS A CB  1 
ATOM   465  S SG  . CYS A 1 62  ? -4.992  7.610   -2.528  1.00 14.59 ? 62  CYS A SG  1 
ATOM   466  N N   . GLN A 1 63  ? -3.352  5.689   1.922   1.00 10.95 ? 63  GLN A N   1 
ATOM   467  C CA  . GLN A 1 63  ? -2.737  4.717   2.879   1.00 9.85  ? 63  GLN A CA  1 
ATOM   468  C C   . GLN A 1 63  ? -3.688  3.627   3.289   1.00 11.05 ? 63  GLN A C   1 
ATOM   469  O O   . GLN A 1 63  ? -4.885  3.875   3.535   1.00 11.48 ? 63  GLN A O   1 
ATOM   470  C CB  . GLN A 1 63  ? -2.217  5.453   4.127   1.00 12.03 ? 63  GLN A CB  1 
ATOM   471  C CG  . GLN A 1 63  ? -1.361  4.627   5.089   1.00 12.97 ? 63  GLN A CG  1 
ATOM   472  C CD  . GLN A 1 63  ? -0.798  5.460   6.231   1.00 15.18 ? 63  GLN A CD  1 
ATOM   473  O OE1 . GLN A 1 63  ? -0.569  6.677   6.041   1.00 17.35 ? 63  GLN A OE1 1 
ATOM   474  N NE2 . GLN A 1 63  ? -0.503  4.869   7.366   1.00 13.49 ? 63  GLN A NE2 1 
ATOM   475  N N   . ALA A 1 64  ? -3.201  2.398   3.363   1.00 10.14 ? 64  ALA A N   1 
ATOM   476  C CA  . ALA A 1 64  ? -3.975  1.191   3.583   1.00 9.77  ? 64  ALA A CA  1 
ATOM   477  C C   . ALA A 1 64  ? -3.112  0.130   4.359   1.00 9.90  ? 64  ALA A C   1 
ATOM   478  O O   . ALA A 1 64  ? -1.987  0.440   4.766   1.00 10.43 ? 64  ALA A O   1 
ATOM   479  C CB  . ALA A 1 64  ? -4.476  0.616   2.247   1.00 10.56 ? 64  ALA A CB  1 
ATOM   480  N N   . GLY A 1 65  ? -3.713  -1.034  4.539   1.00 11.89 ? 65  GLY A N   1 
ATOM   481  C CA  . GLY A 1 65  ? -2.982  -2.171  5.098   1.00 12.12 ? 65  GLY A CA  1 
ATOM   482  C C   . GLY A 1 65  ? -3.148  -2.492  6.574   1.00 11.37 ? 65  GLY A C   1 
ATOM   483  O O   . GLY A 1 65  ? -2.462  -3.422  7.013   1.00 11.85 ? 65  GLY A O   1 
ATOM   484  N N   . ASP A 1 66  ? -3.953  -1.737  7.300   1.00 11.52 ? 66  ASP A N   1 
ATOM   485  C CA  . ASP A 1 66  ? -4.199  -2.052  8.748   1.00 12.28 ? 66  ASP A CA  1 
ATOM   486  C C   . ASP A 1 66  ? -5.355  -2.986  8.825   1.00 13.14 ? 66  ASP A C   1 
ATOM   487  O O   . ASP A 1 66  ? -6.475  -2.622  9.054   1.00 13.51 ? 66  ASP A O   1 
ATOM   488  C CB  . ASP A 1 66  ? -4.414  -0.796  9.620   1.00 12.21 ? 66  ASP A CB  1 
ATOM   489  C CG  . ASP A 1 66  ? -4.648  -1.163  11.016  1.00 14.10 ? 66  ASP A CG  1 
ATOM   490  O OD1 . ASP A 1 66  ? -4.614  -2.385  11.374  1.00 14.33 ? 66  ASP A OD1 1 
ATOM   491  O OD2 . ASP A 1 66  ? -4.828  -0.270  11.887  1.00 14.89 ? 66  ASP A OD2 1 
ATOM   492  N N   . PHE A 1 67  ? -5.085  -4.286  8.603   1.00 14.68 ? 67  PHE A N   1 
ATOM   493  C CA  . PHE A 1 67  ? -6.120  -5.292  8.493   1.00 14.66 ? 67  PHE A CA  1 
ATOM   494  C C   . PHE A 1 67  ? -6.480  -5.812  9.865   1.00 16.05 ? 67  PHE A C   1 
ATOM   495  O O   . PHE A 1 67  ? -7.415  -6.719  9.874   1.00 20.82 ? 67  PHE A O   1 
ATOM   496  C CB  . PHE A 1 67  ? -5.791  -6.404  7.476   1.00 14.77 ? 67  PHE A CB  1 
ATOM   497  C CG  . PHE A 1 67  ? -4.512  -7.114  7.717   1.00 13.28 ? 67  PHE A CG  1 
ATOM   498  C CD1 . PHE A 1 67  ? -4.449  -8.104  8.670   1.00 16.10 ? 67  PHE A CD1 1 
ATOM   499  C CD2 . PHE A 1 67  ? -3.360  -6.883  6.971   1.00 13.89 ? 67  PHE A CD2 1 
ATOM   500  C CE1 . PHE A 1 67  ? -3.260  -8.822  8.880   1.00 16.86 ? 67  PHE A CE1 1 
ATOM   501  C CE2 . PHE A 1 67  ? -2.160  -7.612  7.253   1.00 15.62 ? 67  PHE A CE2 1 
ATOM   502  C CZ  . PHE A 1 67  ? -2.140  -8.482  8.234   1.00 14.81 ? 67  PHE A CZ  1 
ATOM   503  N N   . THR A 1 68  ? -5.805  -5.413  10.945  1.00 17.23 ? 68  THR A N   1 
ATOM   504  C CA  . THR A 1 68  ? -6.262  -5.809  12.305  1.00 20.56 ? 68  THR A CA  1 
ATOM   505  C C   . THR A 1 68  ? -7.172  -4.824  13.003  1.00 23.27 ? 68  THR A C   1 
ATOM   506  O O   . THR A 1 68  ? -8.292  -5.153  13.537  1.00 23.38 ? 68  THR A O   1 
ATOM   507  C CB  . THR A 1 68  ? -5.019  -6.183  13.106  1.00 19.62 ? 68  THR A CB  1 
ATOM   508  O OG1 . THR A 1 68  ? -4.100  -5.107  13.265  1.00 22.73 ? 68  THR A OG1 1 
ATOM   509  C CG2 . THR A 1 68  ? -4.156  -7.295  12.403  1.00 21.98 ? 68  THR A CG2 1 
ATOM   510  N N   . ASN A 1 69  ? -6.765  -3.562  12.933  1.00 20.94 ? 69  ASN A N   1 
ATOM   511  C CA  . ASN A 1 69  ? -7.491  -2.447  13.654  1.00 20.39 ? 69  ASN A CA  1 
ATOM   512  C C   . ASN A 1 69  ? -8.174  -1.502  12.762  1.00 18.45 ? 69  ASN A C   1 
ATOM   513  O O   . ASN A 1 69  ? -9.057  -0.666  13.211  1.00 21.06 ? 69  ASN A O   1 
ATOM   514  C CB  . ASN A 1 69  ? -6.575  -1.711  14.598  1.00 20.92 ? 69  ASN A CB  1 
ATOM   515  C CG  . ASN A 1 69  ? -6.067  -2.571  15.737  1.00 22.55 ? 69  ASN A CG  1 
ATOM   516  O OD1 . ASN A 1 69  ? -6.705  -3.601  16.080  1.00 30.81 ? 69  ASN A OD1 1 
ATOM   517  N ND2 . ASN A 1 69  ? -4.932  -2.220  16.287  1.00 21.69 ? 69  ASN A ND2 1 
ATOM   518  N N   . HIS A 1 70  ? -7.942  -1.487  11.477  1.00 16.05 ? 70  HIS A N   1 
ATOM   519  C CA  . HIS A 1 70  ? -8.655  -0.648  10.556  1.00 18.62 ? 70  HIS A CA  1 
ATOM   520  C C   . HIS A 1 70  ? -8.573  0.859   10.778  1.00 19.48 ? 70  HIS A C   1 
ATOM   521  O O   . HIS A 1 70  ? -9.401  1.635   10.254  1.00 21.86 ? 70  HIS A O   1 
ATOM   522  C CB  . HIS A 1 70  ? -10.090 -1.077  10.407  1.00 21.40 ? 70  HIS A CB  1 
ATOM   523  C CG  . HIS A 1 70  ? -10.188 -2.539  10.158  1.00 21.38 ? 70  HIS A CG  1 
ATOM   524  N ND1 . HIS A 1 70  ? -9.885  -3.097  8.915   1.00 21.87 ? 70  HIS A ND1 1 
ATOM   525  C CD2 . HIS A 1 70  ? -10.477 -3.574  10.988  1.00 26.19 ? 70  HIS A CD2 1 
ATOM   526  C CE1 . HIS A 1 70  ? -10.059 -4.408  8.983   1.00 27.68 ? 70  HIS A CE1 1 
ATOM   527  N NE2 . HIS A 1 70  ? -10.344 -4.722  10.240  1.00 25.08 ? 70  HIS A NE2 1 
ATOM   528  N N   . ASN A 1 71  ? -7.479  1.278   11.426  1.00 18.33 ? 71  ASN A N   1 
ATOM   529  C CA  . ASN A 1 71  ? -7.428  2.701   11.810  1.00 17.90 ? 71  ASN A CA  1 
ATOM   530  C C   . ASN A 1 71  ? -6.058  3.296   11.854  1.00 19.49 ? 71  ASN A C   1 
ATOM   531  O O   . ASN A 1 71  ? -5.914  4.446   12.310  1.00 20.27 ? 71  ASN A O   1 
ATOM   532  C CB  . ASN A 1 71  ? -8.169  2.859   13.134  1.00 18.93 ? 71  ASN A CB  1 
ATOM   533  C CG  . ASN A 1 71  ? -7.478  2.232   14.299  1.00 16.96 ? 71  ASN A CG  1 
ATOM   534  O OD1 . ASN A 1 71  ? -6.284  1.733   14.323  1.00 14.42 ? 71  ASN A OD1 1 
ATOM   535  N ND2 . ASN A 1 71  ? -8.145  2.245   15.352  1.00 22.56 ? 71  ASN A ND2 1 
ATOM   536  N N   . GLY A 1 72  ? -4.999  2.578   11.443  1.00 15.25 ? 72  GLY A N   1 
ATOM   537  C CA  . GLY A 1 72  ? -3.657  3.065   11.466  1.00 15.21 ? 72  GLY A CA  1 
ATOM   538  C C   . GLY A 1 72  ? -2.767  2.725   12.576  1.00 17.02 ? 72  GLY A C   1 
ATOM   539  O O   . GLY A 1 72  ? -1.486  2.876   12.609  1.00 20.20 ? 72  GLY A O   1 
ATOM   540  N N   . THR A 1 73  ? -3.353  2.076   13.568  1.00 15.85 ? 73  THR A N   1 
ATOM   541  C CA  . THR A 1 73  ? -2.588  1.588   14.688  1.00 17.21 ? 73  THR A CA  1 
ATOM   542  C C   . THR A 1 73  ? -1.998  0.245   14.505  1.00 20.99 ? 73  THR A C   1 
ATOM   543  O O   . THR A 1 73  ? -1.116  -0.175  15.326  1.00 27.21 ? 73  THR A O   1 
ATOM   544  C CB  . THR A 1 73  ? -3.387  1.659   16.057  1.00 17.11 ? 73  THR A CB  1 
ATOM   545  O OG1 . THR A 1 73  ? -4.468  0.842   16.005  1.00 19.29 ? 73  THR A OG1 1 
ATOM   546  C CG2 . THR A 1 73  ? -3.853  3.158   16.257  1.00 20.57 ? 73  THR A CG2 1 
ATOM   547  N N   . GLY A 1 74  ? -2.584  -0.575  13.609  1.00 17.96 ? 74  GLY A N   1 
ATOM   548  C CA  . GLY A 1 74  ? -2.290  -2.050  13.544  1.00 18.01 ? 74  GLY A CA  1 
ATOM   549  C C   . GLY A 1 74  ? -1.604  -2.516  12.246  1.00 17.31 ? 74  GLY A C   1 
ATOM   550  O O   . GLY A 1 74  ? -0.804  -1.795  11.664  1.00 18.90 ? 74  GLY A O   1 
ATOM   551  N N   . GLY A 1 75  ? -1.984  -3.763  11.933  1.00 18.02 ? 75  GLY A N   1 
ATOM   552  C CA  . GLY A 1 75  ? -1.210  -4.512  10.880  1.00 18.67 ? 75  GLY A CA  1 
ATOM   553  C C   . GLY A 1 75  ? -0.134  -5.405  11.464  1.00 18.12 ? 75  GLY A C   1 
ATOM   554  O O   . GLY A 1 75  ? 0.359   -5.357  12.618  1.00 18.13 ? 75  GLY A O   1 
ATOM   555  N N   . LYS A 1 76  ? 0.353   -6.309  10.613  1.00 13.07 ? 76  LYS A N   1 
ATOM   556  C CA  . LYS A 1 76  ? 1.440   -7.223  10.950  1.00 14.17 ? 76  LYS A CA  1 
ATOM   557  C C   . LYS A 1 76  ? 2.046   -7.788  9.653   1.00 11.87 ? 76  LYS A C   1 
ATOM   558  O O   . LYS A 1 76  ? 1.323   -7.850  8.582   1.00 12.75 ? 76  LYS A O   1 
ATOM   559  C CB  . LYS A 1 76  ? 1.067   -8.344  11.886  1.00 18.14 ? 76  LYS A CB  1 
ATOM   560  C CG  . LYS A 1 76  ? 0.035   -9.282  11.340  1.00 18.84 ? 76  LYS A CG  1 
ATOM   561  C CD  . LYS A 1 76  ? -0.379  -10.430 12.274  1.00 20.94 ? 76  LYS A CD  1 
ATOM   562  C CE  . LYS A 1 76  ? -1.470  -11.270 11.686  1.00 25.46 ? 76  LYS A CE  1 
ATOM   563  N NZ  . LYS A 1 76  ? -1.922  -12.337 12.671  1.00 28.99 ? 76  LYS A NZ  1 
ATOM   564  N N   . SER A 1 77  ? 3.295   -8.188  9.697   1.00 10.62 ? 77  SER A N   1 
ATOM   565  C CA  . SER A 1 77  ? 4.000   -8.729  8.496   1.00 10.72 ? 77  SER A CA  1 
ATOM   566  C C   . SER A 1 77  ? 3.889   -10.249 8.497   1.00 11.54 ? 77  SER A C   1 
ATOM   567  O O   . SER A 1 77  ? 3.504   -10.928 9.501   1.00 13.04 ? 77  SER A O   1 
ATOM   568  C CB  . SER A 1 77  ? 5.391   -8.291  8.440   1.00 11.49 ? 77  SER A CB  1 
ATOM   569  O OG  . SER A 1 77  ? 6.273   -9.093  9.309   1.00 14.27 ? 77  SER A OG  1 
ATOM   570  N N   . ILE A 1 78  ? 4.285   -10.858 7.389   1.00 11.24 ? 78  ILE A N   1 
ATOM   571  C CA  . ILE A 1 78  ? 4.334   -12.336 7.330   1.00 12.05 ? 78  ILE A CA  1 
ATOM   572  C C   . ILE A 1 78  ? 5.511   -12.877 8.222   1.00 13.43 ? 78  ILE A C   1 
ATOM   573  O O   . ILE A 1 78  ? 5.558   -14.100 8.408   1.00 14.85 ? 78  ILE A O   1 
ATOM   574  C CB  . ILE A 1 78  ? 4.553   -12.814 5.850   1.00 13.22 ? 78  ILE A CB  1 
ATOM   575  C CG1 . ILE A 1 78  ? 5.853   -12.460 5.307   1.00 11.92 ? 78  ILE A CG1 1 
ATOM   576  C CG2 . ILE A 1 78  ? 3.420   -12.310 4.962   1.00 14.29 ? 78  ILE A CG2 1 
ATOM   577  C CD1 . ILE A 1 78  ? 6.191   -13.090 3.910   1.00 14.19 ? 78  ILE A CD1 1 
ATOM   578  N N   . TYR A 1 79  ? 6.410   -12.024 8.679   1.00 10.99 ? 79  TYR A N   1 
ATOM   579  C CA  . TYR A 1 79  ? 7.597   -12.460 9.464   1.00 12.73 ? 79  TYR A CA  1 
ATOM   580  C C   . TYR A 1 79  ? 7.270   -12.436 10.976  1.00 13.77 ? 79  TYR A C   1 
ATOM   581  O O   . TYR A 1 79  ? 8.014   -13.080 11.706  1.00 15.80 ? 79  TYR A O   1 
ATOM   582  C CB  . TYR A 1 79  ? 8.801   -11.643 9.150   1.00 12.29 ? 79  TYR A CB  1 
ATOM   583  C CG  . TYR A 1 79  ? 9.112   -11.471 7.621   1.00 11.81 ? 79  TYR A CG  1 
ATOM   584  C CD1 . TYR A 1 79  ? 9.462   -12.595 6.889   1.00 12.30 ? 79  TYR A CD1 1 
ATOM   585  C CD2 . TYR A 1 79  ? 9.017   -10.238 6.982   1.00 11.61 ? 79  TYR A CD2 1 
ATOM   586  C CE1 . TYR A 1 79  ? 9.709   -12.530 5.526   1.00 13.08 ? 79  TYR A CE1 1 
ATOM   587  C CE2 . TYR A 1 79  ? 9.337   -10.122 5.605   1.00 11.46 ? 79  TYR A CE2 1 
ATOM   588  C CZ  . TYR A 1 79  ? 9.648   -11.255 4.948   1.00 13.17 ? 79  TYR A CZ  1 
ATOM   589  O OH  . TYR A 1 79  ? 9.876   -11.214 3.533   1.00 13.68 ? 79  TYR A OH  1 
ATOM   590  N N   . GLY A 1 80  ? 6.359   -11.606 11.385  1.00 12.15 ? 80  GLY A N   1 
ATOM   591  C CA  . GLY A 1 80  ? 6.177   -11.247 12.796  1.00 13.20 ? 80  GLY A CA  1 
ATOM   592  C C   . GLY A 1 80  ? 5.577   -9.896  12.863  1.00 13.00 ? 80  GLY A C   1 
ATOM   593  O O   . GLY A 1 80  ? 5.038   -9.339  11.811  1.00 13.34 ? 80  GLY A O   1 
ATOM   594  N N   . SER A 1 81  ? 5.539   -9.227  14.004  1.00 12.33 ? 81  SER A N   1 
ATOM   595  C CA  . SER A 1 81  ? 4.781   -7.972  14.141  1.00 13.66 ? 81  SER A CA  1 
ATOM   596  C C   . SER A 1 81  ? 5.421   -6.863  13.367  1.00 15.85 ? 81  SER A C   1 
ATOM   597  O O   . SER A 1 81  ? 4.690   -6.090  12.680  1.00 22.58 ? 81  SER A O   1 
ATOM   598  C CB  . SER A 1 81  ? 4.633   -7.571  15.634  1.00 14.80 ? 81  SER A CB  1 
ATOM   599  O OG  . SER A 1 81  ? 5.748   -7.250  16.374  1.00 21.38 ? 81  SER A OG  1 
ATOM   600  N N   . ARG A 1 82  ? 6.713   -6.786  13.305  1.00 12.67 ? 82  ARG A N   1 
ATOM   601  C CA  . ARG A 1 82  ? 7.498   -5.741  12.608  1.00 14.04 ? 82  ARG A CA  1 
ATOM   602  C C   . ARG A 1 82  ? 8.755   -6.335  11.999  1.00 13.45 ? 82  ARG A C   1 
ATOM   603  O O   . ARG A 1 82  ? 9.248   -7.393  12.474  1.00 13.68 ? 82  ARG A O   1 
ATOM   604  C CB  . ARG A 1 82  ? 7.848   -4.550  13.493  1.00 18.07 ? 82  ARG A CB  1 
ATOM   605  C CG  . ARG A 1 82  ? 6.534   -4.049  14.164  1.00 24.98 ? 82  ARG A CG  1 
ATOM   606  C CD  . ARG A 1 82  ? 6.564   -2.921  15.208  1.00 37.74 ? 82  ARG A CD  1 
ATOM   607  N NE  . ARG A 1 82  ? 7.727   -3.049  16.051  1.00 40.01 ? 82  ARG A NE  1 
ATOM   608  C CZ  . ARG A 1 82  ? 8.089   -2.193  17.014  1.00 38.76 ? 82  ARG A CZ  1 
ATOM   609  N NH1 . ARG A 1 82  ? 7.332   -1.143  17.328  1.00 30.62 ? 82  ARG A NH1 1 
ATOM   610  N NH2 . ARG A 1 82  ? 9.261   -2.405  17.626  1.00 35.07 ? 82  ARG A NH2 1 
ATOM   611  N N   . PHE A 1 83  ? 9.318   -5.664  11.003  1.00 11.16 ? 83  PHE A N   1 
ATOM   612  C CA  . PHE A 1 83  ? 10.580  -6.072  10.385  1.00 10.76 ? 83  PHE A CA  1 
ATOM   613  C C   . PHE A 1 83  ? 11.462  -4.923  10.032  1.00 11.13 ? 83  PHE A C   1 
ATOM   614  O O   . PHE A 1 83  ? 10.924  -3.786  9.827   1.00 11.30 ? 83  PHE A O   1 
ATOM   615  C CB  . PHE A 1 83  ? 10.394  -7.135  9.254   1.00 12.00 ? 83  PHE A CB  1 
ATOM   616  C CG  . PHE A 1 83  ? 9.701   -6.616  7.944   1.00 12.62 ? 83  PHE A CG  1 
ATOM   617  C CD1 . PHE A 1 83  ? 8.326   -6.403  7.902   1.00 11.07 ? 83  PHE A CD1 1 
ATOM   618  C CD2 . PHE A 1 83  ? 10.474  -6.290  6.848   1.00 12.42 ? 83  PHE A CD2 1 
ATOM   619  C CE1 . PHE A 1 83  ? 7.709   -5.942  6.745   1.00 11.48 ? 83  PHE A CE1 1 
ATOM   620  C CE2 . PHE A 1 83  ? 9.845   -5.860  5.686   1.00 12.35 ? 83  PHE A CE2 1 
ATOM   621  C CZ  . PHE A 1 83  ? 8.490   -5.714  5.660   1.00 10.79 ? 83  PHE A CZ  1 
ATOM   622  N N   . PRO A 1 84  ? 12.768  -5.098  9.864   1.00 11.93 ? 84  PRO A N   1 
ATOM   623  C CA  . PRO A 1 84  ? 13.663  -3.990  9.630   1.00 12.65 ? 84  PRO A CA  1 
ATOM   624  C C   . PRO A 1 84  ? 13.425  -3.229  8.273   1.00 11.18 ? 84  PRO A C   1 
ATOM   625  O O   . PRO A 1 84  ? 12.920  -3.840  7.368   1.00 12.20 ? 84  PRO A O   1 
ATOM   626  C CB  . PRO A 1 84  ? 15.083  -4.667  9.579   1.00 14.51 ? 84  PRO A CB  1 
ATOM   627  C CG  . PRO A 1 84  ? 14.905  -5.885  10.419  1.00 14.88 ? 84  PRO A CG  1 
ATOM   628  C CD  . PRO A 1 84  ? 13.543  -6.357  10.125  1.00 12.42 ? 84  PRO A CD  1 
ATOM   629  N N   . ASP A 1 85  ? 13.879  -2.016  8.276   1.00 11.50 ? 85  ASP A N   1 
ATOM   630  C CA  . ASP A 1 85  ? 14.067  -1.276  6.967   1.00 12.35 ? 85  ASP A CA  1 
ATOM   631  C C   . ASP A 1 85  ? 15.125  -1.971  6.180   1.00 13.52 ? 85  ASP A C   1 
ATOM   632  O O   . ASP A 1 85  ? 16.300  -2.046  6.528   1.00 15.19 ? 85  ASP A O   1 
ATOM   633  C CB  . ASP A 1 85  ? 14.490  0.154   7.242   1.00 12.24 ? 85  ASP A CB  1 
ATOM   634  C CG  . ASP A 1 85  ? 13.429  0.968   8.030   1.00 13.24 ? 85  ASP A CG  1 
ATOM   635  O OD1 . ASP A 1 85  ? 12.194  0.890   7.664   1.00 13.96 ? 85  ASP A OD1 1 
ATOM   636  O OD2 . ASP A 1 85  ? 13.845  1.785   8.917   1.00 14.23 ? 85  ASP A OD2 1 
ATOM   637  N N   . GLU A 1 86  ? 14.721  -2.459  4.970   1.00 11.89 ? 86  GLU A N   1 
ATOM   638  C CA  . GLU A 1 86  ? 15.583  -3.291  4.126   1.00 12.31 ? 86  GLU A CA  1 
ATOM   639  C C   . GLU A 1 86  ? 16.740  -2.491  3.524   1.00 13.67 ? 86  GLU A C   1 
ATOM   640  O O   . GLU A 1 86  ? 17.963  -2.829  3.669   1.00 15.00 ? 86  GLU A O   1 
ATOM   641  C CB  . GLU A 1 86  ? 14.752  -4.030  3.118   1.00 12.25 ? 86  GLU A CB  1 
ATOM   642  C CG  . GLU A 1 86  ? 15.533  -5.072  2.301   1.00 12.37 ? 86  GLU A CG  1 
ATOM   643  C CD  . GLU A 1 86  ? 14.637  -5.979  1.524   1.00 13.50 ? 86  GLU A CD  1 
ATOM   644  O OE1 . GLU A 1 86  ? 13.406  -5.720  1.387   1.00 12.58 ? 86  GLU A OE1 1 
ATOM   645  O OE2 . GLU A 1 86  ? 15.054  -7.106  1.071   1.00 14.40 ? 86  GLU A OE2 1 
ATOM   646  N N   . ASN A 1 87  ? 16.390  -1.436  2.819   1.00 11.74 ? 87  ASN A N   1 
ATOM   647  C CA  . ASN A 1 87  ? 17.272  -0.411  2.278   1.00 12.73 ? 87  ASN A CA  1 
ATOM   648  C C   . ASN A 1 87  ? 16.510  0.774   1.762   1.00 12.59 ? 87  ASN A C   1 
ATOM   649  O O   . ASN A 1 87  ? 15.253  0.693   1.830   1.00 13.39 ? 87  ASN A O   1 
ATOM   650  C CB  . ASN A 1 87  ? 18.158  -1.002  1.099   1.00 13.00 ? 87  ASN A CB  1 
ATOM   651  C CG  . ASN A 1 87  ? 17.410  -1.441  -0.105  1.00 13.45 ? 87  ASN A CG  1 
ATOM   652  O OD1 . ASN A 1 87  ? 16.592  -0.614  -0.679  1.00 14.62 ? 87  ASN A OD1 1 
ATOM   653  N ND2 . ASN A 1 87  ? 17.531  -2.635  -0.528  1.00 14.85 ? 87  ASN A ND2 1 
ATOM   654  N N   . PHE A 1 88  ? 17.154  1.876   1.497   1.00 12.68 ? 88  PHE A N   1 
ATOM   655  C CA  . PHE A 1 88  ? 16.495  3.098   0.986   1.00 12.90 ? 88  PHE A CA  1 
ATOM   656  C C   . PHE A 1 88  ? 16.983  3.379   -0.453  1.00 12.47 ? 88  PHE A C   1 
ATOM   657  O O   . PHE A 1 88  ? 17.088  4.563   -0.833  1.00 15.57 ? 88  PHE A O   1 
ATOM   658  C CB  . PHE A 1 88  ? 16.705  4.275   1.889   1.00 14.16 ? 88  PHE A CB  1 
ATOM   659  C CG  . PHE A 1 88  ? 16.171  4.053   3.303   1.00 14.13 ? 88  PHE A CG  1 
ATOM   660  C CD1 . PHE A 1 88  ? 14.779  4.002   3.507   1.00 14.79 ? 88  PHE A CD1 1 
ATOM   661  C CD2 . PHE A 1 88  ? 17.026  3.830   4.401   1.00 16.09 ? 88  PHE A CD2 1 
ATOM   662  C CE1 . PHE A 1 88  ? 14.243  3.745   4.796   1.00 14.99 ? 88  PHE A CE1 1 
ATOM   663  C CE2 . PHE A 1 88  ? 16.469  3.525   5.652   1.00 15.44 ? 88  PHE A CE2 1 
ATOM   664  C CZ  . PHE A 1 88  ? 15.079  3.547   5.874   1.00 14.36 ? 88  PHE A CZ  1 
ATOM   665  N N   . THR A 1 89  ? 17.220  2.308   -1.200  1.00 13.28 ? 89  THR A N   1 
ATOM   666  C CA  . THR A 1 89  ? 17.793  2.574   -2.577  1.00 13.48 ? 89  THR A CA  1 
ATOM   667  C C   . THR A 1 89  ? 16.806  3.232   -3.516  1.00 14.06 ? 89  THR A C   1 
ATOM   668  O O   . THR A 1 89  ? 17.194  4.156   -4.263  1.00 15.56 ? 89  THR A O   1 
ATOM   669  C CB  . THR A 1 89  ? 18.134  1.205   -3.094  1.00 12.92 ? 89  THR A CB  1 
ATOM   670  O OG1 . THR A 1 89  ? 19.172  0.638   -2.228  1.00 17.31 ? 89  THR A OG1 1 
ATOM   671  C CG2 . THR A 1 89  ? 18.736  1.242   -4.538  1.00 15.87 ? 89  THR A CG2 1 
ATOM   672  N N   . LEU A 1 90  ? 15.537  2.796   -3.460  1.00 12.17 ? 90  LEU A N   1 
ATOM   673  C CA  . LEU A 1 90  ? 14.483  3.416   -4.373  1.00 12.68 ? 90  LEU A CA  1 
ATOM   674  C C   . LEU A 1 90  ? 13.984  4.697   -3.698  1.00 14.89 ? 90  LEU A C   1 
ATOM   675  O O   . LEU A 1 90  ? 13.825  4.745   -2.471  1.00 15.13 ? 90  LEU A O   1 
ATOM   676  C CB  . LEU A 1 90  ? 13.373  2.456   -4.653  1.00 13.17 ? 90  LEU A CB  1 
ATOM   677  C CG  . LEU A 1 90  ? 13.758  1.216   -5.394  1.00 14.65 ? 90  LEU A CG  1 
ATOM   678  C CD1 . LEU A 1 90  ? 12.733  0.141   -5.363  1.00 14.96 ? 90  LEU A CD1 1 
ATOM   679  C CD2 . LEU A 1 90  ? 14.127  1.484   -6.912  1.00 19.00 ? 90  LEU A CD2 1 
ATOM   680  N N   . LYS A 1 91  ? 13.659  5.734   -4.449  1.00 14.51 ? 91  LYS A N   1 
ATOM   681  C CA  . LYS A 1 91  ? 13.214  7.029   -3.988  1.00 14.42 ? 91  LYS A CA  1 
ATOM   682  C C   . LYS A 1 91  ? 11.769  7.308   -4.377  1.00 12.20 ? 91  LYS A C   1 
ATOM   683  O O   . LYS A 1 91  ? 11.184  6.675   -5.264  1.00 13.64 ? 91  LYS A O   1 
ATOM   684  C CB  . LYS A 1 91  ? 14.181  8.097   -4.539  1.00 16.56 ? 91  LYS A CB  1 
ATOM   685  C CG  . LYS A 1 91  ? 15.682  7.870   -4.212  1.00 18.76 ? 91  LYS A CG  1 
ATOM   686  C CD  . LYS A 1 91  ? 16.032  7.627   -2.751  1.00 21.83 ? 91  LYS A CD  1 
ATOM   687  C CE  . LYS A 1 91  ? 17.562  7.492   -2.577  1.00 23.85 ? 91  LYS A CE  1 
ATOM   688  N NZ  . LYS A 1 91  ? 17.880  7.159   -1.130  1.00 27.25 ? 91  LYS A NZ  1 
ATOM   689  N N   . HIS A 1 92  ? 11.254  8.309   -3.642  1.00 12.67 ? 92  HIS A N   1 
ATOM   690  C CA  . HIS A 1 92  ? 9.883   8.792   -3.837  1.00 11.36 ? 92  HIS A CA  1 
ATOM   691  C C   . HIS A 1 92  ? 9.890   9.829   -4.983  1.00 12.31 ? 92  HIS A C   1 
ATOM   692  O O   . HIS A 1 92  ? 10.027  11.014  -4.749  1.00 15.44 ? 92  HIS A O   1 
ATOM   693  C CB  . HIS A 1 92  ? 9.308   9.388   -2.557  1.00 13.15 ? 92  HIS A CB  1 
ATOM   694  C CG  . HIS A 1 92  ? 9.228   8.420   -1.392  1.00 11.60 ? 92  HIS A CG  1 
ATOM   695  N ND1 . HIS A 1 92  ? 10.275  8.125   -0.574  1.00 11.95 ? 92  HIS A ND1 1 
ATOM   696  C CD2 . HIS A 1 92  ? 8.190   7.693   -0.933  1.00 11.35 ? 92  HIS A CD2 1 
ATOM   697  C CE1 . HIS A 1 92  ? 9.896   7.218   0.350   1.00 11.21 ? 92  HIS A CE1 1 
ATOM   698  N NE2 . HIS A 1 92  ? 8.621   6.968   0.182   1.00 10.51 ? 92  HIS A NE2 1 
ATOM   699  N N   . VAL A 1 93  ? 9.838   9.277   -6.218  1.00 14.65 ? 93  VAL A N   1 
ATOM   700  C CA  . VAL A 1 93  ? 10.152  10.122  -7.454  1.00 14.77 ? 93  VAL A CA  1 
ATOM   701  C C   . VAL A 1 93  ? 8.948   10.765  -8.018  1.00 14.95 ? 93  VAL A C   1 
ATOM   702  O O   . VAL A 1 93  ? 9.118   11.682  -8.865  1.00 19.70 ? 93  VAL A O   1 
ATOM   703  C CB  . VAL A 1 93  ? 10.848  9.264   -8.498  1.00 15.53 ? 93  VAL A CB  1 
ATOM   704  C CG1 . VAL A 1 93  ? 12.217  8.864   -7.988  1.00 16.68 ? 93  VAL A CG1 1 
ATOM   705  C CG2 . VAL A 1 93  ? 10.028  8.134   -8.904  1.00 15.82 ? 93  VAL A CG2 1 
ATOM   706  N N   . GLY A 1 94  ? 7.717   10.388  -7.653  1.00 13.55 ? 94  GLY A N   1 
ATOM   707  C CA  . GLY A 1 94  ? 6.489   10.967  -8.274  1.00 14.20 ? 94  GLY A CA  1 
ATOM   708  C C   . GLY A 1 94  ? 5.257   10.245  -7.942  1.00 13.25 ? 94  GLY A C   1 
ATOM   709  O O   . GLY A 1 94  ? 5.272   9.249   -7.091  1.00 14.22 ? 94  GLY A O   1 
ATOM   710  N N   . PRO A 1 95  ? 4.093   10.567  -8.496  1.00 13.85 ? 95  PRO A N   1 
ATOM   711  C CA  . PRO A 1 95  ? 2.915   9.854   -8.346  1.00 14.10 ? 95  PRO A CA  1 
ATOM   712  C C   . PRO A 1 95  ? 3.027   8.372   -8.739  1.00 13.67 ? 95  PRO A C   1 
ATOM   713  O O   . PRO A 1 95  ? 3.760   8.084   -9.701  1.00 15.66 ? 95  PRO A O   1 
ATOM   714  C CB  . PRO A 1 95  ? 1.881   10.547  -9.312  1.00 16.52 ? 95  PRO A CB  1 
ATOM   715  C CG  . PRO A 1 95  ? 2.550   11.725  -9.723  1.00 18.70 ? 95  PRO A CG  1 
ATOM   716  C CD  . PRO A 1 95  ? 3.959   11.735  -9.475  1.00 14.48 ? 95  PRO A CD  1 
ATOM   717  N N   . GLY A 1 96  ? 2.358   7.485   -8.033  1.00 10.90 ? 96  GLY A N   1 
ATOM   718  C CA  . GLY A 1 96  ? 2.374   6.087   -8.325  1.00 11.77 ? 96  GLY A CA  1 
ATOM   719  C C   . GLY A 1 96  ? 3.403   5.221   -7.541  1.00 9.89  ? 96  GLY A C   1 
ATOM   720  O O   . GLY A 1 96  ? 3.363   3.997   -7.674  1.00 11.57 ? 96  GLY A O   1 
ATOM   721  N N   . VAL A 1 97  ? 4.289   5.897   -6.848  1.00 10.92 ? 97  VAL A N   1 
ATOM   722  C CA  . VAL A 1 97  ? 5.263   5.177   -5.931  1.00 10.61 ? 97  VAL A CA  1 
ATOM   723  C C   . VAL A 1 97  ? 4.514   4.438   -4.835  1.00 10.32 ? 97  VAL A C   1 
ATOM   724  O O   . VAL A 1 97  ? 3.603   4.978   -4.242  1.00 10.72 ? 97  VAL A O   1 
ATOM   725  C CB  . VAL A 1 97  ? 6.248   6.197   -5.377  1.00 11.45 ? 97  VAL A CB  1 
ATOM   726  C CG1 . VAL A 1 97  ? 7.075   5.533   -4.228  1.00 12.63 ? 97  VAL A CG1 1 
ATOM   727  C CG2 . VAL A 1 97  ? 7.170   6.604   -6.499  1.00 14.37 ? 97  VAL A CG2 1 
ATOM   728  N N   . LEU A 1 98  ? 4.912   3.190   -4.609  1.00 9.09  ? 98  LEU A N   1 
ATOM   729  C CA  . LEU A 1 98  ? 4.403   2.294   -3.538  1.00 9.32  ? 98  LEU A CA  1 
ATOM   730  C C   . LEU A 1 98  ? 5.475   2.170   -2.452  1.00 9.31  ? 98  LEU A C   1 
ATOM   731  O O   . LEU A 1 98  ? 6.632   1.793   -2.751  1.00 9.51  ? 98  LEU A O   1 
ATOM   732  C CB  . LEU A 1 98  ? 4.097   0.934   -4.118  1.00 9.50  ? 98  LEU A CB  1 
ATOM   733  C CG  . LEU A 1 98  ? 3.656   -0.151  -3.188  1.00 10.09 ? 98  LEU A CG  1 
ATOM   734  C CD1 . LEU A 1 98  ? 2.259   0.111   -2.625  1.00 11.85 ? 98  LEU A CD1 1 
ATOM   735  C CD2 . LEU A 1 98  ? 3.596   -1.501  -3.921  1.00 11.92 ? 98  LEU A CD2 1 
ATOM   736  N N   . SER A 1 99  ? 5.163   2.524   -1.228  1.00 8.77  ? 99  SER A N   1 
ATOM   737  C CA  . SER A 1 99  ? 6.109   2.706   -0.115  1.00 8.73  ? 99  SER A CA  1 
ATOM   738  C C   . SER A 1 99  ? 5.494   2.197   1.229   1.00 9.64  ? 99  SER A C   1 
ATOM   739  O O   . SER A 1 99  ? 4.263   2.152   1.379   1.00 8.93  ? 99  SER A O   1 
ATOM   740  C CB  . SER A 1 99  ? 6.567   4.126   -0.040  1.00 9.10  ? 99  SER A CB  1 
ATOM   741  O OG  . SER A 1 99  ? 7.585   4.338   0.925   1.00 9.89  ? 99  SER A OG  1 
ATOM   742  N N   . MET A 1 100 ? 6.352   1.760   2.127   1.00 9.27  ? 100 MET A N   1 
ATOM   743  C CA  . MET A 1 100 ? 5.900   1.284   3.471   1.00 10.60 ? 100 MET A CA  1 
ATOM   744  C C   . MET A 1 100 ? 5.636   2.410   4.431   1.00 9.14  ? 100 MET A C   1 
ATOM   745  O O   . MET A 1 100 ? 6.482   3.287   4.620   1.00 10.49 ? 100 MET A O   1 
ATOM   746  C CB  . MET A 1 100 ? 6.944   0.357   4.054   1.00 10.48 ? 100 MET A CB  1 
ATOM   747  C CG  . MET A 1 100 ? 7.000   -1.012  3.384   1.00 12.41 ? 100 MET A CG  1 
ATOM   748  S SD  . MET A 1 100 ? 5.556   -1.984  3.271   1.00 11.70 ? 100 MET A SD  1 
ATOM   749  C CE  . MET A 1 100 ? 5.369   -2.547  5.000   1.00 11.52 ? 100 MET A CE  1 
ATOM   750  N N   . ALA A 1 101 ? 4.439   2.400   5.050   1.00 9.41  ? 101 ALA A N   1 
ATOM   751  C CA  . ALA A 1 101 ? 4.205   3.263   6.241   1.00 9.90  ? 101 ALA A CA  1 
ATOM   752  C C   . ALA A 1 101 ? 4.957   2.711   7.469   1.00 10.70 ? 101 ALA A C   1 
ATOM   753  O O   . ALA A 1 101 ? 5.337   1.531   7.467   1.00 11.61 ? 101 ALA A O   1 
ATOM   754  C CB  . ALA A 1 101 ? 2.710   3.266   6.506   1.00 10.61 ? 101 ALA A CB  1 
ATOM   755  N N   . ASN A 1 102 ? 5.250   3.586   8.411   1.00 10.73 ? 102 ASN A N   1 
ATOM   756  C CA  . ASN A 1 102 ? 5.991   3.115   9.605   1.00 11.35 ? 102 ASN A CA  1 
ATOM   757  C C   . ASN A 1 102 ? 5.656   4.041   10.770  1.00 13.01 ? 102 ASN A C   1 
ATOM   758  O O   . ASN A 1 102 ? 5.002   5.101   10.581  1.00 14.55 ? 102 ASN A O   1 
ATOM   759  C CB  . ASN A 1 102 ? 7.438   2.895   9.284   1.00 10.17 ? 102 ASN A CB  1 
ATOM   760  C CG  . ASN A 1 102 ? 8.198   4.159   9.023   1.00 11.98 ? 102 ASN A CG  1 
ATOM   761  O OD1 . ASN A 1 102 ? 8.063   5.137   9.758   1.00 13.96 ? 102 ASN A OD1 1 
ATOM   762  N ND2 . ASN A 1 102 ? 9.007   4.187   7.924   1.00 11.31 ? 102 ASN A ND2 1 
ATOM   763  N N   . ALA A 1 103 ? 6.185   3.617   11.961  1.00 11.81 ? 103 ALA A N   1 
ATOM   764  C CA  . ALA A 1 103 ? 6.138   4.430   13.204  1.00 13.81 ? 103 ALA A CA  1 
ATOM   765  C C   . ALA A 1 103 ? 7.530   4.755   13.654  1.00 14.21 ? 103 ALA A C   1 
ATOM   766  O O   . ALA A 1 103 ? 7.811   4.712   14.868  1.00 15.20 ? 103 ALA A O   1 
ATOM   767  C CB  . ALA A 1 103 ? 5.331   3.647   14.274  1.00 15.74 ? 103 ALA A CB  1 
ATOM   768  N N   . GLY A 1 104 ? 8.499   5.002   12.769  1.00 12.18 ? 104 GLY A N   1 
ATOM   769  C CA  . GLY A 1 104 ? 9.855   5.199   13.072  1.00 12.45 ? 104 GLY A CA  1 
ATOM   770  C C   . GLY A 1 104 ? 10.760  4.134   12.477  1.00 12.72 ? 104 GLY A C   1 
ATOM   771  O O   . GLY A 1 104 ? 10.268  3.205   11.781  1.00 13.09 ? 104 GLY A O   1 
ATOM   772  N N   . PRO A 1 105 ? 12.065  4.211   12.688  1.00 12.56 ? 105 PRO A N   1 
ATOM   773  C CA  . PRO A 1 105 ? 12.974  3.246   12.131  1.00 12.37 ? 105 PRO A CA  1 
ATOM   774  C C   . PRO A 1 105 ? 12.682  1.775   12.474  1.00 13.73 ? 105 PRO A C   1 
ATOM   775  O O   . PRO A 1 105 ? 12.338  1.432   13.649  1.00 13.56 ? 105 PRO A O   1 
ATOM   776  C CB  . PRO A 1 105 ? 14.311  3.640   12.689  1.00 15.91 ? 105 PRO A CB  1 
ATOM   777  C CG  . PRO A 1 105 ? 14.182  5.119   12.946  1.00 16.59 ? 105 PRO A CG  1 
ATOM   778  C CD  . PRO A 1 105 ? 12.769  5.287   13.401  1.00 14.39 ? 105 PRO A CD  1 
ATOM   779  N N   . ASN A 1 106 ? 12.753  0.858   11.519  1.00 12.44 ? 106 ASN A N   1 
ATOM   780  C CA  . ASN A 1 106 ? 12.591  -0.586  11.741  1.00 12.89 ? 106 ASN A CA  1 
ATOM   781  C C   . ASN A 1 106 ? 11.285  -0.927  12.379  1.00 12.15 ? 106 ASN A C   1 
ATOM   782  O O   . ASN A 1 106 ? 11.178  -1.809  13.259  1.00 13.82 ? 106 ASN A O   1 
ATOM   783  C CB  . ASN A 1 106 ? 13.797  -1.120  12.553  1.00 12.29 ? 106 ASN A CB  1 
ATOM   784  C CG  . ASN A 1 106 ? 15.062  -0.810  11.898  1.00 13.75 ? 106 ASN A CG  1 
ATOM   785  O OD1 . ASN A 1 106 ? 15.297  -1.232  10.710  1.00 14.61 ? 106 ASN A OD1 1 
ATOM   786  N ND2 . ASN A 1 106 ? 15.916  -0.101  12.585  1.00 15.97 ? 106 ASN A ND2 1 
ATOM   787  N N   . THR A 1 107 ? 10.180  -0.409  11.842  1.00 11.27 ? 107 THR A N   1 
ATOM   788  C CA  . THR A 1 107 ? 8.816   -0.693  12.293  1.00 12.68 ? 107 THR A CA  1 
ATOM   789  C C   . THR A 1 107 ? 7.831   -1.051  11.189  1.00 13.68 ? 107 THR A C   1 
ATOM   790  O O   . THR A 1 107 ? 6.586   -0.948  11.330  1.00 15.18 ? 107 THR A O   1 
ATOM   791  C CB  . THR A 1 107 ? 8.179   0.423   13.167  1.00 14.16 ? 107 THR A CB  1 
ATOM   792  O OG1 . THR A 1 107 ? 8.125   1.630   12.410  1.00 12.55 ? 107 THR A OG1 1 
ATOM   793  C CG2 . THR A 1 107 ? 9.049   0.700   14.418  1.00 15.53 ? 107 THR A CG2 1 
ATOM   794  N N   . ASN A 1 108 ? 8.393   -1.590  10.100  1.00 11.26 ? 108 ASN A N   1 
ATOM   795  C CA  . ASN A 1 108 ? 7.511   -2.041  8.964   1.00 11.56 ? 108 ASN A CA  1 
ATOM   796  C C   . ASN A 1 108 ? 6.602   -3.176  9.350   1.00 10.84 ? 108 ASN A C   1 
ATOM   797  O O   . ASN A 1 108 ? 7.069   -4.105  10.034  1.00 11.92 ? 108 ASN A O   1 
ATOM   798  C CB  . ASN A 1 108 ? 8.388   -2.497  7.767   1.00 11.14 ? 108 ASN A CB  1 
ATOM   799  C CG  . ASN A 1 108 ? 9.239   -1.446  7.302   1.00 12.78 ? 108 ASN A CG  1 
ATOM   800  O OD1 . ASN A 1 108 ? 8.819   -0.428  6.712   1.00 14.18 ? 108 ASN A OD1 1 
ATOM   801  N ND2 . ASN A 1 108 ? 10.572  -1.492  7.645   1.00 13.80 ? 108 ASN A ND2 1 
ATOM   802  N N   . GLY A 1 109 ? 5.320   -3.164  8.959   1.00 10.33 ? 109 GLY A N   1 
ATOM   803  C CA  . GLY A 1 109 ? 4.419   -4.244  9.235   1.00 10.37 ? 109 GLY A CA  1 
ATOM   804  C C   . GLY A 1 109 ? 3.665   -4.590  7.961   1.00 11.36 ? 109 GLY A C   1 
ATOM   805  O O   . GLY A 1 109 ? 4.203   -5.320  7.122   1.00 12.33 ? 109 GLY A O   1 
ATOM   806  N N   . SER A 1 110 ? 2.451   -4.160  7.839   1.00 10.50 ? 110 SER A N   1 
ATOM   807  C CA  . SER A 1 110 ? 1.627   -4.358  6.630   1.00 10.08 ? 110 SER A CA  1 
ATOM   808  C C   . SER A 1 110 ? 1.170   -3.058  6.066   1.00 10.14 ? 110 SER A C   1 
ATOM   809  O O   . SER A 1 110 ? 0.676   -3.055  4.879   1.00 10.99 ? 110 SER A O   1 
ATOM   810  C CB  . SER A 1 110 ? 0.479   -5.253  6.877   1.00 11.55 ? 110 SER A CB  1 
ATOM   811  O OG  . SER A 1 110 ? -0.304  -4.757  7.990   1.00 11.72 ? 110 SER A OG  1 
ATOM   812  N N   . GLN A 1 111 ? 1.226   -1.900  6.742   1.00 9.05  ? 111 GLN A N   1 
ATOM   813  C CA  . GLN A 1 111 ? 0.619   -0.702  6.187   1.00 9.77  ? 111 GLN A CA  1 
ATOM   814  C C   . GLN A 1 111 ? 1.513   -0.147  5.129   1.00 8.80  ? 111 GLN A C   1 
ATOM   815  O O   . GLN A 1 111 ? 2.794   -0.187  5.192   1.00 9.12  ? 111 GLN A O   1 
ATOM   816  C CB  . GLN A 1 111 ? 0.396   0.374   7.290   1.00 10.88 ? 111 GLN A CB  1 
ATOM   817  C CG  . GLN A 1 111 ? -0.712  0.049   8.286   1.00 10.25 ? 111 GLN A CG  1 
ATOM   818  C CD  . GLN A 1 111 ? -0.993  1.204   9.183   1.00 11.32 ? 111 GLN A CD  1 
ATOM   819  O OE1 . GLN A 1 111 ? -1.171  2.334   8.749   1.00 12.89 ? 111 GLN A OE1 1 
ATOM   820  N NE2 . GLN A 1 111 ? -0.945  0.916   10.480  1.00 12.25 ? 111 GLN A NE2 1 
ATOM   821  N N   . PHE A 1 112 ? 0.891   0.443   4.096   1.00 8.83  ? 112 PHE A N   1 
ATOM   822  C CA  . PHE A 1 112 ? 1.586   0.959   2.871   1.00 8.56  ? 112 PHE A CA  1 
ATOM   823  C C   . PHE A 1 112 ? 0.881   2.164   2.305   1.00 8.40  ? 112 PHE A C   1 
ATOM   824  O O   . PHE A 1 112 ? -0.269  2.412   2.723   1.00 9.03  ? 112 PHE A O   1 
ATOM   825  C CB  . PHE A 1 112 ? 1.691   -0.151  1.807   1.00 8.78  ? 112 PHE A CB  1 
ATOM   826  C CG  . PHE A 1 112 ? 0.331   -0.551  1.258   1.00 9.25  ? 112 PHE A CG  1 
ATOM   827  C CD1 . PHE A 1 112 ? -0.489  -1.481  1.840   1.00 9.55  ? 112 PHE A CD1 1 
ATOM   828  C CD2 . PHE A 1 112 ? -0.190  0.058   0.075   1.00 9.81  ? 112 PHE A CD2 1 
ATOM   829  C CE1 . PHE A 1 112 ? -1.724  -1.884  1.375   1.00 12.07 ? 112 PHE A CE1 1 
ATOM   830  C CE2 . PHE A 1 112 ? -1.417  -0.361  -0.422  1.00 10.32 ? 112 PHE A CE2 1 
ATOM   831  C CZ  . PHE A 1 112 ? -2.189  -1.329  0.184   1.00 11.17 ? 112 PHE A CZ  1 
ATOM   832  N N   . PHE A 1 113 ? 1.500   2.871   1.436   1.00 8.62  ? 113 PHE A N   1 
ATOM   833  C CA  . PHE A 1 113 ? 0.847   4.018   0.761   1.00 8.65  ? 113 PHE A CA  1 
ATOM   834  C C   . PHE A 1 113 ? 1.205   4.061   -0.685  1.00 9.47  ? 113 PHE A C   1 
ATOM   835  O O   . PHE A 1 113 ? 2.307   3.603   -1.098  1.00 9.96  ? 113 PHE A O   1 
ATOM   836  C CB  . PHE A 1 113 ? 1.097   5.364   1.509   1.00 8.71  ? 113 PHE A CB  1 
ATOM   837  C CG  . PHE A 1 113 ? 2.527   5.786   1.611   1.00 9.10  ? 113 PHE A CG  1 
ATOM   838  C CD1 . PHE A 1 113 ? 3.394   5.265   2.611   1.00 9.78  ? 113 PHE A CD1 1 
ATOM   839  C CD2 . PHE A 1 113 ? 3.114   6.798   0.763   1.00 10.53 ? 113 PHE A CD2 1 
ATOM   840  C CE1 . PHE A 1 113 ? 4.700   5.671   2.728   1.00 11.11 ? 113 PHE A CE1 1 
ATOM   841  C CE2 . PHE A 1 113 ? 4.433   7.181   0.908   1.00 11.76 ? 113 PHE A CE2 1 
ATOM   842  C CZ  . PHE A 1 113 ? 5.215   6.604   1.912   1.00 11.26 ? 113 PHE A CZ  1 
ATOM   843  N N   . ILE A 1 114 ? 0.275   4.621   -1.456  1.00 9.97  ? 114 ILE A N   1 
ATOM   844  C CA  . ILE A 1 114 ? 0.476   4.933   -2.905  1.00 10.83 ? 114 ILE A CA  1 
ATOM   845  C C   . ILE A 1 114 ? 0.546   6.447   -3.061  1.00 10.13 ? 114 ILE A C   1 
ATOM   846  O O   . ILE A 1 114 ? -0.508  7.122   -2.677  1.00 11.46 ? 114 ILE A O   1 
ATOM   847  C CB  . ILE A 1 114 ? -0.568  4.264   -3.769  1.00 10.88 ? 114 ILE A CB  1 
ATOM   848  C CG1 . ILE A 1 114 ? -0.632  2.738   -3.646  1.00 11.66 ? 114 ILE A CG1 1 
ATOM   849  C CG2 . ILE A 1 114 ? -0.326  4.665   -5.248  1.00 13.06 ? 114 ILE A CG2 1 
ATOM   850  C CD1 . ILE A 1 114 ? -1.836  2.064   -4.230  1.00 14.00 ? 114 ILE A CD1 1 
ATOM   851  N N   . CYS A 1 115 ? 1.577   7.015   -3.532  1.00 10.51 ? 115 CYS A N   1 
ATOM   852  C CA  . CYS A 1 115 ? 1.754   8.474   -3.645  1.00 10.86 ? 115 CYS A CA  1 
ATOM   853  C C   . CYS A 1 115 ? 0.903   9.004   -4.776  1.00 12.17 ? 115 CYS A C   1 
ATOM   854  O O   . CYS A 1 115 ? 0.766   8.396   -5.850  1.00 13.91 ? 115 CYS A O   1 
ATOM   855  C CB  . CYS A 1 115 ? 3.206   8.796   -3.930  1.00 10.70 ? 115 CYS A CB  1 
ATOM   856  S SG  . CYS A 1 115 ? 4.298   8.253   -2.589  1.00 14.38 ? 115 CYS A SG  1 
ATOM   857  N N   . THR A 1 116 ? 0.321   10.201  -4.578  1.00 11.74 ? 116 THR A N   1 
ATOM   858  C CA  . THR A 1 116 ? -0.340  10.941  -5.709  1.00 13.61 ? 116 THR A CA  1 
ATOM   859  C C   . THR A 1 116 ? 0.397   12.177  -6.048  1.00 13.68 ? 116 THR A C   1 
ATOM   860  O O   . THR A 1 116 ? -0.104  12.972  -6.911  1.00 17.07 ? 116 THR A O   1 
ATOM   861  C CB  . THR A 1 116 ? -1.789  11.237  -5.321  1.00 13.62 ? 116 THR A CB  1 
ATOM   862  O OG1 . THR A 1 116 ? -1.801  12.052  -4.143  1.00 17.28 ? 116 THR A OG1 1 
ATOM   863  C CG2 . THR A 1 116 ? -2.631  9.971   -5.139  1.00 15.86 ? 116 THR A CG2 1 
ATOM   864  N N   . ILE A 1 117 ? 1.580   12.413  -5.525  1.00 13.67 ? 117 ILE A N   1 
ATOM   865  C CA  . ILE A 1 117 ? 2.497   13.505  -5.835  1.00 14.78 ? 117 ILE A CA  1 
ATOM   866  C C   . ILE A 1 117 ? 3.919   13.000  -5.559  1.00 15.64 ? 117 ILE A C   1 
ATOM   867  O O   . ILE A 1 117 ? 4.062   11.910  -4.909  1.00 14.01 ? 117 ILE A O   1 
ATOM   868  C CB  . ILE A 1 117 ? 2.203   14.730  -5.004  1.00 17.00 ? 117 ILE A CB  1 
ATOM   869  C CG1 . ILE A 1 117 ? 2.487   14.524  -3.511  1.00 16.52 ? 117 ILE A CG1 1 
ATOM   870  C CG2 . ILE A 1 117 ? 0.878   15.435  -5.414  1.00 22.93 ? 117 ILE A CG2 1 
ATOM   871  C CD1 . ILE A 1 117 ? 2.700   15.821  -2.784  1.00 22.82 ? 117 ILE A CD1 1 
ATOM   872  N N   . LYS A 1 118 ? 4.994   13.713  -5.909  1.00 14.62 ? 118 LYS A N   1 
ATOM   873  C CA  . LYS A 1 118 ? 6.349   13.361  -5.498  1.00 12.88 ? 118 LYS A CA  1 
ATOM   874  C C   . LYS A 1 118 ? 6.492   13.636  -4.019  1.00 14.01 ? 118 LYS A C   1 
ATOM   875  O O   . LYS A 1 118 ? 6.283   14.770  -3.565  1.00 15.28 ? 118 LYS A O   1 
ATOM   876  C CB  . LYS A 1 118 ? 7.344   14.231  -6.318  1.00 14.85 ? 118 LYS A CB  1 
ATOM   877  C CG  . LYS A 1 118 ? 8.819   14.035  -5.936  1.00 17.67 ? 118 LYS A CG  1 
ATOM   878  C CD  . LYS A 1 118 ? 9.716   14.722  -7.025  1.00 21.31 ? 118 LYS A CD  1 
ATOM   879  C CE  . LYS A 1 118 ? 11.141  14.834  -6.583  1.00 34.95 ? 118 LYS A CE  1 
ATOM   880  N NZ  . LYS A 1 118 ? 11.238  16.171  -5.890  1.00 48.97 ? 118 LYS A NZ  1 
ATOM   881  N N   . THR A 1 119 ? 6.879   12.643  -3.240  1.00 12.43 ? 119 THR A N   1 
ATOM   882  C CA  . THR A 1 119 ? 6.999   12.793  -1.778  1.00 12.66 ? 119 THR A CA  1 
ATOM   883  C C   . THR A 1 119 ? 8.448   12.602  -1.329  1.00 13.40 ? 119 THR A C   1 
ATOM   884  O O   . THR A 1 119 ? 8.787   11.792  -0.450  1.00 13.31 ? 119 THR A O   1 
ATOM   885  C CB  . THR A 1 119 ? 6.084   11.821  -1.034  1.00 13.44 ? 119 THR A CB  1 
ATOM   886  O OG1 . THR A 1 119 ? 6.418   10.460  -1.285  1.00 12.95 ? 119 THR A OG1 1 
ATOM   887  C CG2 . THR A 1 119 ? 4.601   11.936  -1.374  1.00 14.24 ? 119 THR A CG2 1 
ATOM   888  N N   . ASP A 1 120 ? 9.358   13.378  -1.942  1.00 13.24 ? 120 ASP A N   1 
ATOM   889  C CA  . ASP A 1 120 ? 10.793  13.249  -1.714  1.00 15.56 ? 120 ASP A CA  1 
ATOM   890  C C   . ASP A 1 120 ? 11.300  13.527  -0.295  1.00 14.01 ? 120 ASP A C   1 
ATOM   891  O O   . ASP A 1 120 ? 12.390  13.044  0.087   1.00 14.83 ? 120 ASP A O   1 
ATOM   892  C CB  . ASP A 1 120 ? 11.499  14.078  -2.790  1.00 17.74 ? 120 ASP A CB  1 
ATOM   893  C CG  . ASP A 1 120 ? 11.145  15.543  -2.660  1.00 17.50 ? 120 ASP A CG  1 
ATOM   894  O OD1 . ASP A 1 120 ? 10.027  15.936  -2.919  1.00 23.60 ? 120 ASP A OD1 1 
ATOM   895  O OD2 . ASP A 1 120 ? 12.040  16.283  -2.204  1.00 31.57 ? 120 ASP A OD2 1 
ATOM   896  N N   . TRP A 1 121 ? 10.528  14.243  0.525   1.00 13.26 ? 121 TRP A N   1 
ATOM   897  C CA  . TRP A 1 121 ? 10.851  14.444  1.913   1.00 13.33 ? 121 TRP A CA  1 
ATOM   898  C C   . TRP A 1 121 ? 10.762  13.154  2.764   1.00 13.47 ? 121 TRP A C   1 
ATOM   899  O O   . TRP A 1 121 ? 11.223  13.122  3.894   1.00 13.96 ? 121 TRP A O   1 
ATOM   900  C CB  . TRP A 1 121 ? 9.917   15.505  2.563   1.00 14.45 ? 121 TRP A CB  1 
ATOM   901  C CG  . TRP A 1 121 ? 8.501   15.172  2.473   1.00 14.83 ? 121 TRP A CG  1 
ATOM   902  C CD1 . TRP A 1 121 ? 7.734   14.499  3.405   1.00 13.54 ? 121 TRP A CD1 1 
ATOM   903  C CD2 . TRP A 1 121 ? 7.631   15.514  1.423   1.00 15.44 ? 121 TRP A CD2 1 
ATOM   904  N NE1 . TRP A 1 121 ? 6.479   14.349  2.971   1.00 14.78 ? 121 TRP A NE1 1 
ATOM   905  C CE2 . TRP A 1 121 ? 6.351   14.948  1.733   1.00 15.52 ? 121 TRP A CE2 1 
ATOM   906  C CE3 . TRP A 1 121 ? 7.803   16.277  0.209   1.00 14.90 ? 121 TRP A CE3 1 
ATOM   907  C CZ2 . TRP A 1 121 ? 5.236   15.129  0.910   1.00 15.82 ? 121 TRP A CZ2 1 
ATOM   908  C CZ3 . TRP A 1 121 ? 6.680   16.399  -0.599  1.00 16.74 ? 121 TRP A CZ3 1 
ATOM   909  C CH2 . TRP A 1 121 ? 5.437   15.809  -0.275  1.00 14.88 ? 121 TRP A CH2 1 
ATOM   910  N N   . LEU A 1 122 ? 10.219  12.100  2.148   1.00 12.82 ? 122 LEU A N   1 
ATOM   911  C CA  . LEU A 1 122 ? 10.207  10.744  2.730   1.00 12.39 ? 122 LEU A CA  1 
ATOM   912  C C   . LEU A 1 122 ? 11.403  9.863   2.420   1.00 11.98 ? 122 LEU A C   1 
ATOM   913  O O   . LEU A 1 122 ? 11.559  8.735   2.956   1.00 11.81 ? 122 LEU A O   1 
ATOM   914  C CB  . LEU A 1 122 ? 8.875   10.071  2.438   1.00 10.94 ? 122 LEU A CB  1 
ATOM   915  C CG  . LEU A 1 122 ? 7.603   10.817  2.817   1.00 12.33 ? 122 LEU A CG  1 
ATOM   916  C CD1 . LEU A 1 122 ? 6.400   9.979   2.438   1.00 12.54 ? 122 LEU A CD1 1 
ATOM   917  C CD2 . LEU A 1 122 ? 7.588   11.107  4.326   1.00 12.91 ? 122 LEU A CD2 1 
ATOM   918  N N   . ASP A 1 123 ? 12.272  10.335  1.521   1.00 12.84 ? 123 ASP A N   1 
ATOM   919  C CA  . ASP A 1 123 ? 13.451  9.525   1.124   1.00 12.91 ? 123 ASP A CA  1 
ATOM   920  C C   . ASP A 1 123 ? 14.404  9.290   2.315   1.00 11.29 ? 123 ASP A C   1 
ATOM   921  O O   . ASP A 1 123 ? 14.656  10.216  3.085   1.00 14.03 ? 123 ASP A O   1 
ATOM   922  C CB  . ASP A 1 123 ? 14.204  10.285  0.032   1.00 13.45 ? 123 ASP A CB  1 
ATOM   923  C CG  . ASP A 1 123 ? 13.521  10.281  -1.310  1.00 13.91 ? 123 ASP A CG  1 
ATOM   924  O OD1 . ASP A 1 123 ? 12.525  9.593   -1.549  1.00 14.36 ? 123 ASP A OD1 1 
ATOM   925  O OD2 . ASP A 1 123 ? 14.039  11.066  -2.235  1.00 17.13 ? 123 ASP A OD2 1 
ATOM   926  N N   . GLY A 1 124 ? 14.792  8.016   2.458   1.00 12.94 ? 124 GLY A N   1 
ATOM   927  C CA  . GLY A 1 124 ? 15.678  7.650   3.581   1.00 12.62 ? 124 GLY A CA  1 
ATOM   928  C C   . GLY A 1 124 ? 14.913  7.394   4.859   1.00 12.27 ? 124 GLY A C   1 
ATOM   929  O O   . GLY A 1 124 ? 15.515  7.032   5.845   1.00 15.21 ? 124 GLY A O   1 
ATOM   930  N N   . LYS A 1 125 ? 13.599  7.523   4.871   1.00 11.59 ? 125 LYS A N   1 
ATOM   931  C CA  . LYS A 1 125 ? 12.740  7.304   6.032   1.00 13.00 ? 125 LYS A CA  1 
ATOM   932  C C   . LYS A 1 125 ? 11.707  6.225   5.803   1.00 11.29 ? 125 LYS A C   1 
ATOM   933  O O   . LYS A 1 125 ? 11.350  5.515   6.762   1.00 13.31 ? 125 LYS A O   1 
ATOM   934  C CB  . LYS A 1 125 ? 12.049  8.578   6.482   1.00 12.92 ? 125 LYS A CB  1 
ATOM   935  C CG  . LYS A 1 125 ? 13.115  9.612   6.925   1.00 17.01 ? 125 LYS A CG  1 
ATOM   936  C CD  . LYS A 1 125 ? 12.457  10.995  7.092   1.00 21.35 ? 125 LYS A CD  1 
ATOM   937  C CE  . LYS A 1 125 ? 13.385  12.036  7.736   1.00 26.66 ? 125 LYS A CE  1 
ATOM   938  N NZ  . LYS A 1 125 ? 14.504  12.317  6.828   1.00 29.99 ? 125 LYS A NZ  1 
ATOM   939  N N   . HIS A 1 126 ? 11.180  6.088   4.598   1.00 11.08 ? 126 HIS A N   1 
ATOM   940  C CA  . HIS A 1 126 ? 10.230  5.052   4.200   1.00 10.54 ? 126 HIS A CA  1 
ATOM   941  C C   . HIS A 1 126 ? 10.779  4.207   3.100   1.00 10.87 ? 126 HIS A C   1 
ATOM   942  O O   . HIS A 1 126 ? 11.381  4.775   2.164   1.00 11.05 ? 126 HIS A O   1 
ATOM   943  C CB  . HIS A 1 126 ? 8.885   5.683   3.791   1.00 11.12 ? 126 HIS A CB  1 
ATOM   944  C CG  . HIS A 1 126 ? 8.206   6.410   4.936   1.00 10.69 ? 126 HIS A CG  1 
ATOM   945  N ND1 . HIS A 1 126 ? 7.210   5.824   5.687   1.00 11.17 ? 126 HIS A ND1 1 
ATOM   946  C CD2 . HIS A 1 126 ? 8.458   7.638   5.476   1.00 12.00 ? 126 HIS A CD2 1 
ATOM   947  C CE1 . HIS A 1 126 ? 6.883   6.674   6.661   1.00 12.09 ? 126 HIS A CE1 1 
ATOM   948  N NE2 . HIS A 1 126 ? 7.604   7.775   6.567   1.00 12.99 ? 126 HIS A NE2 1 
ATOM   949  N N   . VAL A 1 127 ? 10.621  2.908   3.190   1.00 9.17  ? 127 VAL A N   1 
ATOM   950  C CA  . VAL A 1 127 ? 11.155  1.956   2.198   1.00 10.75 ? 127 VAL A CA  1 
ATOM   951  C C   . VAL A 1 127 ? 10.171  1.882   1.025   1.00 9.51  ? 127 VAL A C   1 
ATOM   952  O O   . VAL A 1 127 ? 9.065   1.340   1.096   1.00 10.15 ? 127 VAL A O   1 
ATOM   953  C CB  . VAL A 1 127 ? 11.334  0.568   2.799   1.00 10.59 ? 127 VAL A CB  1 
ATOM   954  C CG1 . VAL A 1 127 ? 11.833  -0.430  1.731   1.00 10.66 ? 127 VAL A CG1 1 
ATOM   955  C CG2 . VAL A 1 127 ? 12.355  0.605   3.998   1.00 11.64 ? 127 VAL A CG2 1 
ATOM   956  N N   . VAL A 1 128 ? 10.680  2.405   -0.121  1.00 9.43  ? 128 VAL A N   1 
ATOM   957  C CA  . VAL A 1 128 ? 9.973   2.243   -1.423  1.00 9.59  ? 128 VAL A CA  1 
ATOM   958  C C   . VAL A 1 128 ? 10.169  0.845   -1.970  1.00 9.06  ? 128 VAL A C   1 
ATOM   959  O O   . VAL A 1 128 ? 11.350  0.346   -1.955  1.00 10.63 ? 128 VAL A O   1 
ATOM   960  C CB  . VAL A 1 128 ? 10.463  3.322   -2.395  1.00 9.77  ? 128 VAL A CB  1 
ATOM   961  C CG1 . VAL A 1 128 ? 9.835   3.070   -3.805  1.00 10.99 ? 128 VAL A CG1 1 
ATOM   962  C CG2 . VAL A 1 128 ? 10.167  4.737   -1.937  1.00 10.45 ? 128 VAL A CG2 1 
ATOM   963  N N   . PHE A 1 129 ? 9.132   0.194   -2.463  1.00 8.95  ? 129 PHE A N   1 
ATOM   964  C CA  . PHE A 1 129 ? 9.195   -1.155  -2.934  1.00 9.42  ? 129 PHE A CA  1 
ATOM   965  C C   . PHE A 1 129 ? 8.480   -1.545  -4.233  1.00 9.94  ? 129 PHE A C   1 
ATOM   966  O O   . PHE A 1 129 ? 8.379   -2.683  -4.599  1.00 10.17 ? 129 PHE A O   1 
ATOM   967  C CB  . PHE A 1 129 ? 8.896   -2.176  -1.794  1.00 10.35 ? 129 PHE A CB  1 
ATOM   968  C CG  . PHE A 1 129 ? 7.476   -2.169  -1.346  1.00 9.24  ? 129 PHE A CG  1 
ATOM   969  C CD1 . PHE A 1 129 ? 7.012   -1.185  -0.361  1.00 9.58  ? 129 PHE A CD1 1 
ATOM   970  C CD2 . PHE A 1 129 ? 6.540   -3.083  -1.800  1.00 8.77  ? 129 PHE A CD2 1 
ATOM   971  C CE1 . PHE A 1 129 ? 5.716   -1.183  -0.039  1.00 8.57  ? 129 PHE A CE1 1 
ATOM   972  C CE2 . PHE A 1 129 ? 5.221   -3.099  -1.409  1.00 10.00 ? 129 PHE A CE2 1 
ATOM   973  C CZ  . PHE A 1 129 ? 4.810   -2.102  -0.458  1.00 10.13 ? 129 PHE A CZ  1 
ATOM   974  N N   . GLY A 1 130 ? 7.877   -0.535  -4.853  1.00 10.21 ? 130 GLY A N   1 
ATOM   975  C CA  . GLY A 1 130 ? 7.204   -0.817  -6.143  1.00 10.78 ? 130 GLY A CA  1 
ATOM   976  C C   . GLY A 1 130 ? 6.553   0.463   -6.693  1.00 9.96  ? 130 GLY A C   1 
ATOM   977  O O   . GLY A 1 130 ? 6.824   1.550   -6.236  1.00 10.20 ? 130 GLY A O   1 
ATOM   978  N N   . HIS A 1 131 ? 5.708   0.204   -7.701  1.00 10.50 ? 131 HIS A N   1 
ATOM   979  C CA  . HIS A 1 131 ? 4.966   1.312   -8.334  1.00 10.62 ? 131 HIS A CA  1 
ATOM   980  C C   . HIS A 1 131 ? 3.780   0.778   -9.087  1.00 9.81  ? 131 HIS A C   1 
ATOM   981  O O   . HIS A 1 131 ? 3.614   -0.395  -9.379  1.00 10.46 ? 131 HIS A O   1 
ATOM   982  C CB  . HIS A 1 131 ? 5.850   2.145   -9.290  1.00 13.06 ? 131 HIS A CB  1 
ATOM   983  C CG  . HIS A 1 131 ? 6.340   1.407   -10.469 1.00 13.45 ? 131 HIS A CG  1 
ATOM   984  N ND1 . HIS A 1 131 ? 5.765   1.437   -11.729 1.00 18.59 ? 131 HIS A ND1 1 
ATOM   985  C CD2 . HIS A 1 131 ? 7.406   0.554   -10.566 1.00 13.99 ? 131 HIS A CD2 1 
ATOM   986  C CE1 . HIS A 1 131 ? 6.461   0.638   -12.536 1.00 14.05 ? 131 HIS A CE1 1 
ATOM   987  N NE2 . HIS A 1 131 ? 7.425   0.070   -11.849 1.00 19.28 ? 131 HIS A NE2 1 
ATOM   988  N N   . VAL A 1 132 ? 2.887   1.747   -9.432  1.00 10.46 ? 132 VAL A N   1 
ATOM   989  C CA  . VAL A 1 132 ? 1.665   1.464   -10.198 1.00 10.03 ? 132 VAL A CA  1 
ATOM   990  C C   . VAL A 1 132 ? 1.931   1.287   -11.725 1.00 9.53  ? 132 VAL A C   1 
ATOM   991  O O   . VAL A 1 132 ? 2.554   2.128   -12.329 1.00 11.25 ? 132 VAL A O   1 
ATOM   992  C CB  . VAL A 1 132 ? 0.586   2.611   -10.038 1.00 11.67 ? 132 VAL A CB  1 
ATOM   993  C CG1 . VAL A 1 132 ? -0.612  2.357   -10.905 1.00 12.63 ? 132 VAL A CG1 1 
ATOM   994  C CG2 . VAL A 1 132 ? 0.163   2.769   -8.564  1.00 11.41 ? 132 VAL A CG2 1 
ATOM   995  N N   . ILE A 1 133 ? 1.559   0.091   -12.134 1.00 10.75 ? 133 ILE A N   1 
ATOM   996  C CA  . ILE A 1 133 ? 1.663   -0.339  -13.608 1.00 11.53 ? 133 ILE A CA  1 
ATOM   997  C C   . ILE A 1 133 ? 0.394   0.069   -14.311 1.00 12.84 ? 133 ILE A C   1 
ATOM   998  O O   . ILE A 1 133 ? 0.569   0.505   -15.537 1.00 14.24 ? 133 ILE A O   1 
ATOM   999  C CB  . ILE A 1 133 ? 1.834   -1.855  -13.651 1.00 11.92 ? 133 ILE A CB  1 
ATOM   1000 C CG1 . ILE A 1 133 ? 3.215   -2.240  -13.091 1.00 12.68 ? 133 ILE A CG1 1 
ATOM   1001 C CG2 . ILE A 1 133 ? 1.633   -2.408  -15.122 1.00 12.76 ? 133 ILE A CG2 1 
ATOM   1002 C CD1 . ILE A 1 133 ? 4.301   -1.950  -13.996 1.00 13.68 ? 133 ILE A CD1 1 
ATOM   1003 N N   . GLU A 1 134 ? -0.734  -0.108  -13.763 1.00 11.46 ? 134 GLU A N   1 
ATOM   1004 C CA  . GLU A 1 134 ? -2.071  0.222   -14.354 1.00 13.72 ? 134 GLU A CA  1 
ATOM   1005 C C   . GLU A 1 134 ? -2.974  0.657   -13.284 1.00 15.59 ? 134 GLU A C   1 
ATOM   1006 O O   . GLU A 1 134 ? -2.887  0.194   -12.143 1.00 13.11 ? 134 GLU A O   1 
ATOM   1007 C CB  . GLU A 1 134 ? -2.576  -1.062  -15.060 1.00 15.90 ? 134 GLU A CB  1 
ATOM   1008 C CG  . GLU A 1 134 ? -3.814  -0.912  -15.829 1.00 18.06 ? 134 GLU A CG  1 
ATOM   1009 C CD  . GLU A 1 134 ? -4.494  -2.227  -16.185 1.00 17.94 ? 134 GLU A CD  1 
ATOM   1010 O OE1 . GLU A 1 134 ? -3.837  -3.004  -16.923 1.00 18.27 ? 134 GLU A OE1 1 
ATOM   1011 O OE2 . GLU A 1 134 ? -5.645  -2.454  -15.740 1.00 20.05 ? 134 GLU A OE2 1 
ATOM   1012 N N   . GLY A 1 135 ? -3.902  1.601   -13.583 1.00 14.22 ? 135 GLY A N   1 
ATOM   1013 C CA  . GLY A 1 135 ? -4.887  2.027   -12.615 1.00 14.30 ? 135 GLY A CA  1 
ATOM   1014 C C   . GLY A 1 135 ? -4.592  3.254   -11.828 1.00 13.35 ? 135 GLY A C   1 
ATOM   1015 O O   . GLY A 1 135 ? -5.231  3.389   -10.722 1.00 15.08 ? 135 GLY A O   1 
ATOM   1016 N N   . MET A 1 136 ? -3.752  4.143   -12.275 1.00 14.88 ? 136 MET A N   1 
ATOM   1017 C CA  . MET A 1 136 ? -3.610  5.448   -11.614 1.00 16.32 ? 136 MET A CA  1 
ATOM   1018 C C   . MET A 1 136 ? -4.928  6.172   -11.625 1.00 18.08 ? 136 MET A C   1 
ATOM   1019 O O   . MET A 1 136 ? -5.260  6.888   -10.654 1.00 16.71 ? 136 MET A O   1 
ATOM   1020 C CB  . MET A 1 136 ? -2.560  6.245   -12.256 1.00 18.56 ? 136 MET A CB  1 
ATOM   1021 C CG  . MET A 1 136 ? -1.977  7.284   -11.357 1.00 23.22 ? 136 MET A CG  1 
ATOM   1022 S SD  . MET A 1 136 ? -1.134  6.586   -9.798  1.00 21.75 ? 136 MET A SD  1 
ATOM   1023 C CE  . MET A 1 136 ? -1.332  8.136   -8.918  1.00 24.02 ? 136 MET A CE  1 
ATOM   1024 N N   . ASP A 1 137 ? -5.763  5.971   -12.672 1.00 17.56 ? 137 ASP A N   1 
ATOM   1025 C CA  . ASP A 1 137 ? -7.129  6.571   -12.581 1.00 18.75 ? 137 ASP A CA  1 
ATOM   1026 C C   . ASP A 1 137 ? -7.957  6.086   -11.395 1.00 16.71 ? 137 ASP A C   1 
ATOM   1027 O O   . ASP A 1 137 ? -8.753  6.817   -10.766 1.00 17.37 ? 137 ASP A O   1 
ATOM   1028 C CB  . ASP A 1 137 ? -7.851  6.318   -13.924 1.00 19.39 ? 137 ASP A CB  1 
ATOM   1029 C CG  . ASP A 1 137 ? -8.122  4.870   -14.220 1.00 24.36 ? 137 ASP A CG  1 
ATOM   1030 O OD1 . ASP A 1 137 ? -7.232  3.995   -14.033 1.00 22.74 ? 137 ASP A OD1 1 
ATOM   1031 O OD2 . ASP A 1 137 ? -9.243  4.467   -14.675 1.00 30.43 ? 137 ASP A OD2 1 
ATOM   1032 N N   . VAL A 1 138 ? -7.817  4.821   -11.003 1.00 14.74 ? 138 VAL A N   1 
ATOM   1033 C CA  . VAL A 1 138 ? -8.443  4.262   -9.867  1.00 14.61 ? 138 VAL A CA  1 
ATOM   1034 C C   . VAL A 1 138 ? -7.903  4.878   -8.553  1.00 14.46 ? 138 VAL A C   1 
ATOM   1035 O O   . VAL A 1 138 ? -8.637  5.195   -7.652  1.00 14.09 ? 138 VAL A O   1 
ATOM   1036 C CB  . VAL A 1 138 ? -8.314  2.697   -9.845  1.00 15.99 ? 138 VAL A CB  1 
ATOM   1037 C CG1 . VAL A 1 138 ? -8.974  2.126   -8.706  1.00 16.30 ? 138 VAL A CG1 1 
ATOM   1038 C CG2 . VAL A 1 138 ? -8.948  2.074   -11.139 1.00 16.44 ? 138 VAL A CG2 1 
ATOM   1039 N N   . VAL A 1 139 ? -6.576  5.022   -8.479  1.00 13.62 ? 139 VAL A N   1 
ATOM   1040 C CA  . VAL A 1 139 ? -5.946  5.722   -7.344  1.00 12.62 ? 139 VAL A CA  1 
ATOM   1041 C C   . VAL A 1 139 ? -6.474  7.149   -7.207  1.00 14.29 ? 139 VAL A C   1 
ATOM   1042 O O   . VAL A 1 139 ? -6.809  7.557   -6.114  1.00 14.09 ? 139 VAL A O   1 
ATOM   1043 C CB  . VAL A 1 139 ? -4.432  5.695   -7.476  1.00 13.30 ? 139 VAL A CB  1 
ATOM   1044 C CG1 . VAL A 1 139 ? -3.720  6.493   -6.329  1.00 15.12 ? 139 VAL A CG1 1 
ATOM   1045 C CG2 . VAL A 1 139 ? -3.877  4.268   -7.471  1.00 13.47 ? 139 VAL A CG2 1 
ATOM   1046 N N   . LYS A 1 140 ? -6.683  7.828   -8.345  1.00 14.39 ? 140 LYS A N   1 
ATOM   1047 C CA  . LYS A 1 140 ? -7.248  9.224   -8.271  1.00 14.14 ? 140 LYS A CA  1 
ATOM   1048 C C   . LYS A 1 140 ? -8.722  9.182   -7.828  1.00 16.11 ? 140 LYS A C   1 
ATOM   1049 O O   . LYS A 1 140 ? -9.165  10.084  -7.074  1.00 17.02 ? 140 LYS A O   1 
ATOM   1050 C CB  . LYS A 1 140 ? -7.093  9.865   -9.622  1.00 17.02 ? 140 LYS A CB  1 
ATOM   1051 C CG  . LYS A 1 140 ? -5.713  10.105  -10.127 1.00 19.99 ? 140 LYS A CG  1 
ATOM   1052 C CD  . LYS A 1 140 ? -4.848  10.958  -9.366  1.00 22.30 ? 140 LYS A CD  1 
ATOM   1053 C CE  . LYS A 1 140 ? -5.206  12.454  -9.520  1.00 23.84 ? 140 LYS A CE  1 
ATOM   1054 N NZ  . LYS A 1 140 ? -4.242  13.188  -8.642  1.00 23.54 ? 140 LYS A NZ  1 
ATOM   1055 N N   . LYS A 1 141 ? -9.475  8.151   -8.126  1.00 14.98 ? 141 LYS A N   1 
ATOM   1056 C CA  . LYS A 1 141 ? -10.802 8.005   -7.580  1.00 16.00 ? 141 LYS A CA  1 
ATOM   1057 C C   . LYS A 1 141 ? -10.744 7.823   -6.073  1.00 17.22 ? 141 LYS A C   1 
ATOM   1058 O O   . LYS A 1 141 ? -11.527 8.450   -5.299  1.00 17.61 ? 141 LYS A O   1 
ATOM   1059 C CB  . LYS A 1 141 ? -11.563 6.832   -8.242  1.00 17.44 ? 141 LYS A CB  1 
ATOM   1060 C CG  . LYS A 1 141 ? -11.945 6.951   -9.689  1.00 23.19 ? 141 LYS A CG  1 
ATOM   1061 C CD  . LYS A 1 141 ? -12.695 5.662   -10.119 1.00 26.30 ? 141 LYS A CD  1 
ATOM   1062 C CE  . LYS A 1 141 ? -12.453 5.377   -11.581 1.00 33.09 ? 141 LYS A CE  1 
ATOM   1063 N NZ  . LYS A 1 141 ? -13.397 4.355   -12.064 1.00 38.25 ? 141 LYS A NZ  1 
ATOM   1064 N N   . ILE A 1 142 ? -9.882  6.928   -5.534  1.00 14.66 ? 142 ILE A N   1 
ATOM   1065 C CA  . ILE A 1 142 ? -9.708  6.793   -4.080  1.00 15.13 ? 142 ILE A CA  1 
ATOM   1066 C C   . ILE A 1 142 ? -9.382  8.170   -3.496  1.00 14.81 ? 142 ILE A C   1 
ATOM   1067 O O   . ILE A 1 142 ? -10.016 8.548   -2.411  1.00 14.50 ? 142 ILE A O   1 
ATOM   1068 C CB  . ILE A 1 142 ? -8.570  5.794   -3.778  1.00 14.06 ? 142 ILE A CB  1 
ATOM   1069 C CG1 . ILE A 1 142 ? -8.982  4.371   -4.281  1.00 15.03 ? 142 ILE A CG1 1 
ATOM   1070 C CG2 . ILE A 1 142 ? -8.327  5.755   -2.297  1.00 15.87 ? 142 ILE A CG2 1 
ATOM   1071 C CD1 . ILE A 1 142 ? -7.869  3.319   -4.241  1.00 17.22 ? 142 ILE A CD1 1 
ATOM   1072 N N   . GLU A 1 143 ? -8.404  8.881   -4.021  1.00 15.19 ? 143 GLU A N   1 
ATOM   1073 C CA  . GLU A 1 143 ? -7.919  10.159  -3.544  1.00 15.45 ? 143 GLU A CA  1 
ATOM   1074 C C   . GLU A 1 143 ? -9.134  11.113  -3.392  1.00 17.24 ? 143 GLU A C   1 
ATOM   1075 O O   . GLU A 1 143 ? -9.181  11.887  -2.392  1.00 16.40 ? 143 GLU A O   1 
ATOM   1076 C CB  . GLU A 1 143 ? -6.883  10.734  -4.497  1.00 16.16 ? 143 GLU A CB  1 
ATOM   1077 C CG  . GLU A 1 143 ? -6.221  12.046  -4.053  1.00 17.94 ? 143 GLU A CG  1 
ATOM   1078 C CD  . GLU A 1 143 ? -5.330  12.727  -5.080  1.00 17.77 ? 143 GLU A CD  1 
ATOM   1079 O OE1 . GLU A 1 143 ? -5.528  12.494  -6.310  1.00 21.03 ? 143 GLU A OE1 1 
ATOM   1080 O OE2 . GLU A 1 143 ? -4.355  13.407  -4.686  1.00 20.18 ? 143 GLU A OE2 1 
ATOM   1081 N N   . SER A 1 144 ? -10.054 11.096  -4.367  1.00 17.67 ? 144 SER A N   1 
ATOM   1082 C CA  . SER A 1 144 ? -11.273 11.973  -4.331  1.00 18.02 ? 144 SER A CA  1 
ATOM   1083 C C   . SER A 1 144 ? -12.148 11.818  -3.152  1.00 21.25 ? 144 SER A C   1 
ATOM   1084 O O   . SER A 1 144 ? -12.952 12.773  -2.848  1.00 24.07 ? 144 SER A O   1 
ATOM   1085 C CB  . SER A 1 144 ? -12.082 11.789  -5.684  1.00 18.72 ? 144 SER A CB  1 
ATOM   1086 O OG  . SER A 1 144 ? -12.888 10.701  -5.703  1.00 19.97 ? 144 SER A OG  1 
ATOM   1087 N N   . PHE A 1 145 ? -12.140 10.665  -2.516  1.00 16.83 ? 145 PHE A N   1 
ATOM   1088 C CA  . PHE A 1 145 ? -12.899 10.373  -1.309  1.00 17.48 ? 145 PHE A CA  1 
ATOM   1089 C C   . PHE A 1 145 ? -12.159 10.681  0.044   1.00 17.64 ? 145 PHE A C   1 
ATOM   1090 O O   . PHE A 1 145 ? -12.694 10.364  1.157   1.00 18.49 ? 145 PHE A O   1 
ATOM   1091 C CB  . PHE A 1 145 ? -13.412 8.963   -1.267  1.00 19.41 ? 145 PHE A CB  1 
ATOM   1092 C CG  . PHE A 1 145 ? -14.328 8.643   -2.449  1.00 22.82 ? 145 PHE A CG  1 
ATOM   1093 C CD1 . PHE A 1 145 ? -15.435 9.450   -2.692  1.00 30.86 ? 145 PHE A CD1 1 
ATOM   1094 C CD2 . PHE A 1 145 ? -14.051 7.620   -3.335  1.00 23.00 ? 145 PHE A CD2 1 
ATOM   1095 C CE1 . PHE A 1 145 ? -16.218 9.247   -3.808  1.00 34.16 ? 145 PHE A CE1 1 
ATOM   1096 C CE2 . PHE A 1 145 ? -14.873 7.368   -4.454  1.00 28.09 ? 145 PHE A CE2 1 
ATOM   1097 C CZ  . PHE A 1 145 ? -15.986 8.143   -4.647  1.00 28.82 ? 145 PHE A CZ  1 
ATOM   1098 N N   . GLY A 1 146 ? -10.904 11.165  -0.049  1.00 16.79 ? 146 GLY A N   1 
ATOM   1099 C CA  . GLY A 1 146 ? -10.182 11.604  1.129   1.00 16.88 ? 146 GLY A CA  1 
ATOM   1100 C C   . GLY A 1 146 ? -10.463 13.041  1.518   1.00 17.50 ? 146 GLY A C   1 
ATOM   1101 O O   . GLY A 1 146 ? -11.411 13.713  1.005   1.00 18.96 ? 146 GLY A O   1 
ATOM   1102 N N   . SER A 1 147 ? -9.690  13.508  2.491   1.00 13.14 ? 147 SER A N   1 
ATOM   1103 C CA  . SER A 1 147 ? -9.741  14.915  2.927   1.00 14.83 ? 147 SER A CA  1 
ATOM   1104 C C   . SER A 1 147 ? -8.473  15.306  3.567   1.00 14.59 ? 147 SER A C   1 
ATOM   1105 O O   . SER A 1 147 ? -7.618  14.426  3.836   1.00 14.03 ? 147 SER A O   1 
ATOM   1106 C CB  . SER A 1 147 ? -10.845 14.989  3.973   1.00 14.45 ? 147 SER A CB  1 
ATOM   1107 O OG  . SER A 1 147 ? -10.603 14.249  5.207   1.00 14.80 ? 147 SER A OG  1 
ATOM   1108 N N   . LYS A 1 148 ? -8.311  16.614  3.844   1.00 13.37 ? 148 LYS A N   1 
ATOM   1109 C CA  . LYS A 1 148 ? -7.079  17.094  4.413   1.00 13.43 ? 148 LYS A CA  1 
ATOM   1110 C C   . LYS A 1 148 ? -6.771  16.487  5.786   1.00 13.14 ? 148 LYS A C   1 
ATOM   1111 O O   . LYS A 1 148 ? -5.574  16.303  6.141   1.00 14.35 ? 148 LYS A O   1 
ATOM   1112 C CB  . LYS A 1 148 ? -7.120  18.667  4.472   1.00 16.03 ? 148 LYS A CB  1 
ATOM   1113 C CG  . LYS A 1 148 ? -5.821  19.337  4.608   1.00 20.70 ? 148 LYS A CG  1 
ATOM   1114 C CD  . LYS A 1 148 ? -5.866  20.794  4.109   1.00 23.16 ? 148 LYS A CD  1 
ATOM   1115 C CE  . LYS A 1 148 ? -4.525  21.456  4.356   1.00 26.77 ? 148 LYS A CE  1 
ATOM   1116 N NZ  . LYS A 1 148 ? -4.640  22.837  3.811   1.00 29.38 ? 148 LYS A NZ  1 
ATOM   1117 N N   . SER A 1 149 ? -7.785  16.058  6.538   1.00 13.46 ? 149 SER A N   1 
ATOM   1118 C CA  . SER A 1 149 ? -7.621  15.369  7.857   1.00 14.39 ? 149 SER A CA  1 
ATOM   1119 C C   . SER A 1 149 ? -7.178  13.893  7.660   1.00 15.33 ? 149 SER A C   1 
ATOM   1120 O O   . SER A 1 149 ? -6.749  13.228  8.625   1.00 16.86 ? 149 SER A O   1 
ATOM   1121 C CB  . SER A 1 149 ? -8.928  15.326  8.611   1.00 15.10 ? 149 SER A CB  1 
ATOM   1122 O OG  . SER A 1 149 ? -9.881  14.445  7.943   1.00 17.27 ? 149 SER A OG  1 
ATOM   1123 N N   . GLY A 1 150 ? -7.302  13.382  6.451   1.00 13.40 ? 150 GLY A N   1 
ATOM   1124 C CA  . GLY A 1 150 ? -7.102  11.934  6.209   1.00 13.82 ? 150 GLY A CA  1 
ATOM   1125 C C   . GLY A 1 150 ? -8.322  11.096  6.286   1.00 14.30 ? 150 GLY A C   1 
ATOM   1126 O O   . GLY A 1 150 ? -8.361  9.970   5.787   1.00 13.77 ? 150 GLY A O   1 
ATOM   1127 N N   . ARG A 1 151 ? -9.404  11.605  6.878   1.00 14.46 ? 151 ARG A N   1 
ATOM   1128 C CA  . ARG A 1 151 ? -10.629 10.830  6.994   1.00 15.32 ? 151 ARG A CA  1 
ATOM   1129 C C   . ARG A 1 151 ? -11.312 10.731  5.650   1.00 15.35 ? 151 ARG A C   1 
ATOM   1130 O O   . ARG A 1 151 ? -11.455 11.686  4.888   1.00 18.10 ? 151 ARG A O   1 
ATOM   1131 C CB  . ARG A 1 151 ? -11.633 11.462  8.031   1.00 17.18 ? 151 ARG A CB  1 
ATOM   1132 C CG  . ARG A 1 151 ? -11.148 11.221  9.411   1.00 21.33 ? 151 ARG A CG  1 
ATOM   1133 C CD  . ARG A 1 151 ? -12.442 11.171  10.374  1.00 26.98 ? 151 ARG A CD  1 
ATOM   1134 N NE  . ARG A 1 151 ? -11.870 11.114  11.691  1.00 30.71 ? 151 ARG A NE  1 
ATOM   1135 C CZ  . ARG A 1 151 ? -12.478 11.454  12.833  1.00 21.77 ? 151 ARG A CZ  1 
ATOM   1136 N NH1 . ARG A 1 151 ? -11.834 11.306  13.977  1.00 27.57 ? 151 ARG A NH1 1 
ATOM   1137 N NH2 . ARG A 1 151 ? -13.707 11.892  12.747  1.00 28.87 ? 151 ARG A NH2 1 
ATOM   1138 N N   . THR A 1 152 ? -11.864 9.528   5.373   1.00 16.79 ? 152 THR A N   1 
ATOM   1139 C CA  . THR A 1 152 ? -12.541 9.302   4.136   1.00 16.09 ? 152 THR A CA  1 
ATOM   1140 C C   . THR A 1 152 ? -14.086 9.528   4.251   1.00 17.04 ? 152 THR A C   1 
ATOM   1141 O O   . THR A 1 152 ? -14.616 9.324   5.363   1.00 20.19 ? 152 THR A O   1 
ATOM   1142 C CB  . THR A 1 152 ? -12.332 7.795   3.596   1.00 16.05 ? 152 THR A CB  1 
ATOM   1143 O OG1 . THR A 1 152 ? -12.671 6.864   4.570   1.00 18.29 ? 152 THR A OG1 1 
ATOM   1144 C CG2 . THR A 1 152 ? -10.825 7.599   3.253   1.00 19.33 ? 152 THR A CG2 1 
ATOM   1145 N N   . SER A 1 153 ? -14.639 9.958   3.141   1.00 19.01 ? 153 SER A N   1 
ATOM   1146 C CA  . SER A 1 153 ? -16.098 10.311  3.119   1.00 22.08 ? 153 SER A CA  1 
ATOM   1147 C C   . SER A 1 153 ? -16.955 9.101   2.764   1.00 24.34 ? 153 SER A C   1 
ATOM   1148 O O   . SER A 1 153 ? -18.169 9.158   2.884   1.00 26.61 ? 153 SER A O   1 
ATOM   1149 C CB  . SER A 1 153 ? -16.343 11.478  2.191   1.00 23.24 ? 153 SER A CB  1 
ATOM   1150 O OG  . SER A 1 153 ? -15.969 11.270  0.862   1.00 24.75 ? 153 SER A OG  1 
ATOM   1151 N N   . LYS A 1 154 ? -16.357 8.025   2.247   1.00 21.74 ? 154 LYS A N   1 
ATOM   1152 C CA  . LYS A 1 154 ? -17.053 6.741   1.977   1.00 23.28 ? 154 LYS A CA  1 
ATOM   1153 C C   . LYS A 1 154 ? -16.101 5.661   2.490   1.00 22.01 ? 154 LYS A C   1 
ATOM   1154 O O   . LYS A 1 154 ? -14.883 5.943   2.633   1.00 20.37 ? 154 LYS A O   1 
ATOM   1155 C CB  . LYS A 1 154 ? -17.181 6.578   0.450   1.00 24.47 ? 154 LYS A CB  1 
ATOM   1156 C CG  . LYS A 1 154 ? -18.239 7.551   -0.074  1.00 35.47 ? 154 LYS A CG  1 
ATOM   1157 C CD  . LYS A 1 154 ? -19.009 6.920   -1.204  1.00 40.94 ? 154 LYS A CD  1 
ATOM   1158 C CE  . LYS A 1 154 ? -18.315 7.088   -2.517  1.00 46.07 ? 154 LYS A CE  1 
ATOM   1159 N NZ  . LYS A 1 154 ? -19.175 7.970   -3.374  1.00 52.83 ? 154 LYS A NZ  1 
ATOM   1160 N N   . LYS A 1 155 ? -16.558 4.455   2.775   1.00 20.30 ? 155 LYS A N   1 
ATOM   1161 C CA  . LYS A 1 155 ? -15.683 3.359   3.202   1.00 21.77 ? 155 LYS A CA  1 
ATOM   1162 C C   . LYS A 1 155 ? -15.032 2.736   1.975   1.00 20.34 ? 155 LYS A C   1 
ATOM   1163 O O   . LYS A 1 155 ? -15.701 2.271   1.009   1.00 18.72 ? 155 LYS A O   1 
ATOM   1164 C CB  . LYS A 1 155 ? -16.490 2.295   3.925   1.00 22.37 ? 155 LYS A CB  1 
ATOM   1165 C CG  . LYS A 1 155 ? -15.663 1.316   4.659   1.00 27.65 ? 155 LYS A CG  1 
ATOM   1166 C CD  . LYS A 1 155 ? -16.519 0.232   5.269   1.00 35.69 ? 155 LYS A CD  1 
ATOM   1167 C CE  . LYS A 1 155 ? -15.620 -0.736  5.980   1.00 39.03 ? 155 LYS A CE  1 
ATOM   1168 N NZ  . LYS A 1 155 ? -16.489 -1.726  6.618   1.00 39.54 ? 155 LYS A NZ  1 
ATOM   1169 N N   . ILE A 1 156 ? -13.676 2.741   1.959   1.00 16.47 ? 156 ILE A N   1 
ATOM   1170 C CA  . ILE A 1 156 ? -12.940 2.369   0.735   1.00 15.93 ? 156 ILE A CA  1 
ATOM   1171 C C   . ILE A 1 156 ? -12.252 1.034   1.031   1.00 14.33 ? 156 ILE A C   1 
ATOM   1172 O O   . ILE A 1 156 ? -11.436 0.960   1.985   1.00 15.62 ? 156 ILE A O   1 
ATOM   1173 C CB  . ILE A 1 156 ? -11.843 3.389   0.398   1.00 15.19 ? 156 ILE A CB  1 
ATOM   1174 C CG1 . ILE A 1 156 ? -12.384 4.820   0.268   1.00 17.27 ? 156 ILE A CG1 1 
ATOM   1175 C CG2 . ILE A 1 156 ? -11.065 2.939   -0.841  1.00 15.29 ? 156 ILE A CG2 1 
ATOM   1176 C CD1 . ILE A 1 156 ? -13.501 4.947   -0.769  1.00 21.32 ? 156 ILE A CD1 1 
ATOM   1177 N N   . VAL A 1 157 ? -12.738 -0.037  0.383   1.00 13.99 ? 157 VAL A N   1 
ATOM   1178 C CA  . VAL A 1 157 ? -12.409 -1.410  0.742   1.00 15.08 ? 157 VAL A CA  1 
ATOM   1179 C C   . VAL A 1 157 ? -11.699 -2.131  -0.395  1.00 15.18 ? 157 VAL A C   1 
ATOM   1180 O O   . VAL A 1 157 ? -12.068 -2.016  -1.540  1.00 15.51 ? 157 VAL A O   1 
ATOM   1181 C CB  . VAL A 1 157 ? -13.704 -2.200  1.173   1.00 16.98 ? 157 VAL A CB  1 
ATOM   1182 C CG1 . VAL A 1 157 ? -13.468 -3.698  1.405   1.00 20.64 ? 157 VAL A CG1 1 
ATOM   1183 C CG2 . VAL A 1 157 ? -14.355 -1.571  2.397   1.00 18.41 ? 157 VAL A CG2 1 
ATOM   1184 N N   . ILE A 1 158 ? -10.600 -2.813  -0.056  1.00 14.11 ? 158 ILE A N   1 
ATOM   1185 C CA  . ILE A 1 158 ? -9.929  -3.776  -0.946  1.00 14.22 ? 158 ILE A CA  1 
ATOM   1186 C C   . ILE A 1 158 ? -10.794 -5.053  -0.986  1.00 15.40 ? 158 ILE A C   1 
ATOM   1187 O O   . ILE A 1 158 ? -10.724 -5.854  -0.070  1.00 16.19 ? 158 ILE A O   1 
ATOM   1188 C CB  . ILE A 1 158 ? -8.498  -4.063  -0.487  1.00 13.72 ? 158 ILE A CB  1 
ATOM   1189 C CG1 . ILE A 1 158 ? -7.657  -2.793  -0.476  1.00 13.54 ? 158 ILE A CG1 1 
ATOM   1190 C CG2 . ILE A 1 158 ? -7.872  -5.149  -1.370  1.00 13.50 ? 158 ILE A CG2 1 
ATOM   1191 C CD1 . ILE A 1 158 ? -6.309  -2.873  0.204   1.00 14.85 ? 158 ILE A CD1 1 
ATOM   1192 N N   . THR A 1 159 ? -11.701 -5.144  -1.982  1.00 15.48 ? 159 THR A N   1 
ATOM   1193 C CA  . THR A 1 159 ? -12.634 -6.284  -2.007  1.00 17.75 ? 159 THR A CA  1 
ATOM   1194 C C   . THR A 1 159 ? -11.975 -7.611  -2.475  1.00 17.19 ? 159 THR A C   1 
ATOM   1195 O O   . THR A 1 159 ? -12.415 -8.674  -2.087  1.00 19.96 ? 159 THR A O   1 
ATOM   1196 C CB  . THR A 1 159 ? -13.824 -6.060  -2.923  1.00 19.68 ? 159 THR A CB  1 
ATOM   1197 O OG1 . THR A 1 159 ? -13.382 -5.816  -4.173  1.00 22.89 ? 159 THR A OG1 1 
ATOM   1198 C CG2 . THR A 1 159 ? -14.542 -4.943  -2.428  1.00 22.64 ? 159 THR A CG2 1 
ATOM   1199 N N   . ASP A 1 160 ? -10.924 -7.487  -3.289  1.00 17.41 ? 160 ASP A N   1 
ATOM   1200 C CA  . ASP A 1 160 ? -10.122 -8.658  -3.726  1.00 15.54 ? 160 ASP A CA  1 
ATOM   1201 C C   . ASP A 1 160 ? -8.728  -8.232  -3.972  1.00 15.79 ? 160 ASP A C   1 
ATOM   1202 O O   . ASP A 1 160 ? -8.514  -7.026  -4.261  1.00 15.49 ? 160 ASP A O   1 
ATOM   1203 C CB  . ASP A 1 160 ? -10.715 -9.268  -5.019  1.00 17.62 ? 160 ASP A CB  1 
ATOM   1204 C CG  . ASP A 1 160 ? -10.391 -10.744 -5.156  1.00 22.82 ? 160 ASP A CG  1 
ATOM   1205 O OD1 . ASP A 1 160 ? -9.737  -11.386 -4.314  1.00 21.52 ? 160 ASP A OD1 1 
ATOM   1206 O OD2 . ASP A 1 160 ? -10.862 -11.285 -6.180  1.00 30.74 ? 160 ASP A OD2 1 
ATOM   1207 N N   . CYS A 1 161 ? -7.803  -9.166  -4.002  1.00 14.24 ? 161 CYS A N   1 
ATOM   1208 C CA  . CYS A 1 161 ? -6.375  -8.917  -4.300  1.00 14.46 ? 161 CYS A CA  1 
ATOM   1209 C C   . CYS A 1 161 ? -5.700  -10.263 -4.594  1.00 12.72 ? 161 CYS A C   1 
ATOM   1210 O O   . CYS A 1 161 ? -6.271  -11.311 -4.270  1.00 15.72 ? 161 CYS A O   1 
ATOM   1211 C CB  . CYS A 1 161 ? -5.729  -8.146  -3.121  1.00 12.79 ? 161 CYS A CB  1 
ATOM   1212 S SG  . CYS A 1 161 ? -6.025  -8.783  -1.441  1.00 14.92 ? 161 CYS A SG  1 
ATOM   1213 N N   . GLY A 1 162 ? -4.538  -10.150 -5.185  1.00 12.35 ? 162 GLY A N   1 
ATOM   1214 C CA  . GLY A 1 162 ? -3.832  -11.383 -5.615  1.00 13.11 ? 162 GLY A CA  1 
ATOM   1215 C C   . GLY A 1 162 ? -2.625  -11.060 -6.493  1.00 12.78 ? 162 GLY A C   1 
ATOM   1216 O O   . GLY A 1 162 ? -2.190  -9.905  -6.624  1.00 13.42 ? 162 GLY A O   1 
ATOM   1217 N N   . GLN A 1 163 ? -2.093  -12.160 -7.078  1.00 13.80 ? 163 GLN A N   1 
ATOM   1218 C CA  . GLN A 1 163 ? -0.917  -12.122 -7.927  1.00 14.30 ? 163 GLN A CA  1 
ATOM   1219 C C   . GLN A 1 163 ? -1.267  -12.522 -9.364  1.00 14.96 ? 163 GLN A C   1 
ATOM   1220 O O   . GLN A 1 163 ? -1.942  -13.504 -9.561  1.00 16.94 ? 163 GLN A O   1 
ATOM   1221 C CB  . GLN A 1 163 ? 0.203   -13.052 -7.328  1.00 13.87 ? 163 GLN A CB  1 
ATOM   1222 C CG  . GLN A 1 163 ? 1.462   -12.967 -8.091  1.00 15.75 ? 163 GLN A CG  1 
ATOM   1223 C CD  . GLN A 1 163 ? 2.649   -13.705 -7.492  1.00 14.23 ? 163 GLN A CD  1 
ATOM   1224 O OE1 . GLN A 1 163 ? 2.464   -14.386 -6.428  1.00 16.33 ? 163 GLN A OE1 1 
ATOM   1225 N NE2 . GLN A 1 163 ? 3.804   -13.492 -8.012  1.00 15.06 ? 163 GLN A NE2 1 
ATOM   1226 N N   . LEU A 1 164 ? -0.871  -11.686 -10.267 1.00 13.44 ? 164 LEU A N   1 
ATOM   1227 C CA  . LEU A 1 164 ? -1.020  -11.942 -11.749 1.00 14.05 ? 164 LEU A CA  1 
ATOM   1228 C C   . LEU A 1 164 ? 0.122   -12.675 -12.364 1.00 16.86 ? 164 LEU A C   1 
ATOM   1229 O O   . LEU A 1 164 ? -0.165  -13.394 -13.420 1.00 18.96 ? 164 LEU A O   1 
ATOM   1230 C CB  . LEU A 1 164 ? -1.084  -10.607 -12.480 1.00 16.07 ? 164 LEU A CB  1 
ATOM   1231 C CG  . LEU A 1 164 ? -2.299  -9.740  -12.125 1.00 15.07 ? 164 LEU A CG  1 
ATOM   1232 C CD1 . LEU A 1 164 ? -2.310  -8.479  -12.967 1.00 19.77 ? 164 LEU A CD1 1 
ATOM   1233 C CD2 . LEU A 1 164 ? -3.631  -10.406 -12.352 1.00 17.31 ? 164 LEU A CD2 1 
ATOM   1234 N N   . SER A 1 165 ? 1.339   -12.503 -11.933 1.00 14.31 ? 165 SER A N   1 
ATOM   1235 C CA  . SER A 1 165 ? 2.546   -13.152 -12.475 1.00 16.60 ? 165 SER A CA  1 
ATOM   1236 C C   . SER A 1 165 ? 3.734   -12.925 -11.524 1.00 17.50 ? 165 SER A C   1 
ATOM   1237 O O   . SER A 1 165 ? 4.883   -13.446 -11.703 1.00 19.71 ? 165 SER A O   1 
ATOM   1238 C CB  . SER A 1 165 ? 2.860   -12.641 -13.903 1.00 15.77 ? 165 SER A CB  1 
ATOM   1239 O OG  . SER A 1 165 ? 3.218   -11.277 -13.905 1.00 16.20 ? 165 SER A OG  1 
ATOM   1240 O OXT . SER A 1 165 ? 3.659   -12.063 -10.564 1.00 15.01 ? 165 SER A OXT 1 
HETATM 1241 C CAA . 4ZL B 2 .   ? 2.551   2.256   10.473  1.00 20.23 ? 201 4ZL A CAA 1 
HETATM 1242 C CAB . 4ZL B 2 .   ? 3.223   1.021   10.768  1.00 22.82 ? 201 4ZL A CAB 1 
HETATM 1243 C CAC . 4ZL B 2 .   ? 3.240   0.454   12.083  1.00 24.17 ? 201 4ZL A CAC 1 
HETATM 1244 C CAD . 4ZL B 2 .   ? 2.379   1.067   13.051  1.00 24.47 ? 201 4ZL A CAD 1 
HETATM 1245 C CAE . 4ZL B 2 .   ? 1.678   2.252   12.712  1.00 21.90 ? 201 4ZL A CAE 1 
HETATM 1246 C CAF . 4ZL B 2 .   ? 1.759   2.897   11.490  1.00 20.14 ? 201 4ZL A CAF 1 
HETATM 1247 C CAG . 4ZL B 2 .   ? 0.847   4.192   11.298  1.00 16.97 ? 201 4ZL A CAG 1 
HETATM 1248 N NAH . 4ZL B 2 .   ? 2.013   5.076   10.822  1.00 20.61 ? 201 4ZL A NAH 1 
HETATM 1249 C CAI . 4ZL B 2 .   ? 1.576   6.114   10.038  1.00 18.56 ? 201 4ZL A CAI 1 
HETATM 1250 O OAO . 4ZL B 2 .   ? 0.360   6.349   9.668   1.00 19.75 ? 201 4ZL A OAO 1 
HETATM 1251 N NAJ . 4ZL B 2 .   ? 2.661   6.985   9.906   1.00 18.80 ? 201 4ZL A NAJ 1 
HETATM 1252 C CAK . 4ZL B 2 .   ? 2.627   7.980   8.881   1.00 21.36 ? 201 4ZL A CAK 1 
HETATM 1253 C CAL . 4ZL B 2 .   ? 3.016   7.214   7.615   1.00 16.33 ? 201 4ZL A CAL 1 
HETATM 1254 O OAQ . 4ZL B 2 .   ? 3.728   6.178   7.502   1.00 13.58 ? 201 4ZL A OAQ 1 
HETATM 1255 O OAM . 4ZL B 2 .   ? 2.835   8.083   6.593   1.00 19.43 ? 201 4ZL A OAM 1 
HETATM 1256 C CAN . 4ZL B 2 .   ? 3.265   7.736   5.247   1.00 18.07 ? 201 4ZL A CAN 1 
HETATM 1257 C CAP . 4ZL B 2 .   ? 2.862   8.717   4.194   1.00 19.80 ? 201 4ZL A CAP 1 
HETATM 1258 K K   . K   C 3 .   ? 0.545   18.824  4.309   0.50 20.47 ? 202 K   A K   1 
HETATM 1259 K K   . K   D 3 .   ? -7.765  -13.433 -4.968  1.00 32.53 ? 203 K   A K   1 
HETATM 1260 C C   . FMT E 4 .   ? -6.476  -12.696 -1.458  1.00 24.34 ? 204 FMT A C   1 
HETATM 1261 O O1  . FMT E 4 .   ? -6.812  -13.552 -2.280  1.00 43.88 ? 204 FMT A O1  1 
HETATM 1262 O O2  . FMT E 4 .   ? -6.757  -13.002 -0.189  1.00 29.07 ? 204 FMT A O2  1 
HETATM 1263 O O1  . PG4 F 5 .   ? 10.381  10.551  -12.645 1.00 54.21 ? 205 PG4 A O1  1 
HETATM 1264 C C1  . PG4 F 5 .   ? 9.035   10.755  -13.070 1.00 59.84 ? 205 PG4 A C1  1 
HETATM 1265 C C2  . PG4 F 5 .   ? 8.251   9.462   -12.839 1.00 63.03 ? 205 PG4 A C2  1 
HETATM 1266 O O2  . PG4 F 5 .   ? 7.403   9.523   -11.663 1.00 61.78 ? 205 PG4 A O2  1 
HETATM 1267 C C3  . PG4 F 5 .   ? 6.304   8.565   -11.571 1.00 54.00 ? 205 PG4 A C3  1 
HETATM 1268 C C4  . PG4 F 5 .   ? 6.555   7.371   -10.593 1.00 45.43 ? 205 PG4 A C4  1 
HETATM 1269 O O3  . PG4 F 5 .   ? 7.475   6.387   -11.131 1.00 44.58 ? 205 PG4 A O3  1 
HETATM 1270 C C5  . PG4 F 5 .   ? 7.889   5.323   -10.229 1.00 35.14 ? 205 PG4 A C5  1 
HETATM 1271 C C6  . PG4 F 5 .   ? 9.063   4.568   -10.867 1.00 34.32 ? 205 PG4 A C6  1 
HETATM 1272 O O4  . PG4 F 5 .   ? 8.656   4.161   -12.188 1.00 37.72 ? 205 PG4 A O4  1 
HETATM 1273 C C7  . PG4 F 5 .   ? 9.333   3.001   -12.707 1.00 37.47 ? 205 PG4 A C7  1 
HETATM 1274 C C8  . PG4 F 5 .   ? 8.667   2.580   -14.019 1.00 36.76 ? 205 PG4 A C8  1 
HETATM 1275 O O5  . PG4 F 5 .   ? 8.790   3.553   -15.044 1.00 38.19 ? 205 PG4 A O5  1 
HETATM 1276 C C1  . EDO G 6 .   ? 18.282  -3.678  7.497   1.00 18.21 ? 206 EDO A C1  1 
HETATM 1277 O O1  . EDO G 6 .   ? 18.617  -4.551  6.640   1.00 25.56 ? 206 EDO A O1  1 
HETATM 1278 C C2  . EDO G 6 .   ? 18.681  -2.082  7.452   1.00 13.61 ? 206 EDO A C2  1 
HETATM 1279 O O2  . EDO G 6 .   ? 19.072  -1.684  6.143   1.00 34.06 ? 206 EDO A O2  1 
HETATM 1280 C C1  . PGE H 7 .   ? 3.099   16.776  5.603   1.00 29.89 ? 207 PGE A C1  1 
HETATM 1281 O O1  . PGE H 7 .   ? 1.663   16.704  6.048   1.00 26.34 ? 207 PGE A O1  1 
HETATM 1282 C C2  . PGE H 7 .   ? 3.375   16.637  4.106   1.00 29.97 ? 207 PGE A C2  1 
HETATM 1283 O O2  . PGE H 7 .   ? 2.540   17.435  3.318   1.00 30.83 ? 207 PGE A O2  1 
HETATM 1284 C C3  . PGE H 7 .   ? 2.482   16.996  1.872   1.00 28.13 ? 207 PGE A C3  1 
HETATM 1285 C C4  . PGE H 7 .   ? 1.413   17.520  0.935   1.00 32.49 ? 207 PGE A C4  1 
HETATM 1286 O O4  . PGE H 7 .   ? -1.614  19.452  2.364   1.00 38.23 ? 207 PGE A O4  1 
HETATM 1287 C C6  . PGE H 7 .   ? -2.101  18.370  1.610   1.00 34.66 ? 207 PGE A C6  1 
HETATM 1288 C C5  . PGE H 7 .   ? -0.913  17.755  0.925   1.00 34.49 ? 207 PGE A C5  1 
HETATM 1289 O O3  . PGE H 7 .   ? 0.314   17.660  1.736   1.00 29.23 ? 207 PGE A O3  1 
HETATM 1290 O O   . HOH I 8 .   ? -16.865 -0.288  0.451   1.00 28.01 ? 301 HOH A O   1 
HETATM 1291 O O   . HOH I 8 .   ? -14.383 14.762  -2.091  1.00 27.52 ? 302 HOH A O   1 
HETATM 1292 O O   . HOH I 8 .   ? 16.256  12.381  -2.197  1.00 30.22 ? 303 HOH A O   1 
HETATM 1293 O O   . HOH I 8 .   ? 10.652  -13.963 -15.112 1.00 30.71 ? 304 HOH A O   1 
HETATM 1294 O O   . HOH I 8 .   ? 19.973  -4.476  3.651   1.00 16.12 ? 305 HOH A O   1 
HETATM 1295 O O   . HOH I 8 .   ? 16.654  -6.158  6.049   1.00 18.70 ? 306 HOH A O   1 
HETATM 1296 O O   . HOH I 8 .   ? -8.549  -1.607  7.219   1.00 17.19 ? 307 HOH A O   1 
HETATM 1297 O O   . HOH I 8 .   ? -10.940 2.103   7.917   1.00 27.06 ? 308 HOH A O   1 
HETATM 1298 O O   . HOH I 8 .   ? -5.976  -2.246  3.661   1.00 19.96 ? 309 HOH A O   1 
HETATM 1299 O O   . HOH I 8 .   ? 17.579  -7.800  1.483   1.00 22.42 ? 310 HOH A O   1 
HETATM 1300 O O   . HOH I 8 .   ? 6.990   -13.249 -10.105 1.00 26.64 ? 311 HOH A O   1 
HETATM 1301 O O   . HOH I 8 .   ? -5.451  -11.135 1.169   1.00 15.37 ? 312 HOH A O   1 
HETATM 1302 O O   . HOH I 8 .   ? 6.965   -16.263 2.019   1.00 27.64 ? 313 HOH A O   1 
HETATM 1303 O O   . HOH I 8 .   ? 6.010   17.303  -4.319  1.00 22.58 ? 314 HOH A O   1 
HETATM 1304 O O   . HOH I 8 .   ? -6.150  -16.113 -2.625  1.00 27.48 ? 315 HOH A O   1 
HETATM 1305 O O   . HOH I 8 .   ? -5.340  -14.511 -4.298  1.00 33.76 ? 316 HOH A O   1 
HETATM 1306 O O   . HOH I 8 .   ? 19.208  -4.225  -3.441  1.00 27.83 ? 317 HOH A O   1 
HETATM 1307 O O   . HOH I 8 .   ? 14.091  12.736  3.886   1.00 30.81 ? 318 HOH A O   1 
HETATM 1308 O O   . HOH I 8 .   ? -14.036 -9.063  0.048   1.00 32.55 ? 319 HOH A O   1 
HETATM 1309 O O   . HOH I 8 .   ? 11.082  -11.213 -3.088  1.00 22.58 ? 320 HOH A O   1 
HETATM 1310 O O   . HOH I 8 .   ? 11.483  12.869  -9.464  1.00 30.87 ? 321 HOH A O   1 
HETATM 1311 O O   . HOH I 8 .   ? -6.947  -0.700  -14.122 1.00 18.26 ? 322 HOH A O   1 
HETATM 1312 O O   . HOH I 8 .   ? 13.481  3.106   -0.325  1.00 12.14 ? 323 HOH A O   1 
HETATM 1313 O O   . HOH I 8 .   ? 12.890  11.570  -4.660  1.00 20.63 ? 324 HOH A O   1 
HETATM 1314 O O   . HOH I 8 .   ? -1.562  -2.554  -18.368 1.00 15.82 ? 325 HOH A O   1 
HETATM 1315 O O   . HOH I 8 .   ? -6.459  -5.056  -15.507 1.00 22.51 ? 326 HOH A O   1 
HETATM 1316 O O   . HOH I 8 .   ? 11.230  -13.305 2.390   1.00 24.68 ? 327 HOH A O   1 
HETATM 1317 O O   . HOH I 8 .   ? 10.305  1.401   9.584   1.00 13.07 ? 328 HOH A O   1 
HETATM 1318 O O   . HOH I 8 .   ? -2.599  14.571  -6.441  1.00 23.85 ? 329 HOH A O   1 
HETATM 1319 O O   . HOH I 8 .   ? 11.065  4.609   -7.067  1.00 19.36 ? 330 HOH A O   1 
HETATM 1320 O O   . HOH I 8 .   ? -13.624 12.174  15.870  1.00 16.65 ? 331 HOH A O   1 
HETATM 1321 O O   . HOH I 8 .   ? 8.659   -8.033  15.090  1.00 23.03 ? 332 HOH A O   1 
HETATM 1322 O O   . HOH I 8 .   ? 4.001   -0.865  7.768   1.00 11.31 ? 333 HOH A O   1 
HETATM 1323 O O   . HOH I 8 .   ? 9.590   2.124   5.993   1.00 17.30 ? 334 HOH A O   1 
HETATM 1324 O O   . HOH I 8 .   ? 12.872  -10.252 -9.397  1.00 28.96 ? 335 HOH A O   1 
HETATM 1325 O O   . HOH I 8 .   ? -12.155 4.110   4.059   1.00 17.24 ? 336 HOH A O   1 
HETATM 1326 O O   . HOH I 8 .   ? 3.589   -19.329 1.516   1.00 29.73 ? 337 HOH A O   1 
HETATM 1327 O O   . HOH I 8 .   ? 3.004   -11.840 12.069  1.00 23.12 ? 338 HOH A O   1 
HETATM 1328 O O   . HOH I 8 .   ? 9.725   -15.032 10.736  1.00 21.54 ? 339 HOH A O   1 
HETATM 1329 O O   . HOH I 8 .   ? 19.765  5.193   -4.378  1.00 28.86 ? 340 HOH A O   1 
HETATM 1330 O O   . HOH I 8 .   ? 8.563   -11.920 -3.844  1.00 19.15 ? 341 HOH A O   1 
HETATM 1331 O O   . HOH I 8 .   ? -0.662  -14.181 3.575   1.00 16.51 ? 342 HOH A O   1 
HETATM 1332 O O   . HOH I 8 .   ? 10.467  -12.908 -8.126  1.00 34.35 ? 343 HOH A O   1 
HETATM 1333 O O   . HOH I 8 .   ? 20.408  -1.783  -2.871  1.00 28.38 ? 344 HOH A O   1 
HETATM 1334 O O   . HOH I 8 .   ? -10.262 -0.932  15.718  1.00 33.33 ? 345 HOH A O   1 
HETATM 1335 O O   . HOH I 8 .   ? -15.186 6.430   5.712   1.00 32.22 ? 346 HOH A O   1 
HETATM 1336 O O   . HOH I 8 .   ? 18.304  6.804   5.852   1.00 23.40 ? 347 HOH A O   1 
HETATM 1337 O O   . HOH I 8 .   ? -6.144  -0.017  6.683   1.00 14.59 ? 348 HOH A O   1 
HETATM 1338 O O   . HOH I 8 .   ? -9.889  9.051   -12.011 1.00 24.26 ? 349 HOH A O   1 
HETATM 1339 O O   . HOH I 8 .   ? 4.222   -19.092 -2.710  1.00 34.79 ? 350 HOH A O   1 
HETATM 1340 O O   . HOH I 8 .   ? 16.565  2.282   9.364   1.00 24.71 ? 351 HOH A O   1 
HETATM 1341 O O   . HOH I 8 .   ? 16.758  -9.677  -5.117  1.00 23.27 ? 352 HOH A O   1 
HETATM 1342 O O   . HOH I 8 .   ? 8.488   6.552   -13.743 1.00 31.06 ? 353 HOH A O   1 
HETATM 1343 O O   . HOH I 8 .   ? -0.537  0.063   -18.083 1.00 17.52 ? 354 HOH A O   1 
HETATM 1344 O O   . HOH I 8 .   ? 5.989   -5.085  2.527   1.00 13.94 ? 355 HOH A O   1 
HETATM 1345 O O   . HOH I 8 .   ? -14.166 13.480  0.444   1.00 25.14 ? 356 HOH A O   1 
HETATM 1346 O O   . HOH I 8 .   ? -1.643  11.914  -9.026  1.00 30.16 ? 357 HOH A O   1 
HETATM 1347 O O   . HOH I 8 .   ? -2.374  5.684   9.898   1.00 20.98 ? 358 HOH A O   1 
HETATM 1348 O O   . HOH I 8 .   ? -14.457 -3.972  -6.029  1.00 27.51 ? 359 HOH A O   1 
HETATM 1349 O O   . HOH I 8 .   ? -7.139  1.606   -15.553 1.00 28.73 ? 360 HOH A O   1 
HETATM 1350 O O   . HOH I 8 .   ? -8.307  12.776  -7.292  1.00 24.06 ? 361 HOH A O   1 
HETATM 1351 O O   . HOH I 8 .   ? 11.844  -2.836  4.712   1.00 12.31 ? 362 HOH A O   1 
HETATM 1352 O O   . HOH I 8 .   ? 9.471   3.576   16.869  1.00 26.67 ? 363 HOH A O   1 
HETATM 1353 O O   . HOH I 8 .   ? -9.117  -5.078  16.354  1.00 34.64 ? 364 HOH A O   1 
HETATM 1354 O O   . HOH I 8 .   ? 13.407  6.075   0.653   1.00 14.25 ? 365 HOH A O   1 
HETATM 1355 O O   . HOH I 8 .   ? -0.066  8.892   10.865  1.00 26.64 ? 366 HOH A O   1 
HETATM 1356 O O   . HOH I 8 .   ? 0.686   18.779  -2.302  1.00 30.39 ? 367 HOH A O   1 
HETATM 1357 O O   . HOH I 8 .   ? 3.588   4.613   -11.385 1.00 23.65 ? 368 HOH A O   1 
HETATM 1358 O O   . HOH I 8 .   ? 4.882   13.659  5.235   1.00 16.41 ? 369 HOH A O   1 
HETATM 1359 O O   . HOH I 8 .   ? -10.929 7.178   7.192   1.00 25.51 ? 370 HOH A O   1 
HETATM 1360 O O   . HOH I 8 .   ? -4.345  2.590   -16.228 1.00 21.55 ? 371 HOH A O   1 
HETATM 1361 O O   . HOH I 8 .   ? -4.165  -13.797 11.645  1.00 33.49 ? 372 HOH A O   1 
HETATM 1362 O O   . HOH I 8 .   ? 14.246  0.695   -1.690  1.00 11.80 ? 373 HOH A O   1 
HETATM 1363 O O   . HOH I 8 .   ? 19.977  2.083   1.985   1.00 26.38 ? 374 HOH A O   1 
HETATM 1364 O O   . HOH I 8 .   ? 6.055   9.928   7.684   1.00 25.53 ? 375 HOH A O   1 
HETATM 1365 O O   . HOH I 8 .   ? 11.139  15.018  6.086   1.00 17.98 ? 376 HOH A O   1 
HETATM 1366 O O   . HOH I 8 .   ? 8.930   3.168   -7.407  1.00 21.61 ? 377 HOH A O   1 
HETATM 1367 O O   . HOH I 8 .   ? 13.927  -6.045  5.770   1.00 16.00 ? 378 HOH A O   1 
HETATM 1368 O O   . HOH I 8 .   ? -10.422 18.454  3.076   1.00 28.11 ? 379 HOH A O   1 
HETATM 1369 O O   . HOH I 8 .   ? 15.326  5.975   8.544   1.00 20.75 ? 380 HOH A O   1 
HETATM 1370 O O   . HOH I 8 .   ? -8.038  -2.218  -17.372 1.00 22.92 ? 381 HOH A O   1 
HETATM 1371 O O   . HOH I 8 .   ? 4.553   15.615  -8.063  1.00 23.46 ? 382 HOH A O   1 
HETATM 1372 O O   . HOH I 8 .   ? -5.453  17.656  1.221   1.00 29.92 ? 383 HOH A O   1 
HETATM 1373 O O   . HOH I 8 .   ? -9.787  -0.973  -13.550 1.00 21.77 ? 384 HOH A O   1 
HETATM 1374 O O   . HOH I 8 .   ? 17.067  4.122   -7.175  1.00 26.07 ? 385 HOH A O   1 
HETATM 1375 O O   . HOH I 8 .   ? 17.928  -2.360  10.115  1.00 24.14 ? 386 HOH A O   1 
HETATM 1376 O O   . HOH I 8 .   ? -3.993  11.900  8.897   1.00 31.67 ? 387 HOH A O   1 
HETATM 1377 O O   . HOH I 8 .   ? 17.693  9.263   0.900   1.00 34.22 ? 388 HOH A O   1 
HETATM 1378 O O   . HOH I 8 .   ? 0.758   21.177  2.512   0.50 32.59 ? 389 HOH A O   1 
HETATM 1379 O O   . HOH I 8 .   ? -5.369  -7.366  -14.426 1.00 23.63 ? 390 HOH A O   1 
HETATM 1380 O O   . HOH I 8 .   ? 8.902   1.142   18.338  1.00 31.30 ? 391 HOH A O   1 
HETATM 1381 O O   . HOH I 8 .   ? 6.658   9.843   -4.541  1.00 13.41 ? 392 HOH A O   1 
HETATM 1382 O O   . HOH I 8 .   ? 19.922  -10.969 4.042   1.00 30.11 ? 393 HOH A O   1 
HETATM 1383 O O   . HOH I 8 .   ? 4.668   -2.893  12.487  1.00 34.45 ? 394 HOH A O   1 
HETATM 1384 O O   . HOH I 8 .   ? 18.508  0.792   7.681   1.00 33.31 ? 395 HOH A O   1 
HETATM 1385 O O   . HOH I 8 .   ? 6.451   -14.669 -7.352  1.00 25.50 ? 396 HOH A O   1 
HETATM 1386 O O   . HOH I 8 .   ? 0.719   -16.774 -6.143  1.00 28.05 ? 397 HOH A O   1 
HETATM 1387 O O   . HOH I 8 .   ? -13.163 -2.845  -8.260  1.00 23.91 ? 398 HOH A O   1 
HETATM 1388 O O   . HOH I 8 .   ? -6.136  -15.288 3.752   1.00 29.24 ? 399 HOH A O   1 
HETATM 1389 O O   . HOH I 8 .   ? 1.603   -2.101  9.854   1.00 17.66 ? 400 HOH A O   1 
HETATM 1390 O O   . HOH I 8 .   ? -3.418  -14.723 -6.244  1.00 19.66 ? 401 HOH A O   1 
HETATM 1391 O O   . HOH I 8 .   ? 14.672  5.670   -7.283  1.00 21.38 ? 402 HOH A O   1 
HETATM 1392 O O   . HOH I 8 .   ? 19.537  -4.445  0.805   1.00 24.40 ? 403 HOH A O   1 
HETATM 1393 O O   . HOH I 8 .   ? -9.325  -7.395  7.603   1.00 37.29 ? 404 HOH A O   1 
HETATM 1394 O O   . HOH I 8 .   ? -2.567  17.200  -6.922  1.00 33.85 ? 405 HOH A O   1 
HETATM 1395 O O   . HOH I 8 .   ? 15.893  -12.212 0.937   1.00 29.84 ? 406 HOH A O   1 
HETATM 1396 O O   . HOH I 8 .   ? -4.596  5.197   -15.423 1.00 30.89 ? 407 HOH A O   1 
HETATM 1397 O O   . HOH I 8 .   ? -6.680  -11.000 7.432   1.00 22.10 ? 408 HOH A O   1 
HETATM 1398 O O   . HOH I 8 .   ? -6.219  -12.656 3.480   1.00 29.84 ? 409 HOH A O   1 
HETATM 1399 O O   . HOH I 8 .   ? 0.305   20.531  -0.015  1.00 34.46 ? 410 HOH A O   1 
HETATM 1400 O O   . HOH I 8 .   ? 18.481  -6.717  4.065   1.00 21.96 ? 411 HOH A O   1 
HETATM 1401 O O   . HOH I 8 .   ? 2.486   -10.547 14.705  1.00 24.68 ? 412 HOH A O   1 
HETATM 1402 O O   . HOH I 8 .   ? 13.175  -12.381 0.463   1.00 32.92 ? 413 HOH A O   1 
HETATM 1403 O O   . HOH I 8 .   ? -11.111 10.878  -10.060 1.00 32.32 ? 414 HOH A O   1 
HETATM 1404 O O   . HOH I 8 .   ? -4.308  7.315   10.498  1.00 33.40 ? 415 HOH A O   1 
HETATM 1405 O O   . HOH I 8 .   ? 9.804   0.959   -9.027  1.00 21.64 ? 416 HOH A O   1 
HETATM 1406 O O   . HOH I 8 .   ? 13.086  -12.486 -4.556  1.00 28.27 ? 417 HOH A O   1 
HETATM 1407 O O   . HOH I 8 .   ? 8.650   -13.588 -6.094  1.00 24.92 ? 418 HOH A O   1 
HETATM 1408 O O   . HOH I 8 .   ? -2.418  2.133   -18.264 1.00 28.99 ? 419 HOH A O   1 
HETATM 1409 O O   . HOH I 8 .   ? 17.269  4.717   9.546   1.00 30.61 ? 420 HOH A O   1 
HETATM 1410 O O   . HOH I 8 .   ? 12.861  4.896   -9.151  1.00 23.18 ? 421 HOH A O   1 
HETATM 1411 O O   . HOH I 8 .   ? 15.843  8.251   -7.854  1.00 29.91 ? 422 HOH A O   1 
HETATM 1412 O O   . HOH I 8 .   ? -0.980  10.969  -11.534 1.00 29.61 ? 423 HOH A O   1 
# 
